data_2FF0
#
_entry.id   2FF0
#
_cell.length_a   1.000
_cell.length_b   1.000
_cell.length_c   1.000
_cell.angle_alpha   90.00
_cell.angle_beta   90.00
_cell.angle_gamma   90.00
#
_symmetry.space_group_name_H-M   'P 1'
#
loop_
_entity.id
_entity.type
_entity.pdbx_description
1 polymer GGCTCAGGGCCACAG
2 polymer CTGTGGCCCTGAGCC
3 polymer 'Steroidogenic factor 1'
4 non-polymer 'ZINC ION'
#
loop_
_entity_poly.entity_id
_entity_poly.type
_entity_poly.pdbx_seq_one_letter_code
_entity_poly.pdbx_strand_id
1 'polydeoxyribonucleotide' (DG)(DG)(DC)(DT)(DC)(DA)(DG)(DG)(DG)(DC)(DC)(DA)(DC)(DA)(DG) B
2 'polydeoxyribonucleotide' (DC)(DT)(DG)(DT)(DG)(DG)(DC)(DC)(DC)(DT)(DG)(DA)(DG)(DC)(DC) C
3 'polypeptide(L)'
;DELCPVCGDKVSGYHYGLLTCESCKGFFKRTVQNNKHYTCTESQSCKIDKTQRKRCPFCRFQKCLTVGMRLEAVRADRMR
GGRNKFGPMYKRDRALKQQKKA
;
A
#
loop_
_chem_comp.id
_chem_comp.type
_chem_comp.name
_chem_comp.formula
DA DNA linking 2'-DEOXYADENOSINE-5'-MONOPHOSPHATE 'C10 H14 N5 O6 P'
DC DNA linking 2'-DEOXYCYTIDINE-5'-MONOPHOSPHATE 'C9 H14 N3 O7 P'
DG DNA linking 2'-DEOXYGUANOSINE-5'-MONOPHOSPHATE 'C10 H14 N5 O7 P'
DT DNA linking THYMIDINE-5'-MONOPHOSPHATE 'C10 H15 N2 O8 P'
ZN non-polymer 'ZINC ION' 'Zn 2'
#
# COMPACT_ATOMS: atom_id res chain seq x y z
N ASP C 1 4.40 -15.61 4.15
CA ASP C 1 3.19 -16.42 4.16
C ASP C 1 1.95 -15.55 4.02
N GLU C 2 2.14 -14.24 4.07
CA GLU C 2 1.02 -13.33 3.91
C GLU C 2 1.07 -12.66 2.54
N LEU C 3 -0.10 -12.37 2.03
CA LEU C 3 -0.23 -11.75 0.72
C LEU C 3 -0.75 -10.33 0.86
N CYS C 4 -0.41 -9.48 -0.10
CA CYS C 4 -0.88 -8.10 -0.09
C CYS C 4 -2.40 -8.05 -0.28
N PRO C 5 -3.09 -7.20 0.48
CA PRO C 5 -4.54 -7.05 0.38
C PRO C 5 -4.97 -6.44 -0.95
N VAL C 6 -4.02 -5.89 -1.69
CA VAL C 6 -4.30 -5.30 -2.98
C VAL C 6 -3.84 -6.21 -4.14
N CYS C 7 -2.57 -6.17 -4.47
CA CYS C 7 -2.06 -6.91 -5.62
C CYS C 7 -2.07 -8.42 -5.37
N GLY C 8 -1.88 -8.81 -4.12
CA GLY C 8 -1.93 -10.22 -3.76
C GLY C 8 -0.57 -10.90 -3.78
N ASP C 9 0.50 -10.11 -3.81
CA ASP C 9 1.85 -10.67 -3.82
C ASP C 9 2.31 -10.99 -2.41
N LYS C 10 3.37 -11.78 -2.32
CA LYS C 10 3.97 -12.12 -1.05
C LYS C 10 4.57 -10.89 -0.40
N VAL C 11 4.21 -10.64 0.85
CA VAL C 11 4.61 -9.42 1.53
C VAL C 11 6.06 -9.48 1.99
N SER C 12 6.77 -8.38 1.78
CA SER C 12 8.16 -8.28 2.22
C SER C 12 8.21 -7.71 3.63
N GLY C 13 7.09 -7.19 4.09
CA GLY C 13 7.01 -6.67 5.44
C GLY C 13 6.07 -5.49 5.55
N TYR C 14 6.17 -4.76 6.66
CA TYR C 14 5.34 -3.60 6.91
C TYR C 14 5.77 -2.43 6.02
N HIS C 15 4.91 -2.06 5.09
CA HIS C 15 5.15 -0.90 4.26
C HIS C 15 3.88 -0.06 4.17
N TYR C 16 3.99 1.22 4.50
CA TYR C 16 2.90 2.18 4.34
C TYR C 16 1.69 1.84 5.23
N GLY C 17 1.94 1.07 6.29
CA GLY C 17 0.91 0.75 7.24
C GLY C 17 0.32 -0.64 7.06
N LEU C 18 0.82 -1.36 6.07
CA LEU C 18 0.28 -2.69 5.75
C LEU C 18 1.38 -3.69 5.42
N LEU C 19 1.04 -4.96 5.55
CA LEU C 19 1.89 -6.01 5.02
C LEU C 19 1.80 -5.97 3.50
N THR C 20 2.85 -5.49 2.87
CA THR C 20 2.85 -5.33 1.43
C THR C 20 4.19 -5.76 0.84
N CYS C 21 4.22 -5.94 -0.47
CA CYS C 21 5.43 -6.35 -1.16
C CYS C 21 6.16 -5.15 -1.72
N GLU C 22 7.32 -5.38 -2.33
CA GLU C 22 8.06 -4.32 -2.97
C GLU C 22 7.35 -3.83 -4.23
N SER C 23 6.46 -4.66 -4.76
CA SER C 23 5.65 -4.28 -5.91
C SER C 23 4.69 -3.17 -5.52
N CYS C 24 4.04 -3.32 -4.36
CA CYS C 24 3.16 -2.30 -3.83
C CYS C 24 3.97 -1.05 -3.52
N LYS C 25 5.02 -1.24 -2.74
CA LYS C 25 5.91 -0.15 -2.34
C LYS C 25 6.45 0.63 -3.54
N GLY C 26 7.01 -0.09 -4.51
CA GLY C 26 7.58 0.54 -5.68
C GLY C 26 6.54 1.25 -6.53
N PHE C 27 5.44 0.55 -6.84
CA PHE C 27 4.40 1.12 -7.69
C PHE C 27 3.71 2.30 -7.01
N PHE C 28 3.51 2.18 -5.70
CA PHE C 28 2.86 3.23 -4.93
C PHE C 28 3.67 4.52 -5.03
N LYS C 29 4.99 4.41 -4.83
CA LYS C 29 5.86 5.57 -4.99
C LYS C 29 5.81 6.10 -6.42
N ARG C 30 5.95 5.20 -7.39
CA ARG C 30 5.96 5.59 -8.79
C ARG C 30 4.70 6.37 -9.17
N THR C 31 3.59 6.02 -8.54
CA THR C 31 2.34 6.70 -8.79
C THR C 31 2.28 8.03 -8.05
N VAL C 32 2.41 7.99 -6.73
CA VAL C 32 2.20 9.16 -5.90
C VAL C 32 3.31 10.22 -6.07
N GLN C 33 4.56 9.77 -6.11
CA GLN C 33 5.70 10.69 -6.17
C GLN C 33 5.71 11.45 -7.51
N ASN C 34 5.45 10.72 -8.59
CA ASN C 34 5.48 11.32 -9.92
C ASN C 34 4.15 12.01 -10.23
N ASN C 35 3.28 12.09 -9.22
CA ASN C 35 1.99 12.76 -9.35
C ASN C 35 1.15 12.13 -10.45
N LYS C 36 1.18 10.81 -10.52
CA LYS C 36 0.40 10.08 -11.51
C LYS C 36 -1.05 10.00 -11.08
N HIS C 37 -1.93 10.09 -12.05
CA HIS C 37 -3.36 9.99 -11.82
C HIS C 37 -4.03 9.27 -12.97
N TYR C 38 -4.80 8.25 -12.66
CA TYR C 38 -5.44 7.45 -13.69
C TYR C 38 -6.94 7.42 -13.47
N THR C 39 -7.66 6.78 -14.39
CA THR C 39 -9.10 6.65 -14.28
C THR C 39 -9.56 5.40 -15.02
N CYS C 40 -10.42 4.62 -14.39
CA CYS C 40 -10.97 3.44 -15.03
C CYS C 40 -12.29 3.81 -15.70
N THR C 41 -12.48 3.33 -16.92
CA THR C 41 -13.67 3.66 -17.69
C THR C 41 -14.94 3.22 -16.97
N GLU C 42 -14.96 1.95 -16.57
CA GLU C 42 -16.07 1.42 -15.82
C GLU C 42 -15.55 0.65 -14.62
N SER C 43 -16.39 0.52 -13.61
CA SER C 43 -16.03 -0.11 -12.34
C SER C 43 -14.69 0.42 -11.81
N GLN C 44 -14.74 1.54 -11.07
CA GLN C 44 -13.55 2.14 -10.48
C GLN C 44 -12.87 1.16 -9.53
N SER C 45 -13.64 0.20 -9.04
CA SER C 45 -13.10 -0.85 -8.21
C SER C 45 -13.30 -2.20 -8.88
N CYS C 46 -12.41 -2.53 -9.80
CA CYS C 46 -12.43 -3.81 -10.49
C CYS C 46 -11.90 -4.91 -9.56
N LYS C 47 -11.88 -6.13 -10.05
CA LYS C 47 -11.28 -7.23 -9.32
C LYS C 47 -9.76 -7.13 -9.40
N ILE C 48 -9.14 -6.70 -8.31
CA ILE C 48 -7.70 -6.60 -8.27
C ILE C 48 -7.09 -7.99 -8.08
N ASP C 49 -6.74 -8.60 -9.20
CA ASP C 49 -6.12 -9.92 -9.19
C ASP C 49 -4.72 -9.82 -9.76
N LYS C 50 -4.04 -10.96 -9.91
CA LYS C 50 -2.66 -10.96 -10.35
C LYS C 50 -2.52 -10.44 -11.78
N THR C 51 -3.50 -10.72 -12.60
CA THR C 51 -3.49 -10.26 -13.98
C THR C 51 -4.14 -8.87 -14.11
N GLN C 52 -5.31 -8.71 -13.50
CA GLN C 52 -6.11 -7.51 -13.66
C GLN C 52 -5.54 -6.32 -12.88
N ARG C 53 -4.51 -6.56 -12.07
CA ARG C 53 -3.85 -5.47 -11.36
C ARG C 53 -2.94 -4.69 -12.30
N LYS C 54 -2.73 -5.25 -13.49
CA LYS C 54 -1.88 -4.63 -14.50
C LYS C 54 -2.70 -3.76 -15.45
N ARG C 55 -3.94 -4.14 -15.70
CA ARG C 55 -4.78 -3.44 -16.66
C ARG C 55 -5.36 -2.15 -16.08
N CYS C 56 -5.66 -2.17 -14.80
CA CYS C 56 -6.25 -1.01 -14.14
C CYS C 56 -5.32 -0.45 -13.07
N PRO C 57 -4.48 0.54 -13.43
CA PRO C 57 -3.59 1.20 -12.47
C PRO C 57 -4.38 2.02 -11.45
N PHE C 58 -5.45 2.66 -11.92
CA PHE C 58 -6.31 3.46 -11.06
C PHE C 58 -6.96 2.58 -9.99
N CYS C 59 -7.49 1.45 -10.42
CA CYS C 59 -8.16 0.53 -9.51
C CYS C 59 -7.16 -0.03 -8.49
N ARG C 60 -5.92 -0.25 -8.94
CA ARG C 60 -4.87 -0.71 -8.04
C ARG C 60 -4.51 0.38 -7.04
N PHE C 61 -4.43 1.61 -7.51
CA PHE C 61 -4.17 2.76 -6.65
C PHE C 61 -5.27 2.90 -5.60
N GLN C 62 -6.51 2.89 -6.05
CA GLN C 62 -7.66 2.96 -5.16
C GLN C 62 -7.64 1.81 -4.17
N LYS C 63 -7.25 0.64 -4.64
CA LYS C 63 -7.14 -0.54 -3.81
C LYS C 63 -6.15 -0.30 -2.68
N CYS C 64 -5.02 0.30 -3.00
CA CYS C 64 -3.98 0.60 -2.03
C CYS C 64 -4.51 1.50 -0.91
N LEU C 65 -5.08 2.64 -1.29
CA LEU C 65 -5.64 3.56 -0.31
C LEU C 65 -6.78 2.92 0.48
N THR C 66 -7.61 2.15 -0.21
CA THR C 66 -8.75 1.49 0.42
C THR C 66 -8.31 0.46 1.47
N VAL C 67 -7.32 -0.38 1.13
CA VAL C 67 -6.89 -1.43 2.04
C VAL C 67 -6.17 -0.86 3.26
N GLY C 68 -5.70 0.38 3.16
CA GLY C 68 -5.17 1.06 4.33
C GLY C 68 -3.75 1.56 4.14
N MET C 69 -3.27 1.63 2.91
CA MET C 69 -1.93 2.12 2.65
C MET C 69 -1.89 3.64 2.80
N ARG C 70 -1.01 4.11 3.65
CA ARG C 70 -0.91 5.55 3.93
C ARG C 70 -0.29 6.30 2.77
N LEU C 71 -1.05 7.27 2.27
CA LEU C 71 -0.59 8.12 1.17
C LEU C 71 0.42 9.13 1.68
N GLU C 72 0.27 9.49 2.95
CA GLU C 72 1.16 10.44 3.61
C GLU C 72 2.55 9.83 3.82
N ALA C 73 2.64 8.51 3.66
CA ALA C 73 3.89 7.81 3.87
C ALA C 73 4.80 7.95 2.65
N VAL C 74 4.25 8.49 1.58
CA VAL C 74 5.01 8.68 0.36
C VAL C 74 5.85 9.95 0.45
N ARG C 75 7.11 9.78 0.81
CA ARG C 75 8.05 10.88 0.84
C ARG C 75 8.53 11.18 -0.57
N ALA C 76 7.68 11.87 -1.34
CA ALA C 76 8.00 12.23 -2.71
C ALA C 76 9.17 13.19 -2.77
N ASP C 77 9.48 13.76 -1.61
CA ASP C 77 10.63 14.64 -1.45
C ASP C 77 11.92 13.96 -1.89
N ARG C 78 12.44 13.06 -1.04
CA ARG C 78 13.68 12.33 -1.31
C ARG C 78 14.17 11.66 -0.03
N MET C 79 13.94 12.32 1.09
CA MET C 79 14.39 11.84 2.40
C MET C 79 13.93 10.40 2.65
N ARG C 80 14.90 9.48 2.74
CA ARG C 80 14.60 8.06 2.92
C ARG C 80 13.98 7.76 4.27
N GLY C 81 14.09 8.72 5.19
CA GLY C 81 13.44 8.59 6.48
C GLY C 81 11.97 8.94 6.39
N GLY C 82 11.19 8.09 5.73
CA GLY C 82 9.79 8.36 5.52
C GLY C 82 8.91 8.00 6.70
N ARG C 83 9.50 7.96 7.89
CA ARG C 83 8.75 7.66 9.09
C ARG C 83 8.08 8.93 9.61
N ASN C 84 6.77 9.00 9.42
CA ASN C 84 5.99 10.15 9.85
C ASN C 84 5.38 9.89 11.23
N LYS C 85 4.42 10.73 11.62
CA LYS C 85 3.82 10.66 12.95
C LYS C 85 3.14 9.30 13.23
N PHE C 86 2.90 8.52 12.19
CA PHE C 86 2.27 7.22 12.36
C PHE C 86 3.33 6.11 12.41
N GLY C 87 4.59 6.50 12.52
CA GLY C 87 5.68 5.54 12.63
C GLY C 87 5.46 4.47 13.70
N PRO C 88 5.06 4.85 14.94
CA PRO C 88 4.82 3.89 16.02
C PRO C 88 3.86 2.75 15.66
N MET C 89 2.93 3.01 14.74
CA MET C 89 1.87 2.05 14.43
C MET C 89 2.46 0.76 13.85
N TYR C 90 3.60 0.88 13.17
CA TYR C 90 4.23 -0.27 12.55
C TYR C 90 4.58 -1.34 13.57
N LYS C 91 5.36 -0.96 14.58
CA LYS C 91 5.79 -1.91 15.59
C LYS C 91 4.64 -2.25 16.53
N ARG C 92 3.73 -1.29 16.71
CA ARG C 92 2.57 -1.51 17.56
C ARG C 92 1.67 -2.59 16.96
N ASP C 93 1.28 -2.38 15.71
CA ASP C 93 0.42 -3.33 15.02
C ASP C 93 1.10 -4.68 14.91
N ARG C 94 2.40 -4.66 14.65
CA ARG C 94 3.18 -5.89 14.51
C ARG C 94 3.18 -6.68 15.82
N ALA C 95 3.33 -5.96 16.93
CA ALA C 95 3.38 -6.60 18.24
C ALA C 95 2.03 -7.15 18.65
N LEU C 96 0.96 -6.51 18.21
CA LEU C 96 -0.39 -6.96 18.50
C LEU C 96 -0.80 -8.09 17.56
N LYS C 97 -0.50 -7.91 16.28
CA LYS C 97 -0.82 -8.87 15.24
C LYS C 97 -0.15 -10.21 15.49
N GLN C 98 1.16 -10.17 15.75
CA GLN C 98 1.90 -11.38 16.00
C GLN C 98 1.79 -11.77 17.46
N GLN C 99 2.36 -10.94 18.32
CA GLN C 99 2.33 -11.13 19.78
C GLN C 99 3.03 -12.42 20.19
N LYS C 100 3.78 -12.99 19.25
CA LYS C 100 4.56 -14.19 19.54
C LYS C 100 5.68 -13.87 20.51
N LYS C 101 5.97 -14.81 21.39
CA LYS C 101 6.96 -14.58 22.43
C LYS C 101 8.33 -15.07 22.01
N ALA C 102 9.33 -14.74 22.82
CA ALA C 102 10.68 -15.16 22.57
C ALA C 102 11.05 -16.34 23.46
ZN ZN D . 1.86 -6.27 -3.01
ZN ZN E . -10.52 -0.91 -13.59
N ASP C 1 6.27 -12.90 4.92
CA ASP C 1 5.22 -12.65 5.89
C ASP C 1 3.87 -13.13 5.39
N GLU C 2 3.11 -12.20 4.82
CA GLU C 2 1.75 -12.47 4.40
C GLU C 2 1.57 -12.14 2.93
N LEU C 3 0.35 -12.28 2.44
CA LEU C 3 0.00 -11.93 1.08
C LEU C 3 -0.61 -10.54 1.03
N CYS C 4 -0.33 -9.82 -0.04
CA CYS C 4 -0.82 -8.46 -0.20
C CYS C 4 -2.28 -8.45 -0.60
N PRO C 5 -3.15 -7.83 0.22
CA PRO C 5 -4.59 -7.76 -0.04
C PRO C 5 -4.93 -6.95 -1.30
N VAL C 6 -3.91 -6.30 -1.87
CA VAL C 6 -4.09 -5.55 -3.10
C VAL C 6 -4.01 -6.46 -4.32
N CYS C 7 -2.97 -7.29 -4.38
CA CYS C 7 -2.66 -8.02 -5.61
C CYS C 7 -2.38 -9.51 -5.35
N GLY C 8 -2.16 -9.89 -4.10
CA GLY C 8 -1.84 -11.27 -3.79
C GLY C 8 -0.35 -11.52 -3.74
N ASP C 9 0.43 -10.49 -4.03
CA ASP C 9 1.89 -10.59 -4.00
C ASP C 9 2.40 -10.68 -2.56
N LYS C 10 3.62 -11.16 -2.38
CA LYS C 10 4.17 -11.38 -1.05
C LYS C 10 4.56 -10.06 -0.41
N VAL C 11 4.01 -9.77 0.77
CA VAL C 11 4.29 -8.51 1.44
C VAL C 11 5.68 -8.53 2.07
N SER C 12 6.38 -7.41 1.96
CA SER C 12 7.72 -7.29 2.51
C SER C 12 7.67 -6.72 3.92
N GLY C 13 6.46 -6.54 4.42
CA GLY C 13 6.29 -6.00 5.76
C GLY C 13 5.40 -4.78 5.77
N TYR C 14 5.18 -4.24 6.95
CA TYR C 14 4.34 -3.05 7.13
C TYR C 14 4.87 -1.88 6.34
N HIS C 15 4.08 -1.44 5.37
CA HIS C 15 4.41 -0.31 4.52
C HIS C 15 3.23 0.63 4.44
N TYR C 16 3.45 1.89 4.80
CA TYR C 16 2.46 2.96 4.66
C TYR C 16 1.34 2.84 5.69
N GLY C 17 0.47 1.84 5.51
CA GLY C 17 -0.66 1.68 6.42
C GLY C 17 -0.79 0.27 6.95
N LEU C 18 -0.26 -0.70 6.21
CA LEU C 18 -0.30 -2.10 6.62
C LEU C 18 0.80 -2.85 5.88
N LEU C 19 0.86 -4.14 6.07
CA LEU C 19 1.89 -4.93 5.41
C LEU C 19 1.54 -5.17 3.95
N THR C 20 2.36 -4.61 3.08
CA THR C 20 2.17 -4.68 1.65
C THR C 20 3.45 -5.14 0.96
N CYS C 21 3.34 -5.47 -0.31
CA CYS C 21 4.48 -5.96 -1.06
C CYS C 21 5.28 -4.80 -1.64
N GLU C 22 6.49 -5.11 -2.10
CA GLU C 22 7.34 -4.10 -2.72
C GLU C 22 6.72 -3.62 -4.03
N SER C 23 5.96 -4.51 -4.67
CA SER C 23 5.21 -4.17 -5.87
C SER C 23 4.29 -2.97 -5.60
N CYS C 24 3.58 -3.01 -4.49
CA CYS C 24 2.68 -1.92 -4.14
C CYS C 24 3.45 -0.73 -3.59
N LYS C 25 4.44 -0.99 -2.73
CA LYS C 25 5.30 0.08 -2.20
C LYS C 25 5.88 0.93 -3.33
N GLY C 26 6.45 0.26 -4.33
CA GLY C 26 7.03 0.95 -5.47
C GLY C 26 6.00 1.68 -6.29
N PHE C 27 4.95 0.98 -6.69
CA PHE C 27 3.90 1.57 -7.53
C PHE C 27 3.23 2.74 -6.82
N PHE C 28 2.98 2.60 -5.53
CA PHE C 28 2.36 3.64 -4.74
C PHE C 28 3.17 4.93 -4.81
N LYS C 29 4.47 4.82 -4.56
CA LYS C 29 5.34 5.99 -4.66
C LYS C 29 5.31 6.59 -6.05
N ARG C 30 5.51 5.75 -7.07
CA ARG C 30 5.62 6.24 -8.45
C ARG C 30 4.38 7.03 -8.85
N THR C 31 3.22 6.46 -8.56
CA THR C 31 1.94 7.09 -8.89
C THR C 31 1.79 8.42 -8.14
N VAL C 32 2.01 8.37 -6.83
CA VAL C 32 1.87 9.54 -5.97
C VAL C 32 2.86 10.64 -6.33
N GLN C 33 4.13 10.27 -6.46
CA GLN C 33 5.20 11.23 -6.72
C GLN C 33 5.05 11.88 -8.09
N ASN C 34 4.56 11.13 -9.07
CA ASN C 34 4.38 11.66 -10.41
C ASN C 34 3.07 12.41 -10.49
N ASN C 35 2.32 12.35 -9.39
CA ASN C 35 1.00 12.97 -9.30
C ASN C 35 0.09 12.39 -10.36
N LYS C 36 0.37 11.15 -10.72
CA LYS C 36 -0.33 10.47 -11.79
C LYS C 36 -1.72 10.08 -11.35
N HIS C 37 -2.71 10.68 -11.99
CA HIS C 37 -4.09 10.41 -11.67
C HIS C 37 -4.72 9.58 -12.76
N TYR C 38 -4.52 8.27 -12.66
CA TYR C 38 -5.08 7.34 -13.61
C TYR C 38 -6.60 7.28 -13.46
N THR C 39 -7.27 6.74 -14.46
CA THR C 39 -8.71 6.60 -14.42
C THR C 39 -9.10 5.17 -14.80
N CYS C 40 -10.39 4.91 -14.78
CA CYS C 40 -10.90 3.59 -15.10
C CYS C 40 -12.37 3.71 -15.49
N THR C 41 -12.87 2.74 -16.24
CA THR C 41 -14.26 2.74 -16.67
C THR C 41 -15.09 1.79 -15.82
N GLU C 42 -16.38 2.08 -15.73
CA GLU C 42 -17.36 1.25 -15.05
C GLU C 42 -17.03 1.07 -13.56
N SER C 43 -16.29 0.02 -13.25
CA SER C 43 -16.02 -0.36 -11.86
C SER C 43 -15.15 0.67 -11.15
N GLN C 44 -13.96 0.93 -11.71
CA GLN C 44 -12.97 1.85 -11.12
C GLN C 44 -12.37 1.28 -9.84
N SER C 45 -13.10 0.45 -9.14
CA SER C 45 -12.60 -0.26 -7.98
C SER C 45 -12.36 -1.73 -8.35
N CYS C 46 -11.79 -1.93 -9.52
CA CYS C 46 -11.54 -3.28 -10.04
C CYS C 46 -10.59 -4.06 -9.14
N LYS C 47 -10.44 -5.34 -9.44
CA LYS C 47 -9.63 -6.23 -8.62
C LYS C 47 -8.22 -6.31 -9.20
N ILE C 48 -7.24 -6.46 -8.33
CA ILE C 48 -5.86 -6.51 -8.76
C ILE C 48 -5.26 -7.88 -8.45
N ASP C 49 -4.78 -8.55 -9.47
CA ASP C 49 -4.20 -9.88 -9.31
C ASP C 49 -2.78 -9.90 -9.83
N LYS C 50 -2.20 -11.09 -9.90
CA LYS C 50 -0.90 -11.26 -10.54
C LYS C 50 -1.05 -10.97 -12.03
N THR C 51 -2.25 -11.20 -12.52
CA THR C 51 -2.58 -10.91 -13.90
C THR C 51 -3.09 -9.47 -14.05
N GLN C 52 -4.03 -9.09 -13.20
CA GLN C 52 -4.72 -7.80 -13.32
C GLN C 52 -3.86 -6.65 -12.77
N ARG C 53 -2.62 -6.94 -12.42
CA ARG C 53 -1.74 -5.94 -11.81
C ARG C 53 -1.44 -4.78 -12.77
N LYS C 54 -1.37 -5.07 -14.07
CA LYS C 54 -1.13 -4.03 -15.06
C LYS C 54 -2.43 -3.56 -15.71
N ARG C 55 -3.53 -4.22 -15.42
CA ARG C 55 -4.80 -3.95 -16.08
C ARG C 55 -5.35 -2.58 -15.72
N CYS C 56 -5.66 -2.38 -14.46
CA CYS C 56 -6.19 -1.11 -14.01
C CYS C 56 -5.23 -0.44 -13.03
N PRO C 57 -4.39 0.49 -13.53
CA PRO C 57 -3.42 1.21 -12.70
C PRO C 57 -4.11 2.02 -11.60
N PHE C 58 -5.23 2.66 -11.95
CA PHE C 58 -6.02 3.42 -10.99
C PHE C 58 -6.56 2.49 -9.90
N CYS C 59 -7.12 1.37 -10.32
CA CYS C 59 -7.71 0.42 -9.39
C CYS C 59 -6.65 -0.20 -8.50
N ARG C 60 -5.44 -0.32 -9.04
CA ARG C 60 -4.32 -0.80 -8.25
C ARG C 60 -3.94 0.22 -7.18
N PHE C 61 -3.89 1.49 -7.59
CA PHE C 61 -3.60 2.58 -6.67
C PHE C 61 -4.69 2.70 -5.61
N GLN C 62 -5.94 2.71 -6.06
CA GLN C 62 -7.07 2.83 -5.15
C GLN C 62 -7.23 1.57 -4.31
N LYS C 63 -6.66 0.45 -4.78
CA LYS C 63 -6.66 -0.78 -4.01
C LYS C 63 -5.70 -0.65 -2.85
N CYS C 64 -4.57 0.00 -3.11
CA CYS C 64 -3.61 0.30 -2.06
C CYS C 64 -4.26 1.21 -1.01
N LEU C 65 -5.08 2.13 -1.47
CA LEU C 65 -5.84 2.99 -0.56
C LEU C 65 -6.95 2.21 0.12
N THR C 66 -7.54 1.26 -0.61
CA THR C 66 -8.57 0.39 -0.07
C THR C 66 -8.07 -0.37 1.15
N VAL C 67 -6.85 -0.87 1.05
CA VAL C 67 -6.26 -1.63 2.15
C VAL C 67 -5.72 -0.69 3.22
N GLY C 68 -5.59 0.60 2.90
CA GLY C 68 -5.27 1.58 3.91
C GLY C 68 -3.83 2.07 3.87
N MET C 69 -3.21 2.03 2.70
CA MET C 69 -1.88 2.60 2.55
C MET C 69 -1.98 4.12 2.56
N ARG C 70 -1.41 4.74 3.59
CA ARG C 70 -1.60 6.17 3.83
C ARG C 70 -0.75 7.03 2.92
N LEU C 71 -1.28 8.20 2.57
CA LEU C 71 -0.59 9.15 1.72
C LEU C 71 0.49 9.87 2.53
N GLU C 72 0.38 9.77 3.85
CA GLU C 72 1.33 10.41 4.75
C GLU C 72 2.61 9.61 4.86
N ALA C 73 2.66 8.50 4.14
CA ALA C 73 3.81 7.63 4.17
C ALA C 73 4.57 7.64 2.84
N VAL C 74 4.11 8.48 1.91
CA VAL C 74 4.79 8.62 0.63
C VAL C 74 5.31 10.05 0.47
N ARG C 75 6.58 10.15 0.10
CA ARG C 75 7.21 11.45 -0.09
C ARG C 75 8.09 11.46 -1.32
N ALA C 76 7.96 12.49 -2.14
CA ALA C 76 8.92 12.77 -3.20
C ALA C 76 10.08 13.58 -2.61
N ASP C 77 9.98 13.80 -1.30
CA ASP C 77 10.93 14.61 -0.54
C ASP C 77 12.34 14.02 -0.56
N ARG C 78 12.44 12.74 -0.95
CA ARG C 78 13.72 12.02 -1.07
C ARG C 78 14.19 11.50 0.29
N MET C 79 13.61 12.01 1.37
CA MET C 79 13.90 11.51 2.70
C MET C 79 13.41 10.08 2.86
N ARG C 80 14.33 9.15 3.04
CA ARG C 80 14.00 7.74 3.17
C ARG C 80 13.56 7.41 4.60
N GLY C 81 12.50 8.08 5.03
CA GLY C 81 11.99 7.87 6.37
C GLY C 81 11.45 9.13 6.98
N GLY C 82 11.83 9.40 8.21
CA GLY C 82 11.36 10.58 8.92
C GLY C 82 9.89 10.47 9.24
N ARG C 83 9.57 9.68 10.27
CA ARG C 83 8.17 9.42 10.58
C ARG C 83 7.99 9.19 12.08
N ASN C 84 7.33 10.14 12.73
CA ASN C 84 7.12 10.09 14.17
C ASN C 84 5.70 9.68 14.51
N LYS C 85 4.73 10.29 13.83
CA LYS C 85 3.32 10.03 14.13
C LYS C 85 2.87 8.65 13.64
N PHE C 86 3.66 8.05 12.75
CA PHE C 86 3.38 6.70 12.30
C PHE C 86 4.55 5.78 12.68
N GLY C 87 5.55 6.35 13.33
CA GLY C 87 6.74 5.60 13.70
C GLY C 87 6.44 4.39 14.57
N PRO C 88 5.77 4.59 15.73
CA PRO C 88 5.48 3.50 16.67
C PRO C 88 4.46 2.50 16.13
N MET C 89 3.55 2.94 15.28
CA MET C 89 2.44 2.08 14.84
C MET C 89 2.94 0.95 13.94
N TYR C 90 4.01 1.18 13.19
CA TYR C 90 4.63 0.12 12.41
C TYR C 90 5.26 -0.91 13.35
N LYS C 91 6.03 -0.41 14.30
CA LYS C 91 6.74 -1.24 15.25
C LYS C 91 5.74 -2.04 16.09
N ARG C 92 4.68 -1.35 16.50
CA ARG C 92 3.60 -1.95 17.28
C ARG C 92 2.97 -3.11 16.55
N ASP C 93 2.54 -2.85 15.32
CA ASP C 93 1.81 -3.83 14.54
C ASP C 93 2.69 -5.05 14.27
N ARG C 94 3.99 -4.81 14.12
CA ARG C 94 4.96 -5.89 13.93
C ARG C 94 5.02 -6.77 15.17
N ALA C 95 5.08 -6.13 16.34
CA ALA C 95 5.12 -6.85 17.60
C ALA C 95 3.83 -7.60 17.86
N LEU C 96 2.71 -6.97 17.50
CA LEU C 96 1.39 -7.58 17.69
C LEU C 96 1.22 -8.80 16.78
N LYS C 97 1.82 -8.74 15.60
CA LYS C 97 1.71 -9.83 14.63
C LYS C 97 2.44 -11.07 15.14
N GLN C 98 3.48 -10.84 15.95
CA GLN C 98 4.29 -11.93 16.48
C GLN C 98 3.87 -12.26 17.91
N GLN C 99 2.78 -11.67 18.35
CA GLN C 99 2.32 -11.86 19.73
C GLN C 99 1.29 -12.98 19.81
N LYS C 100 1.61 -13.98 20.62
CA LYS C 100 0.72 -15.12 20.82
C LYS C 100 -0.19 -14.88 22.01
N LYS C 101 0.37 -14.30 23.05
CA LYS C 101 -0.37 -14.07 24.29
C LYS C 101 -1.17 -12.77 24.22
N ALA C 102 -2.44 -12.90 23.87
CA ALA C 102 -3.33 -11.76 23.82
C ALA C 102 -4.04 -11.59 25.16
ZN ZN D . 0.60 -5.77 -3.45
ZN ZN E . -10.43 -0.88 -13.24
N ASP C 1 5.15 -14.15 5.72
CA ASP C 1 4.38 -14.94 4.77
C ASP C 1 2.97 -14.36 4.62
N GLU C 2 2.86 -13.07 4.87
CA GLU C 2 1.60 -12.36 4.74
C GLU C 2 1.37 -11.98 3.29
N LEU C 3 0.12 -11.87 2.90
CA LEU C 3 -0.20 -11.53 1.52
C LEU C 3 -0.73 -10.11 1.43
N CYS C 4 -0.27 -9.38 0.42
CA CYS C 4 -0.70 -8.02 0.20
C CYS C 4 -2.18 -7.97 -0.12
N PRO C 5 -2.98 -7.29 0.71
CA PRO C 5 -4.43 -7.19 0.53
C PRO C 5 -4.80 -6.39 -0.71
N VAL C 6 -3.82 -5.70 -1.28
CA VAL C 6 -4.02 -4.92 -2.49
C VAL C 6 -4.07 -5.84 -3.70
N CYS C 7 -3.02 -6.62 -3.89
CA CYS C 7 -2.91 -7.49 -5.06
C CYS C 7 -3.00 -8.96 -4.69
N GLY C 8 -2.15 -9.40 -3.78
CA GLY C 8 -2.09 -10.81 -3.42
C GLY C 8 -0.66 -11.33 -3.41
N ASP C 9 0.28 -10.46 -3.76
CA ASP C 9 1.69 -10.80 -3.75
C ASP C 9 2.20 -10.87 -2.31
N LYS C 10 3.25 -11.65 -2.09
CA LYS C 10 3.79 -11.85 -0.75
C LYS C 10 4.50 -10.60 -0.27
N VAL C 11 4.19 -10.20 0.96
CA VAL C 11 4.68 -8.94 1.49
C VAL C 11 6.15 -9.00 1.88
N SER C 12 6.75 -7.84 2.06
CA SER C 12 8.13 -7.76 2.49
C SER C 12 8.20 -7.15 3.90
N GLY C 13 7.04 -7.14 4.55
CA GLY C 13 6.96 -6.62 5.90
C GLY C 13 5.84 -5.63 6.07
N TYR C 14 5.72 -5.08 7.27
CA TYR C 14 4.70 -4.09 7.55
C TYR C 14 5.10 -2.74 6.95
N HIS C 15 4.34 -2.26 5.98
CA HIS C 15 4.67 -1.01 5.30
C HIS C 15 3.42 -0.17 5.03
N TYR C 16 3.50 1.12 5.33
CA TYR C 16 2.50 2.12 4.90
C TYR C 16 1.15 1.97 5.59
N GLY C 17 1.08 1.08 6.57
CA GLY C 17 -0.16 0.91 7.30
C GLY C 17 -0.46 -0.55 7.60
N LEU C 18 -0.10 -1.43 6.68
CA LEU C 18 -0.33 -2.86 6.86
C LEU C 18 0.74 -3.67 6.12
N LEU C 19 0.52 -4.97 6.01
CA LEU C 19 1.47 -5.84 5.31
C LEU C 19 1.41 -5.59 3.81
N THR C 20 2.50 -5.09 3.24
CA THR C 20 2.56 -4.81 1.82
C THR C 20 3.84 -5.37 1.19
N CYS C 21 3.76 -5.63 -0.09
CA CYS C 21 4.90 -6.15 -0.83
C CYS C 21 5.64 -5.01 -1.53
N GLU C 22 6.93 -5.22 -1.80
CA GLU C 22 7.75 -4.20 -2.43
C GLU C 22 7.27 -3.91 -3.86
N SER C 23 6.56 -4.86 -4.45
CA SER C 23 5.98 -4.67 -5.77
C SER C 23 4.96 -3.52 -5.74
N CYS C 24 4.11 -3.52 -4.72
CA CYS C 24 3.13 -2.46 -4.56
C CYS C 24 3.78 -1.21 -3.98
N LYS C 25 4.73 -1.39 -3.08
CA LYS C 25 5.48 -0.28 -2.51
C LYS C 25 6.20 0.49 -3.62
N GLY C 26 6.79 -0.23 -4.55
CA GLY C 26 7.46 0.40 -5.68
C GLY C 26 6.48 1.09 -6.61
N PHE C 27 5.42 0.38 -6.98
CA PHE C 27 4.37 0.94 -7.82
C PHE C 27 3.77 2.19 -7.19
N PHE C 28 3.49 2.10 -5.90
CA PHE C 28 2.94 3.22 -5.15
C PHE C 28 3.83 4.44 -5.28
N LYS C 29 5.11 4.25 -5.01
CA LYS C 29 6.10 5.32 -5.11
C LYS C 29 6.14 5.90 -6.53
N ARG C 30 6.16 5.04 -7.53
CA ARG C 30 6.19 5.48 -8.92
C ARG C 30 4.98 6.36 -9.23
N THR C 31 3.83 5.96 -8.72
CA THR C 31 2.60 6.68 -8.97
C THR C 31 2.61 8.05 -8.28
N VAL C 32 2.92 8.07 -6.99
CA VAL C 32 2.91 9.30 -6.21
C VAL C 32 4.06 10.25 -6.61
N GLN C 33 5.28 9.72 -6.69
CA GLN C 33 6.46 10.56 -6.89
C GLN C 33 6.51 11.14 -8.29
N ASN C 34 6.04 10.39 -9.28
CA ASN C 34 6.06 10.86 -10.65
C ASN C 34 4.81 11.69 -10.95
N ASN C 35 3.96 11.86 -9.94
CA ASN C 35 2.72 12.62 -10.06
C ASN C 35 1.80 11.96 -11.07
N LYS C 36 1.93 10.65 -11.19
CA LYS C 36 1.17 9.88 -12.14
C LYS C 36 -0.24 9.63 -11.64
N HIS C 37 -1.18 9.70 -12.55
CA HIS C 37 -2.59 9.47 -12.22
C HIS C 37 -3.25 8.70 -13.35
N TYR C 38 -3.70 7.50 -13.05
CA TYR C 38 -4.33 6.66 -14.06
C TYR C 38 -5.83 6.88 -14.07
N THR C 39 -6.51 6.24 -15.01
CA THR C 39 -7.95 6.37 -15.14
C THR C 39 -8.58 4.99 -15.33
N CYS C 40 -9.81 4.82 -14.89
CA CYS C 40 -10.51 3.56 -15.08
C CYS C 40 -11.84 3.81 -15.79
N THR C 41 -11.99 3.21 -16.96
CA THR C 41 -13.22 3.33 -17.73
C THR C 41 -14.22 2.26 -17.32
N GLU C 42 -13.83 1.46 -16.34
CA GLU C 42 -14.65 0.34 -15.92
C GLU C 42 -15.39 0.67 -14.63
N SER C 43 -15.64 -0.34 -13.80
CA SER C 43 -16.41 -0.16 -12.58
C SER C 43 -15.59 0.55 -11.48
N GLN C 44 -14.32 0.81 -11.77
CA GLN C 44 -13.38 1.44 -10.82
C GLN C 44 -13.01 0.51 -9.67
N SER C 45 -14.00 -0.16 -9.10
CA SER C 45 -13.75 -1.17 -8.09
C SER C 45 -13.48 -2.52 -8.77
N CYS C 46 -12.41 -2.56 -9.55
CA CYS C 46 -12.05 -3.75 -10.29
C CYS C 46 -11.25 -4.70 -9.42
N LYS C 47 -11.11 -5.94 -9.88
CA LYS C 47 -10.41 -6.96 -9.12
C LYS C 47 -8.92 -6.86 -9.33
N ILE C 48 -8.20 -6.53 -8.26
CA ILE C 48 -6.76 -6.40 -8.33
C ILE C 48 -6.07 -7.71 -7.98
N ASP C 49 -5.71 -8.48 -8.99
CA ASP C 49 -5.07 -9.78 -8.80
C ASP C 49 -3.72 -9.80 -9.49
N LYS C 50 -3.17 -10.99 -9.69
CA LYS C 50 -1.89 -11.15 -10.36
C LYS C 50 -1.93 -10.63 -11.80
N THR C 51 -3.05 -10.84 -12.47
CA THR C 51 -3.15 -10.48 -13.88
C THR C 51 -3.63 -9.03 -14.08
N GLN C 52 -4.73 -8.66 -13.42
CA GLN C 52 -5.34 -7.35 -13.68
C GLN C 52 -4.74 -6.25 -12.80
N ARG C 53 -3.61 -6.53 -12.15
CA ARG C 53 -2.94 -5.53 -11.33
C ARG C 53 -2.40 -4.38 -12.20
N LYS C 54 -2.02 -4.69 -13.43
CA LYS C 54 -1.58 -3.63 -14.35
C LYS C 54 -2.73 -3.21 -15.27
N ARG C 55 -3.77 -4.03 -15.35
CA ARG C 55 -4.92 -3.74 -16.20
C ARG C 55 -5.64 -2.49 -15.71
N CYS C 56 -5.81 -2.39 -14.40
CA CYS C 56 -6.37 -1.20 -13.80
C CYS C 56 -5.45 -0.67 -12.70
N PRO C 57 -4.45 0.14 -13.09
CA PRO C 57 -3.48 0.71 -12.16
C PRO C 57 -4.12 1.73 -11.22
N PHE C 58 -5.14 2.43 -11.72
CA PHE C 58 -5.86 3.40 -10.89
C PHE C 58 -6.63 2.68 -9.80
N CYS C 59 -7.24 1.56 -10.17
CA CYS C 59 -7.97 0.75 -9.22
C CYS C 59 -7.03 0.17 -8.19
N ARG C 60 -5.82 -0.20 -8.63
CA ARG C 60 -4.81 -0.76 -7.75
C ARG C 60 -4.26 0.33 -6.82
N PHE C 61 -4.15 1.54 -7.34
CA PHE C 61 -3.72 2.67 -6.53
C PHE C 61 -4.73 2.93 -5.41
N GLN C 62 -6.00 3.00 -5.78
CA GLN C 62 -7.07 3.20 -4.80
C GLN C 62 -7.21 1.96 -3.92
N LYS C 63 -6.86 0.80 -4.47
CA LYS C 63 -6.82 -0.43 -3.71
C LYS C 63 -5.85 -0.30 -2.54
N CYS C 64 -4.68 0.24 -2.82
CA CYS C 64 -3.69 0.51 -1.80
C CYS C 64 -4.26 1.45 -0.73
N LEU C 65 -4.83 2.56 -1.20
CA LEU C 65 -5.48 3.52 -0.33
C LEU C 65 -6.60 2.87 0.50
N THR C 66 -7.31 1.95 -0.11
CA THR C 66 -8.43 1.29 0.55
C THR C 66 -7.97 0.43 1.72
N VAL C 67 -6.94 -0.38 1.52
CA VAL C 67 -6.50 -1.31 2.54
C VAL C 67 -5.92 -0.59 3.75
N GLY C 68 -5.48 0.65 3.56
CA GLY C 68 -5.00 1.45 4.67
C GLY C 68 -3.72 2.20 4.38
N MET C 69 -3.19 2.05 3.16
CA MET C 69 -1.96 2.72 2.78
C MET C 69 -2.19 4.23 2.63
N ARG C 70 -1.31 5.01 3.23
CA ARG C 70 -1.45 6.46 3.28
C ARG C 70 -0.64 7.13 2.18
N LEU C 71 -1.18 8.18 1.59
CA LEU C 71 -0.43 9.00 0.63
C LEU C 71 0.56 9.87 1.38
N GLU C 72 0.14 10.30 2.56
CA GLU C 72 0.99 11.09 3.43
C GLU C 72 2.11 10.23 4.04
N ALA C 73 2.21 8.99 3.60
CA ALA C 73 3.29 8.10 4.02
C ALA C 73 4.40 8.05 2.98
N VAL C 74 4.25 8.87 1.94
CA VAL C 74 5.27 8.99 0.93
C VAL C 74 5.61 10.47 0.68
N ARG C 75 6.87 10.81 0.90
CA ARG C 75 7.31 12.18 0.77
C ARG C 75 8.15 12.38 -0.48
N ALA C 76 7.86 13.43 -1.21
CA ALA C 76 8.49 13.68 -2.51
C ALA C 76 9.88 14.28 -2.34
N ASP C 77 10.09 15.04 -1.26
CA ASP C 77 11.38 15.66 -1.00
C ASP C 77 12.44 14.58 -0.76
N ARG C 78 12.46 14.06 0.47
CA ARG C 78 13.35 12.98 0.82
C ARG C 78 13.17 12.58 2.28
N MET C 79 12.66 11.38 2.51
CA MET C 79 12.52 10.87 3.86
C MET C 79 12.56 9.35 3.85
N ARG C 80 13.73 8.79 4.14
CA ARG C 80 13.91 7.35 4.13
C ARG C 80 13.69 6.74 5.52
N GLY C 81 13.21 7.56 6.44
CA GLY C 81 12.86 7.08 7.76
C GLY C 81 11.37 6.78 7.85
N GLY C 82 11.04 5.51 7.99
CA GLY C 82 9.64 5.09 7.97
C GLY C 82 8.84 5.57 9.17
N ARG C 83 9.51 5.93 10.24
CA ARG C 83 8.82 6.37 11.44
C ARG C 83 8.94 7.88 11.62
N ASN C 84 7.93 8.60 11.14
CA ASN C 84 7.90 10.05 11.27
C ASN C 84 6.79 10.44 12.25
N LYS C 85 6.04 11.50 11.92
CA LYS C 85 4.88 11.91 12.71
C LYS C 85 3.87 10.75 12.79
N PHE C 86 3.87 9.92 11.76
CA PHE C 86 2.96 8.78 11.69
C PHE C 86 3.48 7.61 12.51
N GLY C 87 4.61 7.82 13.19
CA GLY C 87 5.20 6.78 14.01
C GLY C 87 4.28 6.25 15.09
N PRO C 88 3.79 7.12 16.00
CA PRO C 88 2.88 6.71 17.09
C PRO C 88 1.65 5.98 16.58
N MET C 89 1.01 6.50 15.53
CA MET C 89 -0.19 5.88 14.99
C MET C 89 0.15 4.57 14.28
N TYR C 90 1.36 4.49 13.72
CA TYR C 90 1.81 3.28 13.04
C TYR C 90 1.91 2.13 14.04
N LYS C 91 2.51 2.42 15.18
CA LYS C 91 2.64 1.48 16.28
C LYS C 91 1.25 1.05 16.75
N ARG C 92 0.40 2.03 16.95
CA ARG C 92 -0.95 1.79 17.46
C ARG C 92 -1.80 1.01 16.45
N ASP C 93 -1.72 1.40 15.19
CA ASP C 93 -2.48 0.73 14.13
C ASP C 93 -2.16 -0.75 14.07
N ARG C 94 -0.87 -1.07 14.12
CA ARG C 94 -0.45 -2.47 14.11
C ARG C 94 -0.93 -3.18 15.37
N ALA C 95 -0.88 -2.48 16.50
CA ALA C 95 -1.33 -3.04 17.76
C ALA C 95 -2.83 -3.29 17.73
N LEU C 96 -3.58 -2.38 17.13
CA LEU C 96 -5.03 -2.53 17.01
C LEU C 96 -5.37 -3.68 16.08
N LYS C 97 -4.51 -3.93 15.11
CA LYS C 97 -4.68 -5.05 14.19
C LYS C 97 -4.54 -6.39 14.93
N GLN C 98 -3.69 -6.39 15.95
CA GLN C 98 -3.46 -7.59 16.76
C GLN C 98 -4.47 -7.69 17.88
N GLN C 99 -4.81 -6.54 18.46
CA GLN C 99 -5.78 -6.47 19.55
C GLN C 99 -7.18 -6.79 19.03
N LYS C 100 -7.94 -7.54 19.83
CA LYS C 100 -9.31 -7.86 19.49
C LYS C 100 -10.25 -6.78 20.01
N LYS C 101 -10.32 -6.65 21.33
CA LYS C 101 -11.16 -5.65 21.96
C LYS C 101 -10.47 -5.03 23.16
N ALA C 102 -10.95 -3.87 23.57
CA ALA C 102 -10.41 -3.18 24.73
C ALA C 102 -11.50 -2.34 25.38
ZN ZN D . 0.88 -6.05 -3.18
ZN ZN E . -10.60 -0.70 -13.15
N ASP C 1 4.19 -14.23 5.94
CA ASP C 1 3.31 -13.84 7.03
C ASP C 1 1.95 -13.43 6.52
N GLU C 2 1.88 -12.22 6.01
CA GLU C 2 0.63 -11.65 5.56
C GLU C 2 0.70 -11.38 4.06
N LEU C 3 -0.45 -11.32 3.42
CA LEU C 3 -0.53 -10.92 2.03
C LEU C 3 -1.18 -9.55 1.90
N CYS C 4 -0.69 -8.76 0.97
CA CYS C 4 -1.16 -7.40 0.76
C CYS C 4 -2.63 -7.37 0.40
N PRO C 5 -3.41 -6.53 1.10
CA PRO C 5 -4.85 -6.38 0.86
C PRO C 5 -5.13 -5.66 -0.46
N VAL C 6 -4.08 -5.28 -1.16
CA VAL C 6 -4.23 -4.60 -2.45
C VAL C 6 -3.99 -5.58 -3.59
N CYS C 7 -2.75 -6.02 -3.76
CA CYS C 7 -2.37 -6.86 -4.89
C CYS C 7 -2.70 -8.33 -4.63
N GLY C 8 -3.01 -8.65 -3.38
CA GLY C 8 -3.29 -10.02 -3.02
C GLY C 8 -2.07 -10.91 -3.15
N ASP C 9 -0.92 -10.39 -2.74
CA ASP C 9 0.31 -11.17 -2.76
C ASP C 9 1.09 -10.94 -1.48
N LYS C 10 2.09 -11.76 -1.25
CA LYS C 10 2.85 -11.75 0.00
C LYS C 10 3.46 -10.38 0.28
N VAL C 11 3.52 -10.01 1.55
CA VAL C 11 4.07 -8.71 1.93
C VAL C 11 5.57 -8.78 2.18
N SER C 12 6.21 -7.62 2.20
CA SER C 12 7.61 -7.52 2.55
C SER C 12 7.74 -7.05 4.00
N GLY C 13 6.60 -6.81 4.62
CA GLY C 13 6.58 -6.36 6.00
C GLY C 13 6.35 -4.87 6.10
N TYR C 14 5.10 -4.49 6.39
CA TYR C 14 4.73 -3.09 6.57
C TYR C 14 5.08 -2.26 5.33
N HIS C 15 5.34 -0.96 5.57
CA HIS C 15 5.86 0.02 4.60
C HIS C 15 4.94 1.24 4.60
N TYR C 16 3.69 1.00 4.90
CA TYR C 16 2.69 2.04 4.98
C TYR C 16 1.79 1.78 6.18
N GLY C 17 0.54 2.22 6.13
CA GLY C 17 -0.37 2.01 7.25
C GLY C 17 -0.88 0.58 7.35
N LEU C 18 -0.05 -0.36 6.93
CA LEU C 18 -0.37 -1.79 6.90
C LEU C 18 0.78 -2.54 6.28
N LEU C 19 0.64 -3.85 6.15
CA LEU C 19 1.70 -4.68 5.60
C LEU C 19 1.59 -4.73 4.08
N THR C 20 2.65 -4.26 3.42
CA THR C 20 2.67 -4.20 1.97
C THR C 20 3.93 -4.87 1.42
N CYS C 21 4.01 -5.03 0.12
CA CYS C 21 5.19 -5.58 -0.52
C CYS C 21 5.92 -4.51 -1.32
N GLU C 22 7.03 -4.88 -1.96
CA GLU C 22 7.76 -3.95 -2.80
C GLU C 22 6.93 -3.55 -4.00
N SER C 23 6.02 -4.42 -4.42
CA SER C 23 5.15 -4.14 -5.56
C SER C 23 4.17 -3.02 -5.20
N CYS C 24 3.66 -3.03 -3.97
CA CYS C 24 2.76 -1.99 -3.50
C CYS C 24 3.50 -0.67 -3.38
N LYS C 25 4.62 -0.69 -2.66
CA LYS C 25 5.43 0.50 -2.45
C LYS C 25 5.94 1.06 -3.78
N GLY C 26 6.29 0.16 -4.69
CA GLY C 26 6.78 0.56 -5.99
C GLY C 26 5.72 1.32 -6.78
N PHE C 27 4.57 0.69 -6.98
CA PHE C 27 3.50 1.30 -7.78
C PHE C 27 2.98 2.57 -7.12
N PHE C 28 2.88 2.55 -5.80
CA PHE C 28 2.39 3.71 -5.06
C PHE C 28 3.28 4.92 -5.34
N LYS C 29 4.58 4.73 -5.16
CA LYS C 29 5.56 5.76 -5.43
C LYS C 29 5.56 6.16 -6.90
N ARG C 30 5.43 5.18 -7.79
CA ARG C 30 5.34 5.43 -9.23
C ARG C 30 4.30 6.50 -9.52
N THR C 31 3.11 6.32 -8.97
CA THR C 31 2.02 7.26 -9.20
C THR C 31 2.32 8.64 -8.60
N VAL C 32 2.58 8.66 -7.30
CA VAL C 32 2.76 9.91 -6.56
C VAL C 32 4.00 10.70 -6.99
N GLN C 33 5.13 10.02 -7.14
CA GLN C 33 6.40 10.70 -7.39
C GLN C 33 6.55 11.13 -8.84
N ASN C 34 6.03 10.31 -9.74
CA ASN C 34 6.09 10.60 -11.16
C ASN C 34 4.97 11.56 -11.51
N ASN C 35 4.14 11.83 -10.51
CA ASN C 35 3.07 12.82 -10.62
C ASN C 35 2.11 12.39 -11.71
N LYS C 36 1.82 11.09 -11.74
CA LYS C 36 1.00 10.51 -12.77
C LYS C 36 -0.46 10.45 -12.37
N HIS C 37 -1.32 10.36 -13.38
CA HIS C 37 -2.75 10.29 -13.16
C HIS C 37 -3.32 9.12 -13.93
N TYR C 38 -3.48 7.99 -13.27
CA TYR C 38 -3.93 6.78 -13.91
C TYR C 38 -5.46 6.75 -14.04
N THR C 39 -5.93 5.92 -14.94
CA THR C 39 -7.35 5.76 -15.18
C THR C 39 -7.66 4.29 -15.49
N CYS C 40 -8.90 3.99 -15.82
CA CYS C 40 -9.30 2.62 -16.14
C CYS C 40 -10.18 2.62 -17.38
N THR C 41 -10.06 1.56 -18.17
CA THR C 41 -10.83 1.45 -19.41
C THR C 41 -12.18 0.77 -19.17
N GLU C 42 -12.30 0.06 -18.05
CA GLU C 42 -13.51 -0.70 -17.78
C GLU C 42 -14.53 0.13 -17.00
N SER C 43 -14.49 0.02 -15.68
CA SER C 43 -15.49 0.66 -14.84
C SER C 43 -14.86 1.60 -13.82
N GLN C 44 -13.53 1.66 -13.82
CA GLN C 44 -12.76 2.47 -12.86
C GLN C 44 -12.78 1.85 -11.45
N SER C 45 -13.92 1.32 -11.06
CA SER C 45 -14.03 0.59 -9.81
C SER C 45 -14.01 -0.91 -10.09
N CYS C 46 -12.84 -1.41 -10.45
CA CYS C 46 -12.68 -2.81 -10.80
C CYS C 46 -12.08 -3.58 -9.63
N LYS C 47 -12.05 -4.91 -9.75
CA LYS C 47 -11.51 -5.76 -8.72
C LYS C 47 -10.01 -5.99 -8.97
N ILE C 48 -9.25 -6.06 -7.89
CA ILE C 48 -7.82 -6.27 -8.01
C ILE C 48 -7.48 -7.72 -7.70
N ASP C 49 -7.13 -8.45 -8.76
CA ASP C 49 -6.78 -9.86 -8.63
C ASP C 49 -5.39 -10.08 -9.23
N LYS C 50 -4.91 -11.31 -9.20
CA LYS C 50 -3.59 -11.65 -9.72
C LYS C 50 -3.44 -11.21 -11.18
N THR C 51 -4.52 -11.34 -11.94
CA THR C 51 -4.52 -11.00 -13.35
C THR C 51 -4.76 -9.51 -13.58
N GLN C 52 -5.47 -8.88 -12.66
CA GLN C 52 -5.96 -7.52 -12.87
C GLN C 52 -5.15 -6.48 -12.10
N ARG C 53 -4.27 -6.92 -11.22
CA ARG C 53 -3.46 -6.00 -10.42
C ARG C 53 -2.42 -5.30 -11.28
N LYS C 54 -2.10 -5.89 -12.42
CA LYS C 54 -1.22 -5.25 -13.40
C LYS C 54 -2.04 -4.55 -14.48
N ARG C 55 -3.36 -4.75 -14.44
CA ARG C 55 -4.24 -4.23 -15.49
C ARG C 55 -4.75 -2.85 -15.14
N CYS C 56 -5.50 -2.75 -14.07
CA CYS C 56 -6.13 -1.49 -13.67
C CYS C 56 -5.24 -0.74 -12.69
N PRO C 57 -4.53 0.30 -13.16
CA PRO C 57 -3.65 1.09 -12.30
C PRO C 57 -4.43 2.01 -11.38
N PHE C 58 -5.46 2.65 -11.90
CA PHE C 58 -6.32 3.52 -11.11
C PHE C 58 -7.00 2.72 -10.01
N CYS C 59 -7.53 1.56 -10.38
CA CYS C 59 -8.22 0.70 -9.42
C CYS C 59 -7.24 0.21 -8.36
N ARG C 60 -6.02 -0.11 -8.79
CA ARG C 60 -4.98 -0.57 -7.88
C ARG C 60 -4.56 0.55 -6.93
N PHE C 61 -4.46 1.76 -7.45
CA PHE C 61 -4.15 2.93 -6.64
C PHE C 61 -5.23 3.14 -5.59
N GLN C 62 -6.48 3.15 -6.04
CA GLN C 62 -7.63 3.30 -5.14
C GLN C 62 -7.63 2.17 -4.11
N LYS C 63 -7.34 0.96 -4.56
CA LYS C 63 -7.24 -0.21 -3.70
C LYS C 63 -6.27 0.05 -2.56
N CYS C 64 -5.13 0.65 -2.89
CA CYS C 64 -4.11 0.98 -1.90
C CYS C 64 -4.68 1.91 -0.84
N LEU C 65 -5.21 3.05 -1.26
CA LEU C 65 -5.77 4.02 -0.33
C LEU C 65 -6.98 3.46 0.42
N THR C 66 -7.70 2.54 -0.23
CA THR C 66 -8.88 1.93 0.37
C THR C 66 -8.51 1.08 1.59
N VAL C 67 -7.53 0.20 1.42
CA VAL C 67 -7.17 -0.74 2.46
C VAL C 67 -6.48 -0.05 3.64
N GLY C 68 -5.90 1.12 3.39
CA GLY C 68 -5.32 1.89 4.46
C GLY C 68 -3.95 2.42 4.14
N MET C 69 -3.50 2.23 2.91
CA MET C 69 -2.21 2.77 2.49
C MET C 69 -2.34 4.28 2.37
N ARG C 70 -1.69 4.97 3.29
CA ARG C 70 -1.81 6.41 3.38
C ARG C 70 -1.01 7.10 2.29
N LEU C 71 -1.62 8.09 1.67
CA LEU C 71 -1.02 8.79 0.54
C LEU C 71 0.11 9.69 1.04
N GLU C 72 -0.05 10.25 2.22
CA GLU C 72 0.96 11.12 2.81
C GLU C 72 2.15 10.33 3.36
N ALA C 73 2.16 9.03 3.11
CA ALA C 73 3.26 8.18 3.54
C ALA C 73 4.39 8.20 2.51
N VAL C 74 4.16 8.90 1.41
CA VAL C 74 5.19 9.07 0.41
C VAL C 74 5.81 10.46 0.54
N ARG C 75 7.11 10.54 0.33
CA ARG C 75 7.83 11.79 0.49
C ARG C 75 8.27 12.34 -0.86
N ALA C 76 7.83 13.56 -1.15
CA ALA C 76 8.16 14.20 -2.42
C ALA C 76 9.52 14.87 -2.36
N ASP C 77 9.99 15.17 -1.15
CA ASP C 77 11.30 15.79 -0.98
C ASP C 77 12.36 14.75 -1.20
N ARG C 78 12.49 13.84 -0.23
CA ARG C 78 13.32 12.66 -0.37
C ARG C 78 13.26 11.83 0.92
N MET C 79 14.19 12.09 1.83
CA MET C 79 14.36 11.28 3.05
C MET C 79 14.32 9.78 2.71
N ARG C 80 15.48 9.25 2.35
CA ARG C 80 15.59 7.88 1.83
C ARG C 80 15.48 6.83 2.94
N GLY C 81 14.34 6.80 3.62
CA GLY C 81 14.10 5.78 4.61
C GLY C 81 13.63 6.36 5.93
N GLY C 82 13.43 5.48 6.91
CA GLY C 82 13.11 5.91 8.25
C GLY C 82 11.67 6.37 8.40
N ARG C 83 11.22 6.48 9.64
CA ARG C 83 9.87 6.95 9.93
C ARG C 83 9.92 8.36 10.51
N ASN C 84 8.76 8.95 10.73
CA ASN C 84 8.66 10.30 11.25
C ASN C 84 7.26 10.58 11.78
N LYS C 85 6.30 10.69 10.86
CA LYS C 85 4.92 10.93 11.22
C LYS C 85 4.23 9.62 11.57
N PHE C 86 4.63 8.58 10.86
CA PHE C 86 4.05 7.26 11.06
C PHE C 86 4.80 6.51 12.14
N GLY C 87 4.95 7.15 13.29
CA GLY C 87 5.57 6.53 14.44
C GLY C 87 4.55 5.88 15.37
N PRO C 88 3.77 6.69 16.11
CA PRO C 88 2.79 6.20 17.08
C PRO C 88 1.75 5.27 16.47
N MET C 89 1.18 5.69 15.35
CA MET C 89 0.15 4.89 14.68
C MET C 89 0.70 3.56 14.20
N TYR C 90 1.99 3.53 13.89
CA TYR C 90 2.64 2.34 13.37
C TYR C 90 2.75 1.29 14.46
N LYS C 91 3.37 1.67 15.57
CA LYS C 91 3.55 0.76 16.70
C LYS C 91 2.19 0.40 17.31
N ARG C 92 1.25 1.32 17.21
CA ARG C 92 -0.11 1.09 17.71
C ARG C 92 -0.76 -0.06 16.96
N ASP C 93 -0.67 -0.01 15.64
CA ASP C 93 -1.21 -1.07 14.79
C ASP C 93 -0.53 -2.39 15.11
N ARG C 94 0.79 -2.34 15.24
CA ARG C 94 1.59 -3.50 15.61
C ARG C 94 1.13 -4.10 16.93
N ALA C 95 0.96 -3.25 17.94
CA ALA C 95 0.56 -3.69 19.27
C ALA C 95 -0.82 -4.35 19.25
N LEU C 96 -1.72 -3.80 18.45
CA LEU C 96 -3.07 -4.33 18.36
C LEU C 96 -3.14 -5.61 17.54
N LYS C 97 -2.28 -5.70 16.53
CA LYS C 97 -2.24 -6.87 15.66
C LYS C 97 -1.75 -8.09 16.44
N GLN C 98 -0.97 -7.84 17.48
CA GLN C 98 -0.46 -8.90 18.33
C GLN C 98 -1.27 -9.02 19.61
N GLN C 99 -1.15 -8.01 20.47
CA GLN C 99 -1.86 -7.94 21.75
C GLN C 99 -1.57 -9.14 22.64
N LYS C 100 -2.23 -9.17 23.80
CA LYS C 100 -2.18 -10.30 24.69
C LYS C 100 -3.60 -10.75 25.01
N LYS C 101 -3.82 -12.05 25.01
CA LYS C 101 -5.16 -12.59 25.22
C LYS C 101 -5.47 -12.69 26.71
N ALA C 102 -4.51 -13.20 27.47
CA ALA C 102 -4.67 -13.31 28.90
C ALA C 102 -3.89 -12.21 29.60
ZN ZN D . 1.46 -6.00 -2.27
ZN ZN E . -10.27 -1.11 -13.48
N ASP C 1 3.13 -14.24 7.30
CA ASP C 1 2.61 -15.01 6.16
C ASP C 1 1.21 -14.56 5.76
N GLU C 2 1.14 -13.53 4.96
CA GLU C 2 -0.13 -13.00 4.49
C GLU C 2 -0.02 -12.57 3.04
N LEU C 3 -1.15 -12.50 2.37
CA LEU C 3 -1.19 -11.97 1.03
C LEU C 3 -1.58 -10.50 1.05
N CYS C 4 -0.92 -9.73 0.21
CA CYS C 4 -1.17 -8.31 0.08
C CYS C 4 -2.59 -8.07 -0.41
N PRO C 5 -3.42 -7.39 0.40
CA PRO C 5 -4.83 -7.14 0.07
C PRO C 5 -5.00 -6.30 -1.19
N VAL C 6 -3.90 -5.73 -1.66
CA VAL C 6 -3.90 -4.94 -2.88
C VAL C 6 -3.73 -5.83 -4.10
N CYS C 7 -2.56 -6.45 -4.23
CA CYS C 7 -2.20 -7.17 -5.45
C CYS C 7 -2.59 -8.64 -5.38
N GLY C 8 -2.91 -9.13 -4.18
CA GLY C 8 -3.25 -10.53 -4.03
C GLY C 8 -2.03 -11.43 -4.16
N ASP C 9 -0.93 -11.02 -3.53
CA ASP C 9 0.31 -11.78 -3.59
C ASP C 9 0.99 -11.72 -2.23
N LYS C 10 1.89 -12.66 -1.96
CA LYS C 10 2.53 -12.76 -0.65
C LYS C 10 3.22 -11.47 -0.25
N VAL C 11 3.02 -11.05 1.00
CA VAL C 11 3.64 -9.84 1.50
C VAL C 11 5.08 -10.10 1.90
N SER C 12 5.92 -9.09 1.72
CA SER C 12 7.32 -9.18 2.09
C SER C 12 7.52 -8.69 3.52
N GLY C 13 6.50 -8.03 4.05
CA GLY C 13 6.58 -7.56 5.42
C GLY C 13 5.48 -6.58 5.75
N TYR C 14 5.70 -5.81 6.80
CA TYR C 14 4.73 -4.84 7.27
C TYR C 14 5.20 -3.43 6.94
N HIS C 15 4.47 -2.75 6.06
CA HIS C 15 4.86 -1.42 5.61
C HIS C 15 3.68 -0.46 5.66
N TYR C 16 3.97 0.83 5.84
CA TYR C 16 2.95 1.89 5.85
C TYR C 16 2.01 1.74 7.04
N GLY C 17 1.01 0.89 6.90
CA GLY C 17 0.09 0.63 7.97
C GLY C 17 -0.58 -0.71 7.83
N LEU C 18 0.02 -1.59 7.05
CA LEU C 18 -0.57 -2.90 6.75
C LEU C 18 0.45 -3.84 6.12
N LEU C 19 0.06 -5.09 5.95
CA LEU C 19 0.92 -6.08 5.31
C LEU C 19 1.02 -5.80 3.83
N THR C 20 2.23 -5.51 3.38
CA THR C 20 2.45 -5.10 2.01
C THR C 20 3.70 -5.74 1.42
N CYS C 21 3.70 -5.89 0.11
CA CYS C 21 4.85 -6.39 -0.61
C CYS C 21 5.64 -5.22 -1.18
N GLU C 22 6.88 -5.47 -1.55
CA GLU C 22 7.74 -4.43 -2.11
C GLU C 22 7.14 -3.89 -3.41
N SER C 23 6.48 -4.78 -4.14
CA SER C 23 5.87 -4.45 -5.43
C SER C 23 4.91 -3.26 -5.33
N CYS C 24 3.96 -3.35 -4.40
CA CYS C 24 2.91 -2.34 -4.29
C CYS C 24 3.47 -0.98 -3.93
N LYS C 25 4.29 -0.90 -2.88
CA LYS C 25 4.83 0.39 -2.47
C LYS C 25 5.79 0.94 -3.52
N GLY C 26 6.35 0.06 -4.34
CA GLY C 26 7.17 0.51 -5.45
C GLY C 26 6.35 1.26 -6.48
N PHE C 27 5.24 0.66 -6.90
CA PHE C 27 4.35 1.29 -7.87
C PHE C 27 3.64 2.47 -7.24
N PHE C 28 3.21 2.31 -5.99
CA PHE C 28 2.52 3.34 -5.25
C PHE C 28 3.33 4.63 -5.24
N LYS C 29 4.58 4.55 -4.81
CA LYS C 29 5.43 5.74 -4.72
C LYS C 29 5.84 6.24 -6.10
N ARG C 30 5.99 5.34 -7.06
CA ARG C 30 6.26 5.77 -8.43
C ARG C 30 5.12 6.61 -8.97
N THR C 31 3.89 6.18 -8.69
CA THR C 31 2.71 6.92 -9.09
C THR C 31 2.65 8.26 -8.35
N VAL C 32 2.84 8.20 -7.03
CA VAL C 32 2.80 9.38 -6.18
C VAL C 32 3.87 10.41 -6.55
N GLN C 33 5.13 9.96 -6.66
CA GLN C 33 6.25 10.85 -6.93
C GLN C 33 6.07 11.60 -8.25
N ASN C 34 5.59 10.89 -9.27
CA ASN C 34 5.43 11.50 -10.58
C ASN C 34 4.11 12.25 -10.67
N ASN C 35 3.31 12.18 -9.60
CA ASN C 35 1.98 12.79 -9.57
C ASN C 35 1.13 12.21 -10.69
N LYS C 36 1.39 10.95 -10.99
CA LYS C 36 0.75 10.26 -12.10
C LYS C 36 -0.72 10.00 -11.81
N HIS C 37 -1.57 10.69 -12.55
CA HIS C 37 -3.01 10.50 -12.39
C HIS C 37 -3.53 9.65 -13.53
N TYR C 38 -3.54 8.35 -13.31
CA TYR C 38 -3.98 7.40 -14.32
C TYR C 38 -5.49 7.45 -14.48
N THR C 39 -6.00 6.86 -15.55
CA THR C 39 -7.42 6.78 -15.79
C THR C 39 -7.76 5.39 -16.36
N CYS C 40 -8.92 4.87 -16.02
CA CYS C 40 -9.29 3.52 -16.40
C CYS C 40 -10.48 3.53 -17.36
N THR C 41 -10.74 4.71 -17.94
CA THR C 41 -11.92 4.92 -18.77
C THR C 41 -13.20 4.81 -17.94
N GLU C 42 -13.58 3.59 -17.61
CA GLU C 42 -14.74 3.33 -16.77
C GLU C 42 -14.35 2.33 -15.69
N SER C 43 -15.25 2.11 -14.73
CA SER C 43 -14.99 1.24 -13.59
C SER C 43 -13.63 1.55 -12.98
N GLN C 44 -13.56 2.68 -12.29
CA GLN C 44 -12.30 3.17 -11.73
C GLN C 44 -11.79 2.25 -10.63
N SER C 45 -12.69 1.45 -10.08
CA SER C 45 -12.32 0.46 -9.10
C SER C 45 -12.53 -0.95 -9.66
N CYS C 46 -11.59 -1.39 -10.47
CA CYS C 46 -11.65 -2.74 -11.02
C CYS C 46 -11.15 -3.76 -10.01
N LYS C 47 -11.40 -5.03 -10.30
CA LYS C 47 -10.95 -6.11 -9.44
C LYS C 47 -9.45 -6.34 -9.61
N ILE C 48 -8.70 -6.00 -8.57
CA ILE C 48 -7.26 -6.17 -8.61
C ILE C 48 -6.90 -7.62 -8.33
N ASP C 49 -6.55 -8.33 -9.38
CA ASP C 49 -6.20 -9.74 -9.27
C ASP C 49 -4.73 -9.93 -9.53
N LYS C 50 -4.26 -11.16 -9.38
CA LYS C 50 -2.88 -11.49 -9.72
C LYS C 50 -2.62 -11.21 -11.19
N THR C 51 -3.66 -11.26 -11.99
CA THR C 51 -3.55 -10.99 -13.42
C THR C 51 -3.74 -9.50 -13.72
N GLN C 52 -4.81 -8.91 -13.19
CA GLN C 52 -5.20 -7.55 -13.55
C GLN C 52 -4.39 -6.49 -12.80
N ARG C 53 -3.47 -6.91 -11.95
CA ARG C 53 -2.67 -5.96 -11.21
C ARG C 53 -1.63 -5.30 -12.10
N LYS C 54 -1.42 -5.87 -13.29
CA LYS C 54 -0.61 -5.23 -14.32
C LYS C 54 -1.49 -4.49 -15.33
N ARG C 55 -2.80 -4.66 -15.19
CA ARG C 55 -3.76 -4.11 -16.14
C ARG C 55 -4.25 -2.72 -15.71
N CYS C 56 -4.75 -2.62 -14.49
CA CYS C 56 -5.30 -1.36 -14.00
C CYS C 56 -4.37 -0.69 -13.01
N PRO C 57 -3.60 0.31 -13.46
CA PRO C 57 -2.68 1.06 -12.60
C PRO C 57 -3.43 1.92 -11.59
N PHE C 58 -4.40 2.69 -12.07
CA PHE C 58 -5.19 3.58 -11.22
C PHE C 58 -5.95 2.77 -10.17
N CYS C 59 -6.54 1.66 -10.60
CA CYS C 59 -7.33 0.83 -9.71
C CYS C 59 -6.45 0.22 -8.63
N ARG C 60 -5.22 -0.13 -8.98
CA ARG C 60 -4.29 -0.68 -8.01
C ARG C 60 -3.83 0.41 -7.04
N PHE C 61 -3.70 1.62 -7.55
CA PHE C 61 -3.34 2.76 -6.72
C PHE C 61 -4.44 3.03 -5.70
N GLN C 62 -5.68 3.09 -6.17
CA GLN C 62 -6.81 3.32 -5.27
C GLN C 62 -7.01 2.11 -4.35
N LYS C 63 -6.63 0.93 -4.85
CA LYS C 63 -6.62 -0.28 -4.05
C LYS C 63 -5.69 -0.13 -2.86
N CYS C 64 -4.49 0.40 -3.11
CA CYS C 64 -3.51 0.64 -2.06
C CYS C 64 -4.10 1.60 -1.02
N LEU C 65 -4.79 2.63 -1.49
CA LEU C 65 -5.43 3.60 -0.60
C LEU C 65 -6.58 2.95 0.16
N THR C 66 -7.33 2.09 -0.53
CA THR C 66 -8.44 1.38 0.07
C THR C 66 -7.99 0.60 1.31
N VAL C 67 -6.88 -0.10 1.19
CA VAL C 67 -6.36 -0.89 2.30
C VAL C 67 -5.67 0.00 3.32
N GLY C 68 -5.34 1.23 2.94
CA GLY C 68 -4.82 2.18 3.90
C GLY C 68 -3.33 2.43 3.77
N MET C 69 -2.79 2.31 2.56
CA MET C 69 -1.41 2.69 2.33
C MET C 69 -1.30 4.21 2.34
N ARG C 70 -0.74 4.73 3.42
CA ARG C 70 -0.75 6.15 3.70
C ARG C 70 0.07 6.96 2.69
N LEU C 71 -0.58 7.95 2.09
CA LEU C 71 0.10 8.90 1.22
C LEU C 71 1.06 9.74 2.04
N GLU C 72 0.77 9.82 3.31
CA GLU C 72 1.61 10.53 4.27
C GLU C 72 2.98 9.85 4.39
N ALA C 73 3.05 8.57 4.06
CA ALA C 73 4.28 7.79 4.19
C ALA C 73 5.24 8.07 3.04
N VAL C 74 4.69 8.30 1.85
CA VAL C 74 5.52 8.62 0.69
C VAL C 74 5.94 10.07 0.74
N ARG C 75 7.15 10.30 1.24
CA ARG C 75 7.70 11.64 1.32
C ARG C 75 8.51 11.95 0.07
N ALA C 76 7.95 12.75 -0.81
CA ALA C 76 8.58 13.08 -2.09
C ALA C 76 9.80 13.97 -1.90
N ASP C 77 10.06 14.33 -0.65
CA ASP C 77 11.22 15.15 -0.29
C ASP C 77 12.46 14.28 -0.16
N ARG C 78 12.35 13.03 -0.59
CA ARG C 78 13.45 12.06 -0.59
C ARG C 78 13.79 11.63 0.84
N MET C 79 12.86 11.87 1.75
CA MET C 79 13.04 11.50 3.15
C MET C 79 12.67 10.04 3.36
N ARG C 80 13.69 9.21 3.51
CA ARG C 80 13.49 7.77 3.65
C ARG C 80 13.24 7.39 5.10
N GLY C 81 12.19 7.97 5.68
CA GLY C 81 11.85 7.66 7.04
C GLY C 81 11.11 8.79 7.73
N GLY C 82 10.83 8.60 9.01
CA GLY C 82 10.12 9.62 9.77
C GLY C 82 9.08 9.01 10.67
N ARG C 83 9.51 8.31 11.70
CA ARG C 83 8.59 7.66 12.61
C ARG C 83 8.12 8.66 13.65
N ASN C 84 7.09 9.42 13.30
CA ASN C 84 6.56 10.45 14.20
C ASN C 84 5.04 10.41 14.22
N LYS C 85 4.42 10.88 13.15
CA LYS C 85 2.96 10.91 13.06
C LYS C 85 2.39 9.50 13.04
N PHE C 86 3.15 8.57 12.47
CA PHE C 86 2.73 7.19 12.41
C PHE C 86 3.13 6.45 13.69
N GLY C 87 3.87 7.14 14.56
CA GLY C 87 4.39 6.53 15.76
C GLY C 87 3.35 5.76 16.55
N PRO C 88 2.37 6.45 17.15
CA PRO C 88 1.32 5.81 17.95
C PRO C 88 0.60 4.68 17.21
N MET C 89 0.09 4.98 16.01
CA MET C 89 -0.70 3.99 15.27
C MET C 89 0.14 2.76 14.89
N TYR C 90 1.41 2.97 14.56
CA TYR C 90 2.28 1.89 14.14
C TYR C 90 2.60 0.98 15.32
N LYS C 91 3.02 1.60 16.43
CA LYS C 91 3.29 0.88 17.67
C LYS C 91 2.04 0.13 18.13
N ARG C 92 0.91 0.82 18.05
CA ARG C 92 -0.36 0.29 18.52
C ARG C 92 -0.80 -0.91 17.68
N ASP C 93 -0.76 -0.75 16.36
CA ASP C 93 -1.20 -1.80 15.45
C ASP C 93 -0.38 -3.06 15.62
N ARG C 94 0.95 -2.91 15.66
CA ARG C 94 1.85 -4.04 15.83
C ARG C 94 1.57 -4.73 17.17
N ALA C 95 1.34 -3.93 18.21
CA ALA C 95 1.04 -4.46 19.53
C ALA C 95 -0.32 -5.15 19.56
N LEU C 96 -1.28 -4.61 18.82
CA LEU C 96 -2.62 -5.18 18.76
C LEU C 96 -2.63 -6.48 17.98
N LYS C 97 -1.64 -6.67 17.12
CA LYS C 97 -1.49 -7.93 16.41
C LYS C 97 -0.77 -8.96 17.26
N GLN C 98 -0.13 -8.50 18.32
CA GLN C 98 0.47 -9.38 19.31
C GLN C 98 -0.55 -9.71 20.39
N GLN C 99 -1.29 -8.69 20.78
CA GLN C 99 -2.40 -8.83 21.71
C GLN C 99 -3.67 -9.13 20.91
N LYS C 100 -4.83 -8.94 21.52
CA LYS C 100 -6.09 -8.98 20.82
C LYS C 100 -6.92 -7.76 21.19
N LYS C 101 -7.84 -7.39 20.32
CA LYS C 101 -8.62 -6.17 20.52
C LYS C 101 -9.91 -6.48 21.26
N ALA C 102 -10.03 -5.92 22.45
CA ALA C 102 -11.21 -6.13 23.27
C ALA C 102 -12.04 -4.85 23.32
ZN ZN D . 0.95 -6.17 -2.87
ZN ZN E . -9.53 -0.65 -13.81
N ASP C 1 3.06 -15.98 4.21
CA ASP C 1 2.76 -15.61 5.59
C ASP C 1 1.51 -14.74 5.65
N GLU C 2 1.63 -13.54 5.13
CA GLU C 2 0.51 -12.64 5.01
C GLU C 2 0.43 -12.12 3.58
N LEU C 3 -0.77 -11.79 3.14
CA LEU C 3 -0.97 -11.34 1.77
C LEU C 3 -1.27 -9.85 1.73
N CYS C 4 -0.62 -9.16 0.82
CA CYS C 4 -0.84 -7.74 0.60
C CYS C 4 -2.26 -7.53 0.09
N PRO C 5 -3.11 -6.84 0.88
CA PRO C 5 -4.53 -6.67 0.57
C PRO C 5 -4.76 -5.92 -0.74
N VAL C 6 -3.71 -5.28 -1.24
CA VAL C 6 -3.80 -4.54 -2.49
C VAL C 6 -3.59 -5.47 -3.69
N CYS C 7 -2.42 -6.08 -3.77
CA CYS C 7 -2.02 -6.82 -4.96
C CYS C 7 -2.30 -8.32 -4.83
N GLY C 8 -2.52 -8.79 -3.61
CA GLY C 8 -2.70 -10.21 -3.39
C GLY C 8 -1.42 -10.99 -3.60
N ASP C 9 -0.41 -10.66 -2.81
CA ASP C 9 0.89 -11.31 -2.91
C ASP C 9 1.67 -11.11 -1.62
N LYS C 10 2.94 -11.48 -1.62
CA LYS C 10 3.78 -11.41 -0.42
C LYS C 10 3.83 -9.99 0.15
N VAL C 11 4.27 -9.89 1.40
CA VAL C 11 4.38 -8.60 2.07
C VAL C 11 5.77 -8.41 2.66
N SER C 12 6.16 -7.16 2.84
CA SER C 12 7.44 -6.85 3.46
C SER C 12 7.24 -6.66 4.97
N GLY C 13 5.99 -6.70 5.39
CA GLY C 13 5.68 -6.52 6.79
C GLY C 13 4.79 -5.30 7.00
N TYR C 14 4.82 -4.75 8.20
CA TYR C 14 4.04 -3.55 8.49
C TYR C 14 4.61 -2.34 7.79
N HIS C 15 3.92 -1.90 6.76
CA HIS C 15 4.37 -0.77 5.97
C HIS C 15 3.18 0.15 5.66
N TYR C 16 3.22 1.35 6.25
CA TYR C 16 2.15 2.35 6.11
C TYR C 16 0.91 1.91 6.89
N GLY C 17 1.10 1.02 7.85
CA GLY C 17 0.00 0.56 8.66
C GLY C 17 -0.59 -0.73 8.15
N LEU C 18 -0.25 -1.07 6.92
CA LEU C 18 -0.73 -2.29 6.30
C LEU C 18 0.41 -3.25 6.02
N LEU C 19 0.08 -4.51 5.83
CA LEU C 19 1.06 -5.48 5.38
C LEU C 19 1.24 -5.32 3.89
N THR C 20 2.23 -4.53 3.49
CA THR C 20 2.43 -4.24 2.08
C THR C 20 3.86 -4.56 1.66
N CYS C 21 4.05 -4.72 0.37
CA CYS C 21 5.34 -5.14 -0.18
C CYS C 21 6.07 -3.99 -0.86
N GLU C 22 7.32 -4.25 -1.24
CA GLU C 22 8.18 -3.27 -1.87
C GLU C 22 7.64 -2.85 -3.24
N SER C 23 7.08 -3.81 -3.95
CA SER C 23 6.48 -3.55 -5.26
C SER C 23 5.35 -2.54 -5.15
N CYS C 24 4.52 -2.69 -4.13
CA CYS C 24 3.38 -1.82 -3.94
C CYS C 24 3.80 -0.46 -3.38
N LYS C 25 4.73 -0.46 -2.41
CA LYS C 25 5.21 0.80 -1.86
C LYS C 25 5.89 1.62 -2.93
N GLY C 26 6.58 0.94 -3.84
CA GLY C 26 7.23 1.61 -4.95
C GLY C 26 6.22 2.28 -5.85
N PHE C 27 5.26 1.49 -6.34
CA PHE C 27 4.23 2.00 -7.24
C PHE C 27 3.43 3.12 -6.57
N PHE C 28 3.16 2.96 -5.29
CA PHE C 28 2.39 3.94 -4.52
C PHE C 28 3.09 5.30 -4.55
N LYS C 29 4.36 5.32 -4.19
CA LYS C 29 5.12 6.55 -4.19
C LYS C 29 5.27 7.11 -5.60
N ARG C 30 5.48 6.21 -6.56
CA ARG C 30 5.64 6.62 -7.95
C ARG C 30 4.43 7.42 -8.42
N THR C 31 3.25 6.95 -8.08
CA THR C 31 2.02 7.63 -8.46
C THR C 31 1.90 8.99 -7.75
N VAL C 32 2.07 8.98 -6.43
CA VAL C 32 1.92 10.19 -5.61
C VAL C 32 2.99 11.24 -5.96
N GLN C 33 4.25 10.82 -5.99
CA GLN C 33 5.36 11.76 -6.15
C GLN C 33 5.42 12.34 -7.56
N ASN C 34 4.97 11.59 -8.56
CA ASN C 34 4.98 12.09 -9.92
C ASN C 34 3.69 12.86 -10.18
N ASN C 35 2.86 12.93 -9.14
CA ASN C 35 1.58 13.63 -9.19
C ASN C 35 0.71 13.01 -10.26
N LYS C 36 0.77 11.69 -10.34
CA LYS C 36 0.09 10.96 -11.39
C LYS C 36 -1.31 10.54 -10.96
N HIS C 37 -2.18 10.44 -11.94
CA HIS C 37 -3.52 9.94 -11.74
C HIS C 37 -3.96 9.16 -12.97
N TYR C 38 -3.75 7.86 -12.91
CA TYR C 38 -3.99 6.99 -14.07
C TYR C 38 -5.48 6.86 -14.34
N THR C 39 -5.81 6.28 -15.48
CA THR C 39 -7.18 5.99 -15.84
C THR C 39 -7.37 4.49 -16.03
N CYS C 40 -8.60 4.06 -16.18
CA CYS C 40 -8.89 2.65 -16.40
C CYS C 40 -9.64 2.46 -17.72
N THR C 41 -10.69 3.25 -17.91
CA THR C 41 -11.52 3.18 -19.12
C THR C 41 -12.39 1.91 -19.16
N GLU C 42 -11.80 0.77 -18.80
CA GLU C 42 -12.50 -0.51 -18.84
C GLU C 42 -13.71 -0.54 -17.92
N SER C 43 -13.50 -0.23 -16.65
CA SER C 43 -14.57 -0.33 -15.66
C SER C 43 -14.25 0.45 -14.37
N GLN C 44 -12.95 0.59 -14.08
CA GLN C 44 -12.46 1.30 -12.88
C GLN C 44 -12.60 0.43 -11.63
N SER C 45 -13.77 -0.17 -11.45
CA SER C 45 -13.99 -1.05 -10.32
C SER C 45 -13.58 -2.48 -10.70
N CYS C 46 -12.28 -2.65 -10.89
CA CYS C 46 -11.73 -3.93 -11.29
C CYS C 46 -11.30 -4.74 -10.07
N LYS C 47 -11.26 -6.06 -10.24
CA LYS C 47 -10.88 -6.94 -9.15
C LYS C 47 -9.37 -7.04 -9.07
N ILE C 48 -8.76 -6.09 -8.39
CA ILE C 48 -7.31 -6.06 -8.25
C ILE C 48 -6.82 -7.27 -7.48
N ASP C 49 -6.34 -8.24 -8.23
CA ASP C 49 -5.80 -9.47 -7.67
C ASP C 49 -4.40 -9.68 -8.23
N LYS C 50 -3.89 -10.89 -8.15
CA LYS C 50 -2.57 -11.20 -8.68
C LYS C 50 -2.48 -10.88 -10.18
N THR C 51 -3.57 -11.09 -10.91
CA THR C 51 -3.57 -10.86 -12.35
C THR C 51 -3.92 -9.41 -12.73
N GLN C 52 -5.01 -8.90 -12.17
CA GLN C 52 -5.52 -7.59 -12.60
C GLN C 52 -4.74 -6.44 -11.99
N ARG C 53 -3.88 -6.72 -11.02
CA ARG C 53 -3.11 -5.67 -10.36
C ARG C 53 -2.17 -4.96 -11.33
N LYS C 54 -1.79 -5.67 -12.39
CA LYS C 54 -0.91 -5.11 -13.40
C LYS C 54 -1.69 -4.56 -14.58
N ARG C 55 -2.99 -4.82 -14.61
CA ARG C 55 -3.82 -4.44 -15.75
C ARG C 55 -4.30 -3.00 -15.61
N CYS C 56 -4.54 -2.57 -14.39
CA CYS C 56 -5.02 -1.22 -14.15
C CYS C 56 -4.22 -0.54 -13.03
N PRO C 57 -3.28 0.34 -13.41
CA PRO C 57 -2.50 1.11 -12.44
C PRO C 57 -3.39 1.99 -11.57
N PHE C 58 -4.40 2.59 -12.19
CA PHE C 58 -5.37 3.41 -11.49
C PHE C 58 -6.09 2.59 -10.43
N CYS C 59 -6.61 1.45 -10.85
CA CYS C 59 -7.38 0.59 -9.96
C CYS C 59 -6.51 0.04 -8.84
N ARG C 60 -5.24 -0.24 -9.15
CA ARG C 60 -4.31 -0.73 -8.15
C ARG C 60 -3.99 0.36 -7.14
N PHE C 61 -3.87 1.59 -7.63
CA PHE C 61 -3.64 2.74 -6.77
C PHE C 61 -4.83 2.93 -5.83
N GLN C 62 -6.02 3.01 -6.41
CA GLN C 62 -7.24 3.17 -5.61
C GLN C 62 -7.44 1.97 -4.69
N LYS C 63 -6.90 0.82 -5.10
CA LYS C 63 -6.93 -0.39 -4.32
C LYS C 63 -6.13 -0.19 -3.03
N CYS C 64 -4.96 0.42 -3.16
CA CYS C 64 -4.12 0.75 -2.02
C CYS C 64 -4.89 1.64 -1.06
N LEU C 65 -5.49 2.69 -1.61
CA LEU C 65 -6.31 3.62 -0.84
C LEU C 65 -7.51 2.92 -0.21
N THR C 66 -8.14 2.03 -0.96
CA THR C 66 -9.29 1.27 -0.46
C THR C 66 -8.95 0.55 0.85
N VAL C 67 -7.82 -0.15 0.86
CA VAL C 67 -7.41 -0.88 2.04
C VAL C 67 -6.78 0.05 3.07
N GLY C 68 -6.60 1.32 2.70
CA GLY C 68 -6.20 2.32 3.66
C GLY C 68 -4.71 2.52 3.76
N MET C 69 -4.03 2.52 2.63
CA MET C 69 -2.63 2.89 2.59
C MET C 69 -2.47 4.37 2.92
N ARG C 70 -1.47 4.66 3.74
CA ARG C 70 -1.24 6.02 4.21
C ARG C 70 -0.67 6.91 3.12
N LEU C 71 -1.43 7.92 2.72
CA LEU C 71 -0.97 8.90 1.74
C LEU C 71 0.06 9.83 2.37
N GLU C 72 -0.06 10.05 3.68
CA GLU C 72 0.82 10.97 4.38
C GLU C 72 2.13 10.26 4.76
N ALA C 73 2.14 8.95 4.66
CA ALA C 73 3.31 8.17 5.01
C ALA C 73 4.37 8.22 3.92
N VAL C 74 3.94 8.58 2.70
CA VAL C 74 4.85 8.71 1.57
C VAL C 74 5.96 9.69 1.89
N ARG C 75 7.17 9.18 2.06
CA ARG C 75 8.30 10.02 2.40
C ARG C 75 8.82 10.74 1.16
N ALA C 76 8.12 11.79 0.78
CA ALA C 76 8.55 12.64 -0.33
C ALA C 76 9.67 13.56 0.12
N ASP C 77 9.99 13.48 1.41
CA ASP C 77 11.02 14.29 2.02
C ASP C 77 12.42 13.72 1.74
N ARG C 78 12.45 12.63 0.97
CA ARG C 78 13.71 11.95 0.63
C ARG C 78 14.33 11.32 1.90
N MET C 79 13.51 11.18 2.92
CA MET C 79 13.94 10.60 4.18
C MET C 79 13.53 9.13 4.23
N ARG C 80 14.51 8.26 4.31
CA ARG C 80 14.28 6.81 4.30
C ARG C 80 13.83 6.30 5.66
N GLY C 81 12.72 6.82 6.16
CA GLY C 81 12.22 6.40 7.44
C GLY C 81 11.07 7.25 7.93
N GLY C 82 11.26 7.90 9.07
CA GLY C 82 10.21 8.72 9.63
C GLY C 82 9.25 7.91 10.48
N ARG C 83 9.76 6.81 11.02
CA ARG C 83 8.93 5.91 11.81
C ARG C 83 8.69 6.47 13.21
N ASN C 84 7.67 7.30 13.32
CA ASN C 84 7.27 7.86 14.62
C ASN C 84 5.81 8.28 14.55
N LYS C 85 5.40 8.83 13.41
CA LYS C 85 4.04 9.30 13.22
C LYS C 85 3.04 8.16 13.41
N PHE C 86 3.38 7.03 12.82
CA PHE C 86 2.49 5.88 12.83
C PHE C 86 2.94 4.87 13.89
N GLY C 87 3.85 5.31 14.74
CA GLY C 87 4.36 4.46 15.80
C GLY C 87 3.27 3.90 16.71
N PRO C 88 2.37 4.74 17.25
CA PRO C 88 1.29 4.28 18.14
C PRO C 88 0.44 3.19 17.51
N MET C 89 -0.03 3.43 16.29
CA MET C 89 -0.91 2.47 15.62
C MET C 89 -0.13 1.23 15.20
N TYR C 90 1.15 1.40 14.90
CA TYR C 90 2.00 0.28 14.51
C TYR C 90 2.09 -0.75 15.62
N LYS C 91 2.51 -0.31 16.81
CA LYS C 91 2.67 -1.21 17.94
C LYS C 91 1.32 -1.71 18.42
N ARG C 92 0.33 -0.83 18.43
CA ARG C 92 -0.98 -1.17 18.95
C ARG C 92 -1.67 -2.24 18.10
N ASP C 93 -1.81 -1.96 16.81
CA ASP C 93 -2.50 -2.87 15.90
C ASP C 93 -1.74 -4.16 15.70
N ARG C 94 -0.40 -4.08 15.71
CA ARG C 94 0.42 -5.27 15.61
C ARG C 94 0.22 -6.14 16.84
N ALA C 95 0.16 -5.49 18.02
CA ALA C 95 -0.05 -6.21 19.27
C ALA C 95 -1.40 -6.90 19.28
N LEU C 96 -2.38 -6.27 18.65
CA LEU C 96 -3.72 -6.85 18.54
C LEU C 96 -3.72 -8.05 17.61
N LYS C 97 -2.93 -7.96 16.55
CA LYS C 97 -2.83 -9.03 15.57
C LYS C 97 -2.01 -10.20 16.12
N GLN C 98 -0.97 -9.87 16.89
CA GLN C 98 -0.09 -10.86 17.47
C GLN C 98 -0.53 -11.21 18.89
N GLN C 99 -1.72 -10.76 19.27
CA GLN C 99 -2.24 -11.00 20.62
C GLN C 99 -2.42 -12.49 20.88
N LYS C 100 -3.43 -13.07 20.26
CA LYS C 100 -3.72 -14.48 20.39
C LYS C 100 -4.86 -14.86 19.45
N LYS C 101 -4.56 -15.74 18.52
CA LYS C 101 -5.56 -16.21 17.57
C LYS C 101 -6.43 -17.27 18.22
N ALA C 102 -7.43 -16.83 18.96
CA ALA C 102 -8.35 -17.71 19.64
C ALA C 102 -9.59 -16.95 20.08
ZN ZN D . 1.41 -5.79 -2.39
ZN ZN E . -9.40 -1.11 -14.03
N ASP C 1 4.30 -15.00 5.70
CA ASP C 1 3.42 -15.67 4.75
C ASP C 1 2.10 -14.92 4.56
N GLU C 2 2.09 -13.67 5.01
CA GLU C 2 0.95 -12.80 4.82
C GLU C 2 0.87 -12.37 3.36
N LEU C 3 -0.32 -12.01 2.92
CA LEU C 3 -0.53 -11.63 1.53
C LEU C 3 -0.88 -10.15 1.42
N CYS C 4 -0.38 -9.53 0.37
CA CYS C 4 -0.71 -8.16 0.05
C CYS C 4 -2.18 -8.09 -0.37
N PRO C 5 -3.03 -7.48 0.46
CA PRO C 5 -4.50 -7.55 0.32
C PRO C 5 -5.06 -6.82 -0.90
N VAL C 6 -4.19 -6.42 -1.81
CA VAL C 6 -4.62 -5.77 -3.03
C VAL C 6 -4.36 -6.65 -4.25
N CYS C 7 -3.10 -6.93 -4.49
CA CYS C 7 -2.68 -7.66 -5.68
C CYS C 7 -2.61 -9.17 -5.44
N GLY C 8 -2.50 -9.57 -4.18
CA GLY C 8 -2.46 -10.98 -3.85
C GLY C 8 -1.06 -11.57 -3.91
N ASP C 9 -0.06 -10.73 -3.71
CA ASP C 9 1.33 -11.20 -3.64
C ASP C 9 1.74 -11.39 -2.20
N LYS C 10 2.80 -12.14 -1.97
CA LYS C 10 3.31 -12.33 -0.62
C LYS C 10 3.99 -11.05 -0.14
N VAL C 11 3.77 -10.72 1.13
CA VAL C 11 4.30 -9.47 1.69
C VAL C 11 5.79 -9.54 1.92
N SER C 12 6.45 -8.38 1.85
CA SER C 12 7.88 -8.30 2.12
C SER C 12 8.12 -7.59 3.45
N GLY C 13 7.08 -6.93 3.97
CA GLY C 13 7.23 -6.22 5.22
C GLY C 13 6.21 -5.11 5.37
N TYR C 14 6.31 -4.37 6.47
CA TYR C 14 5.39 -3.29 6.78
C TYR C 14 5.74 -2.04 5.98
N HIS C 15 4.80 -1.59 5.16
CA HIS C 15 4.94 -0.35 4.41
C HIS C 15 3.65 0.44 4.47
N TYR C 16 3.73 1.64 5.04
CA TYR C 16 2.59 2.56 5.13
C TYR C 16 1.50 2.01 6.04
N GLY C 17 1.92 1.22 7.02
CA GLY C 17 0.98 0.67 7.99
C GLY C 17 0.56 -0.75 7.66
N LEU C 18 0.67 -1.10 6.39
CA LEU C 18 0.24 -2.41 5.92
C LEU C 18 1.41 -3.27 5.49
N LEU C 19 1.28 -4.57 5.67
CA LEU C 19 2.24 -5.49 5.13
C LEU C 19 2.03 -5.60 3.63
N THR C 20 3.00 -5.15 2.88
CA THR C 20 2.87 -5.09 1.44
C THR C 20 4.14 -5.58 0.76
N CYS C 21 4.05 -5.82 -0.53
CA CYS C 21 5.19 -6.25 -1.31
C CYS C 21 5.90 -5.03 -1.91
N GLU C 22 7.17 -5.19 -2.25
CA GLU C 22 7.94 -4.12 -2.86
C GLU C 22 7.28 -3.67 -4.16
N SER C 23 6.59 -4.62 -4.79
CA SER C 23 5.80 -4.36 -5.99
C SER C 23 4.87 -3.18 -5.79
N CYS C 24 4.05 -3.24 -4.75
CA CYS C 24 3.08 -2.20 -4.48
C CYS C 24 3.73 -0.99 -3.82
N LYS C 25 4.77 -1.23 -3.03
CA LYS C 25 5.54 -0.14 -2.46
C LYS C 25 6.04 0.79 -3.56
N GLY C 26 6.68 0.20 -4.57
CA GLY C 26 7.20 0.96 -5.68
C GLY C 26 6.10 1.64 -6.48
N PHE C 27 5.06 0.88 -6.82
CA PHE C 27 3.94 1.41 -7.59
C PHE C 27 3.26 2.55 -6.85
N PHE C 28 3.08 2.39 -5.55
CA PHE C 28 2.42 3.41 -4.74
C PHE C 28 3.22 4.70 -4.79
N LYS C 29 4.53 4.60 -4.56
CA LYS C 29 5.40 5.78 -4.61
C LYS C 29 5.33 6.46 -5.96
N ARG C 30 5.41 5.67 -7.03
CA ARG C 30 5.35 6.21 -8.38
C ARG C 30 4.10 7.05 -8.56
N THR C 31 2.99 6.54 -8.06
CA THR C 31 1.71 7.22 -8.18
C THR C 31 1.65 8.48 -7.32
N VAL C 32 1.87 8.34 -6.01
CA VAL C 32 1.69 9.45 -5.08
C VAL C 32 2.73 10.55 -5.26
N GLN C 33 3.99 10.17 -5.45
CA GLN C 33 5.08 11.14 -5.58
C GLN C 33 4.88 12.05 -6.78
N ASN C 34 4.41 11.49 -7.89
CA ASN C 34 4.24 12.28 -9.10
C ASN C 34 2.82 12.81 -9.19
N ASN C 35 1.99 12.40 -8.22
CA ASN C 35 0.58 12.79 -8.19
C ASN C 35 -0.13 12.31 -9.45
N LYS C 36 0.27 11.12 -9.86
CA LYS C 36 -0.21 10.51 -11.10
C LYS C 36 -1.68 10.14 -10.99
N HIS C 37 -2.46 10.62 -11.94
CA HIS C 37 -3.88 10.28 -12.01
C HIS C 37 -4.13 9.35 -13.17
N TYR C 38 -4.46 8.10 -12.86
CA TYR C 38 -4.77 7.12 -13.89
C TYR C 38 -6.23 7.22 -14.28
N THR C 39 -6.62 6.51 -15.31
CA THR C 39 -8.01 6.54 -15.75
C THR C 39 -8.48 5.16 -16.20
N CYS C 40 -9.54 4.68 -15.57
CA CYS C 40 -10.15 3.42 -15.94
C CYS C 40 -11.56 3.68 -16.46
N THR C 41 -12.29 4.53 -15.73
CA THR C 41 -13.70 4.88 -16.03
C THR C 41 -14.61 3.65 -16.15
N GLU C 42 -15.91 3.91 -16.29
CA GLU C 42 -16.94 2.86 -16.34
C GLU C 42 -17.04 2.10 -15.02
N SER C 43 -15.96 1.49 -14.61
CA SER C 43 -15.87 0.79 -13.35
C SER C 43 -14.52 1.06 -12.69
N GLN C 44 -14.47 2.08 -11.86
CA GLN C 44 -13.24 2.43 -11.16
C GLN C 44 -12.87 1.35 -10.15
N SER C 45 -13.82 0.49 -9.86
CA SER C 45 -13.61 -0.64 -8.99
C SER C 45 -13.63 -1.93 -9.79
N CYS C 46 -12.50 -2.26 -10.39
CA CYS C 46 -12.35 -3.51 -11.10
C CYS C 46 -11.75 -4.57 -10.19
N LYS C 47 -11.84 -5.83 -10.61
CA LYS C 47 -11.33 -6.95 -9.82
C LYS C 47 -9.82 -6.98 -9.84
N ILE C 48 -9.19 -6.49 -8.78
CA ILE C 48 -7.75 -6.50 -8.69
C ILE C 48 -7.25 -7.90 -8.38
N ASP C 49 -6.57 -8.48 -9.34
CA ASP C 49 -6.07 -9.82 -9.26
C ASP C 49 -4.68 -9.86 -9.88
N LYS C 50 -4.06 -11.01 -9.96
CA LYS C 50 -2.76 -11.14 -10.58
C LYS C 50 -2.91 -11.04 -12.09
N THR C 51 -4.14 -11.21 -12.54
CA THR C 51 -4.48 -11.01 -13.94
C THR C 51 -4.65 -9.52 -14.28
N GLN C 52 -5.44 -8.82 -13.48
CA GLN C 52 -5.74 -7.41 -13.75
C GLN C 52 -4.84 -6.46 -12.96
N ARG C 53 -3.72 -6.97 -12.47
CA ARG C 53 -2.80 -6.18 -11.67
C ARG C 53 -2.19 -5.02 -12.46
N LYS C 54 -1.86 -5.27 -13.73
CA LYS C 54 -1.36 -4.23 -14.61
C LYS C 54 -2.50 -3.64 -15.44
N ARG C 55 -3.59 -4.39 -15.53
CA ARG C 55 -4.70 -4.01 -16.39
C ARG C 55 -5.45 -2.81 -15.84
N CYS C 56 -5.58 -2.73 -14.52
CA CYS C 56 -6.20 -1.59 -13.89
C CYS C 56 -5.29 -0.99 -12.81
N PRO C 57 -4.35 -0.11 -13.22
CA PRO C 57 -3.44 0.55 -12.29
C PRO C 57 -4.19 1.48 -11.34
N PHE C 58 -5.19 2.16 -11.88
CA PHE C 58 -6.02 3.07 -11.08
C PHE C 58 -6.79 2.29 -10.02
N CYS C 59 -7.43 1.21 -10.44
CA CYS C 59 -8.20 0.38 -9.53
C CYS C 59 -7.29 -0.26 -8.48
N ARG C 60 -6.07 -0.60 -8.90
CA ARG C 60 -5.07 -1.15 -8.00
C ARG C 60 -4.74 -0.12 -6.92
N PHE C 61 -4.52 1.11 -7.35
CA PHE C 61 -4.26 2.22 -6.44
C PHE C 61 -5.46 2.44 -5.52
N GLN C 62 -6.65 2.43 -6.10
CA GLN C 62 -7.88 2.57 -5.34
C GLN C 62 -7.98 1.51 -4.25
N LYS C 63 -7.54 0.30 -4.55
CA LYS C 63 -7.57 -0.77 -3.54
C LYS C 63 -6.45 -0.58 -2.52
N CYS C 64 -5.36 0.05 -2.92
CA CYS C 64 -4.31 0.38 -1.96
C CYS C 64 -4.90 1.23 -0.84
N LEU C 65 -5.69 2.22 -1.20
CA LEU C 65 -6.41 3.02 -0.22
C LEU C 65 -7.56 2.22 0.39
N THR C 66 -8.13 1.33 -0.41
CA THR C 66 -9.18 0.41 0.02
C THR C 66 -8.73 -0.42 1.24
N VAL C 67 -7.54 -0.98 1.15
CA VAL C 67 -7.03 -1.83 2.22
C VAL C 67 -6.47 -1.00 3.37
N GLY C 68 -5.94 0.18 3.06
CA GLY C 68 -5.55 1.10 4.11
C GLY C 68 -4.10 1.55 4.02
N MET C 69 -3.58 1.70 2.81
CA MET C 69 -2.23 2.22 2.65
C MET C 69 -2.23 3.74 2.81
N ARG C 70 -1.45 4.22 3.77
CA ARG C 70 -1.48 5.63 4.15
C ARG C 70 -0.91 6.53 3.05
N LEU C 71 -1.71 7.52 2.66
CA LEU C 71 -1.33 8.47 1.62
C LEU C 71 -0.33 9.48 2.17
N GLU C 72 -0.64 9.99 3.36
CA GLU C 72 0.16 11.03 3.99
C GLU C 72 1.42 10.45 4.61
N ALA C 73 1.64 9.15 4.45
CA ALA C 73 2.82 8.50 4.98
C ALA C 73 4.01 8.71 4.07
N VAL C 74 3.75 8.85 2.78
CA VAL C 74 4.80 9.03 1.81
C VAL C 74 5.43 10.41 1.93
N ARG C 75 6.73 10.47 1.71
CA ARG C 75 7.43 11.74 1.70
C ARG C 75 7.98 12.02 0.32
N ALA C 76 7.17 12.68 -0.51
CA ALA C 76 7.59 13.12 -1.84
C ALA C 76 8.78 14.07 -1.76
N ASP C 77 9.03 14.61 -0.56
CA ASP C 77 10.19 15.44 -0.31
C ASP C 77 11.47 14.62 -0.31
N ARG C 78 11.31 13.32 -0.52
CA ARG C 78 12.41 12.37 -0.64
C ARG C 78 13.18 12.24 0.66
N MET C 79 12.68 11.36 1.53
CA MET C 79 13.32 11.08 2.80
C MET C 79 13.19 9.60 3.11
N ARG C 80 14.31 8.92 3.27
CA ARG C 80 14.32 7.47 3.49
C ARG C 80 14.02 7.12 4.94
N GLY C 81 12.84 7.53 5.40
CA GLY C 81 12.44 7.29 6.76
C GLY C 81 11.37 8.27 7.20
N GLY C 82 11.61 8.91 8.33
CA GLY C 82 10.66 9.89 8.84
C GLY C 82 9.42 9.24 9.42
N ARG C 83 9.63 8.25 10.27
CA ARG C 83 8.53 7.50 10.86
C ARG C 83 8.01 8.22 12.10
N ASN C 84 7.10 9.15 11.91
CA ASN C 84 6.58 9.94 13.02
C ASN C 84 5.07 9.74 13.15
N LYS C 85 4.34 10.13 12.11
CA LYS C 85 2.89 10.08 12.13
C LYS C 85 2.39 8.64 12.29
N PHE C 86 3.02 7.72 11.59
CA PHE C 86 2.61 6.31 11.63
C PHE C 86 3.76 5.44 12.13
N GLY C 87 4.72 6.07 12.80
CA GLY C 87 5.90 5.35 13.27
C GLY C 87 5.57 4.28 14.31
N PRO C 88 4.98 4.67 15.45
CA PRO C 88 4.68 3.75 16.56
C PRO C 88 3.82 2.55 16.16
N MET C 89 2.92 2.74 15.19
CA MET C 89 1.98 1.68 14.81
C MET C 89 2.70 0.47 14.24
N TYR C 90 3.85 0.70 13.62
CA TYR C 90 4.65 -0.39 13.05
C TYR C 90 5.07 -1.37 14.12
N LYS C 91 5.72 -0.86 15.15
CA LYS C 91 6.18 -1.71 16.25
C LYS C 91 5.01 -2.17 17.09
N ARG C 92 3.90 -1.46 17.00
CA ARG C 92 2.66 -1.88 17.61
C ARG C 92 2.23 -3.21 17.02
N ASP C 93 2.09 -3.24 15.70
CA ASP C 93 1.72 -4.46 14.99
C ASP C 93 2.74 -5.56 15.23
N ARG C 94 4.00 -5.19 15.37
CA ARG C 94 5.05 -6.13 15.75
C ARG C 94 4.68 -6.87 17.03
N ALA C 95 4.31 -6.10 18.06
CA ALA C 95 4.00 -6.66 19.37
C ALA C 95 2.65 -7.38 19.36
N LEU C 96 1.76 -6.96 18.48
CA LEU C 96 0.43 -7.57 18.38
C LEU C 96 0.50 -8.92 17.68
N LYS C 97 1.21 -8.96 16.56
CA LYS C 97 1.26 -10.15 15.72
C LYS C 97 2.21 -11.20 16.28
N GLN C 98 3.06 -10.80 17.21
CA GLN C 98 3.95 -11.76 17.87
C GLN C 98 3.19 -12.47 19.00
N GLN C 99 2.13 -11.83 19.47
CA GLN C 99 1.31 -12.38 20.53
C GLN C 99 0.53 -13.57 19.99
N LYS C 100 0.86 -14.76 20.51
CA LYS C 100 0.31 -16.03 20.02
C LYS C 100 0.79 -16.32 18.59
N LYS C 101 1.59 -15.41 18.03
CA LYS C 101 2.07 -15.53 16.66
C LYS C 101 0.91 -15.60 15.68
N ALA C 102 -0.17 -14.91 16.00
CA ALA C 102 -1.36 -14.91 15.17
C ALA C 102 -2.16 -13.63 15.35
ZN ZN D . 1.11 -6.01 -3.36
ZN ZN E . -10.39 -0.87 -13.69
N ASP C 1 1.53 -15.02 8.27
CA ASP C 1 0.23 -15.33 7.68
C ASP C 1 -0.37 -14.10 7.00
N GLU C 2 0.46 -13.09 6.80
CA GLU C 2 0.01 -11.86 6.16
C GLU C 2 0.25 -11.93 4.66
N LEU C 3 -0.66 -11.34 3.91
CA LEU C 3 -0.53 -11.21 2.47
C LEU C 3 -0.95 -9.81 2.08
N CYS C 4 -0.45 -9.32 0.96
CA CYS C 4 -0.79 -7.98 0.49
C CYS C 4 -2.26 -7.94 0.10
N PRO C 5 -3.09 -7.22 0.89
CA PRO C 5 -4.53 -7.19 0.70
C PRO C 5 -4.96 -6.36 -0.51
N VAL C 6 -4.00 -6.02 -1.34
CA VAL C 6 -4.28 -5.28 -2.55
C VAL C 6 -4.23 -6.20 -3.77
N CYS C 7 -3.09 -6.85 -3.97
CA CYS C 7 -2.88 -7.65 -5.17
C CYS C 7 -2.83 -9.15 -4.87
N GLY C 8 -2.71 -9.51 -3.60
CA GLY C 8 -2.63 -10.91 -3.22
C GLY C 8 -1.22 -11.47 -3.32
N ASP C 9 -0.23 -10.60 -3.15
CA ASP C 9 1.16 -11.03 -3.13
C ASP C 9 1.63 -11.20 -1.69
N LYS C 10 2.82 -11.77 -1.52
CA LYS C 10 3.37 -11.96 -0.18
C LYS C 10 3.83 -10.62 0.38
N VAL C 11 3.79 -10.49 1.69
CA VAL C 11 4.18 -9.24 2.33
C VAL C 11 5.70 -9.10 2.41
N SER C 12 6.17 -7.87 2.35
CA SER C 12 7.57 -7.58 2.51
C SER C 12 7.79 -6.92 3.88
N GLY C 13 6.72 -6.88 4.66
CA GLY C 13 6.78 -6.30 5.99
C GLY C 13 5.87 -5.09 6.12
N TYR C 14 5.88 -4.47 7.28
CA TYR C 14 5.11 -3.25 7.52
C TYR C 14 5.55 -2.15 6.55
N HIS C 15 4.63 -1.69 5.72
CA HIS C 15 4.92 -0.63 4.77
C HIS C 15 3.81 0.41 4.78
N TYR C 16 4.13 1.62 5.26
CA TYR C 16 3.23 2.77 5.25
C TYR C 16 2.12 2.65 6.29
N GLY C 17 1.39 1.54 6.25
CA GLY C 17 0.30 1.34 7.19
C GLY C 17 0.00 -0.13 7.40
N LEU C 18 0.07 -0.92 6.34
CA LEU C 18 -0.19 -2.34 6.41
C LEU C 18 1.05 -3.11 6.00
N LEU C 19 1.00 -4.42 6.12
CA LEU C 19 2.05 -5.26 5.58
C LEU C 19 1.80 -5.46 4.09
N THR C 20 2.59 -4.78 3.28
CA THR C 20 2.44 -4.83 1.84
C THR C 20 3.71 -5.34 1.18
N CYS C 21 3.65 -5.60 -0.11
CA CYS C 21 4.79 -6.11 -0.85
C CYS C 21 5.55 -4.96 -1.50
N GLU C 22 6.84 -5.20 -1.78
CA GLU C 22 7.65 -4.23 -2.51
C GLU C 22 7.03 -3.91 -3.87
N SER C 23 6.27 -4.86 -4.40
CA SER C 23 5.59 -4.68 -5.66
C SER C 23 4.63 -3.48 -5.60
N CYS C 24 3.83 -3.44 -4.54
CA CYS C 24 2.87 -2.34 -4.37
C CYS C 24 3.55 -1.12 -3.77
N LYS C 25 4.51 -1.34 -2.88
CA LYS C 25 5.31 -0.25 -2.34
C LYS C 25 6.00 0.53 -3.46
N GLY C 26 6.59 -0.20 -4.40
CA GLY C 26 7.22 0.43 -5.55
C GLY C 26 6.22 1.09 -6.46
N PHE C 27 5.13 0.38 -6.76
CA PHE C 27 4.05 0.91 -7.60
C PHE C 27 3.48 2.20 -6.99
N PHE C 28 3.28 2.18 -5.69
CA PHE C 28 2.74 3.33 -4.97
C PHE C 28 3.66 4.53 -5.17
N LYS C 29 4.95 4.33 -4.89
CA LYS C 29 5.93 5.39 -5.06
C LYS C 29 5.98 5.92 -6.49
N ARG C 30 5.96 5.00 -7.46
CA ARG C 30 5.94 5.38 -8.86
C ARG C 30 4.78 6.32 -9.16
N THR C 31 3.63 5.99 -8.60
CA THR C 31 2.42 6.75 -8.81
C THR C 31 2.49 8.12 -8.12
N VAL C 32 2.75 8.11 -6.82
CA VAL C 32 2.75 9.34 -6.02
C VAL C 32 3.81 10.34 -6.46
N GLN C 33 5.01 9.84 -6.73
CA GLN C 33 6.14 10.70 -7.05
C GLN C 33 6.00 11.36 -8.43
N ASN C 34 5.23 10.76 -9.33
CA ASN C 34 5.05 11.33 -10.64
C ASN C 34 3.66 11.91 -10.80
N ASN C 35 2.88 11.86 -9.72
CA ASN C 35 1.51 12.40 -9.72
C ASN C 35 0.68 11.68 -10.77
N LYS C 36 0.90 10.37 -10.87
CA LYS C 36 0.29 9.58 -11.90
C LYS C 36 -1.18 9.31 -11.61
N HIS C 37 -2.05 9.93 -12.39
CA HIS C 37 -3.47 9.69 -12.29
C HIS C 37 -3.91 8.80 -13.43
N TYR C 38 -4.28 7.57 -13.10
CA TYR C 38 -4.64 6.58 -14.11
C TYR C 38 -6.11 6.66 -14.46
N THR C 39 -6.58 5.74 -15.28
CA THR C 39 -7.97 5.73 -15.72
C THR C 39 -8.47 4.30 -15.83
N CYS C 40 -9.78 4.13 -15.80
CA CYS C 40 -10.39 2.82 -15.90
C CYS C 40 -11.72 2.90 -16.65
N THR C 41 -12.09 1.80 -17.29
CA THR C 41 -13.33 1.74 -18.06
C THR C 41 -14.50 1.29 -17.19
N GLU C 42 -15.68 1.23 -17.81
CA GLU C 42 -16.90 0.75 -17.17
C GLU C 42 -17.33 1.65 -16.00
N SER C 43 -16.79 1.37 -14.83
CA SER C 43 -17.16 2.10 -13.63
C SER C 43 -15.98 2.26 -12.68
N GLN C 44 -14.79 1.81 -13.12
CA GLN C 44 -13.58 1.82 -12.31
C GLN C 44 -13.68 0.83 -11.15
N SER C 45 -14.77 0.07 -11.12
CA SER C 45 -15.00 -0.90 -10.05
C SER C 45 -14.44 -2.26 -10.44
N CYS C 46 -13.13 -2.35 -10.48
CA CYS C 46 -12.45 -3.59 -10.81
C CYS C 46 -11.79 -4.18 -9.57
N LYS C 47 -11.44 -5.45 -9.65
CA LYS C 47 -10.80 -6.13 -8.53
C LYS C 47 -9.33 -6.37 -8.85
N ILE C 48 -8.49 -6.25 -7.85
CA ILE C 48 -7.06 -6.41 -8.05
C ILE C 48 -6.60 -7.79 -7.59
N ASP C 49 -6.03 -8.53 -8.54
CA ASP C 49 -5.58 -9.89 -8.29
C ASP C 49 -4.19 -10.07 -8.89
N LYS C 50 -3.65 -11.29 -8.81
CA LYS C 50 -2.32 -11.59 -9.33
C LYS C 50 -2.20 -11.18 -10.81
N THR C 51 -3.23 -11.50 -11.57
CA THR C 51 -3.25 -11.19 -12.99
C THR C 51 -3.76 -9.77 -13.25
N GLN C 52 -4.57 -9.23 -12.34
CA GLN C 52 -5.21 -7.94 -12.55
C GLN C 52 -4.41 -6.80 -11.94
N ARG C 53 -3.25 -7.11 -11.38
CA ARG C 53 -2.43 -6.10 -10.71
C ARG C 53 -1.78 -5.16 -11.73
N LYS C 54 -1.52 -5.65 -12.94
CA LYS C 54 -0.98 -4.82 -14.00
C LYS C 54 -2.08 -4.28 -14.91
N ARG C 55 -3.30 -4.75 -14.72
CA ARG C 55 -4.42 -4.39 -15.60
C ARG C 55 -4.97 -3.02 -15.26
N CYS C 56 -5.52 -2.86 -14.06
CA CYS C 56 -6.07 -1.58 -13.65
C CYS C 56 -5.20 -0.93 -12.58
N PRO C 57 -4.29 -0.04 -13.00
CA PRO C 57 -3.39 0.65 -12.08
C PRO C 57 -4.15 1.61 -11.17
N PHE C 58 -5.21 2.22 -11.71
CA PHE C 58 -6.02 3.16 -10.95
C PHE C 58 -6.79 2.41 -9.85
N CYS C 59 -7.41 1.30 -10.22
CA CYS C 59 -8.15 0.49 -9.27
C CYS C 59 -7.19 -0.05 -8.20
N ARG C 60 -6.00 -0.42 -8.62
CA ARG C 60 -4.98 -0.93 -7.71
C ARG C 60 -4.50 0.17 -6.77
N PHE C 61 -4.30 1.36 -7.32
CA PHE C 61 -3.88 2.50 -6.53
C PHE C 61 -4.91 2.82 -5.46
N GLN C 62 -6.19 2.87 -5.87
CA GLN C 62 -7.27 3.10 -4.94
C GLN C 62 -7.36 1.96 -3.92
N LYS C 63 -7.10 0.75 -4.38
CA LYS C 63 -7.11 -0.42 -3.51
C LYS C 63 -6.05 -0.27 -2.42
N CYS C 64 -4.88 0.24 -2.79
CA CYS C 64 -3.81 0.47 -1.84
C CYS C 64 -4.25 1.48 -0.78
N LEU C 65 -4.82 2.59 -1.23
CA LEU C 65 -5.29 3.64 -0.34
C LEU C 65 -6.43 3.13 0.54
N THR C 66 -7.41 2.49 -0.11
CA THR C 66 -8.53 1.87 0.56
C THR C 66 -8.04 0.98 1.69
N VAL C 67 -7.02 0.19 1.40
CA VAL C 67 -6.50 -0.75 2.32
C VAL C 67 -5.89 -0.05 3.54
N GLY C 68 -5.42 1.19 3.36
CA GLY C 68 -4.87 1.91 4.49
C GLY C 68 -3.57 2.62 4.17
N MET C 69 -3.09 2.47 2.95
CA MET C 69 -1.90 3.18 2.53
C MET C 69 -2.26 4.63 2.24
N ARG C 70 -1.63 5.55 2.95
CA ARG C 70 -2.00 6.96 2.85
C ARG C 70 -1.14 7.68 1.83
N LEU C 71 -1.72 8.70 1.22
CA LEU C 71 -1.01 9.52 0.23
C LEU C 71 0.06 10.36 0.92
N GLU C 72 -0.26 10.82 2.11
CA GLU C 72 0.67 11.63 2.90
C GLU C 72 1.65 10.75 3.67
N ALA C 73 1.58 9.44 3.43
CA ALA C 73 2.47 8.50 4.10
C ALA C 73 3.77 8.32 3.33
N VAL C 74 3.74 8.67 2.04
CA VAL C 74 4.91 8.56 1.20
C VAL C 74 5.68 9.88 1.16
N ARG C 75 6.92 9.84 1.61
CA ARG C 75 7.78 11.01 1.56
C ARG C 75 8.19 11.30 0.12
N ALA C 76 7.58 12.34 -0.45
CA ALA C 76 7.88 12.73 -1.82
C ALA C 76 9.15 13.56 -1.88
N ASP C 77 9.45 14.21 -0.78
CA ASP C 77 10.65 15.03 -0.64
C ASP C 77 11.91 14.23 -1.03
N ARG C 78 12.38 13.39 -0.12
CA ARG C 78 13.58 12.59 -0.35
C ARG C 78 14.00 11.87 0.93
N MET C 79 13.82 12.56 2.06
CA MET C 79 14.21 12.02 3.36
C MET C 79 13.61 10.65 3.62
N ARG C 80 14.48 9.68 3.82
CA ARG C 80 14.08 8.30 4.06
C ARG C 80 13.65 8.10 5.50
N GLY C 81 12.63 8.84 5.91
CA GLY C 81 12.10 8.74 7.24
C GLY C 81 11.19 7.55 7.39
N GLY C 82 11.63 6.57 8.19
CA GLY C 82 10.84 5.39 8.43
C GLY C 82 9.42 5.72 8.84
N ARG C 83 9.28 6.61 9.81
CA ARG C 83 7.98 7.10 10.20
C ARG C 83 7.93 8.62 10.08
N ASN C 84 6.90 9.13 9.41
CA ASN C 84 6.75 10.56 9.22
C ASN C 84 5.67 11.13 10.13
N LYS C 85 4.43 10.81 9.85
CA LYS C 85 3.30 11.29 10.66
C LYS C 85 2.64 10.12 11.37
N PHE C 86 2.50 9.01 10.64
CA PHE C 86 1.76 7.86 11.15
C PHE C 86 2.65 6.98 12.00
N GLY C 87 3.25 7.60 13.01
CA GLY C 87 4.08 6.88 13.95
C GLY C 87 3.28 6.08 14.97
N PRO C 88 2.42 6.76 15.78
CA PRO C 88 1.62 6.10 16.82
C PRO C 88 0.81 4.91 16.33
N MET C 89 0.03 5.11 15.27
CA MET C 89 -0.82 4.04 14.74
C MET C 89 0.01 2.85 14.28
N TYR C 90 1.24 3.13 13.85
CA TYR C 90 2.15 2.10 13.36
C TYR C 90 2.63 1.27 14.53
N LYS C 91 3.07 1.96 15.58
CA LYS C 91 3.55 1.31 16.79
C LYS C 91 2.43 0.51 17.45
N ARG C 92 1.24 1.09 17.49
CA ARG C 92 0.09 0.45 18.10
C ARG C 92 -0.28 -0.84 17.37
N ASP C 93 -0.32 -0.78 16.05
CA ASP C 93 -0.70 -1.94 15.24
C ASP C 93 0.29 -3.08 15.46
N ARG C 94 1.57 -2.74 15.40
CA ARG C 94 2.62 -3.74 15.61
C ARG C 94 2.62 -4.24 17.05
N ALA C 95 2.39 -3.33 17.99
CA ALA C 95 2.38 -3.68 19.41
C ALA C 95 1.33 -4.75 19.69
N LEU C 96 0.12 -4.53 19.20
CA LEU C 96 -0.97 -5.47 19.39
C LEU C 96 -0.70 -6.77 18.64
N LYS C 97 -0.09 -6.63 17.47
CA LYS C 97 0.26 -7.78 16.65
C LYS C 97 1.27 -8.68 17.36
N GLN C 98 2.36 -8.07 17.83
CA GLN C 98 3.43 -8.81 18.49
C GLN C 98 2.99 -9.25 19.88
N GLN C 99 1.98 -8.56 20.42
CA GLN C 99 1.47 -8.85 21.76
C GLN C 99 0.68 -10.15 21.76
N LYS C 100 1.38 -11.24 21.95
CA LYS C 100 0.77 -12.56 22.07
C LYS C 100 1.39 -13.28 23.25
N LYS C 101 0.69 -13.30 24.38
CA LYS C 101 1.19 -13.91 25.61
C LYS C 101 2.35 -13.09 26.18
N ALA C 102 2.27 -12.74 27.45
CA ALA C 102 3.32 -11.98 28.10
C ALA C 102 4.36 -12.93 28.70
ZN ZN D . 0.88 -5.97 -3.22
ZN ZN E . -10.30 -1.10 -13.30
N ASP C 1 4.31 -14.30 5.78
CA ASP C 1 3.77 -15.30 4.86
C ASP C 1 2.41 -14.86 4.31
N GLU C 2 1.94 -13.71 4.77
CA GLU C 2 0.64 -13.21 4.38
C GLU C 2 0.69 -12.62 2.97
N LEU C 3 -0.45 -12.56 2.34
CA LEU C 3 -0.56 -12.02 1.00
C LEU C 3 -1.04 -10.57 1.06
N CYS C 4 -0.53 -9.76 0.15
CA CYS C 4 -0.95 -8.37 0.05
C CYS C 4 -2.40 -8.28 -0.37
N PRO C 5 -3.22 -7.55 0.37
CA PRO C 5 -4.63 -7.35 0.04
C PRO C 5 -4.81 -6.49 -1.21
N VAL C 6 -3.70 -6.00 -1.74
CA VAL C 6 -3.71 -5.21 -2.97
C VAL C 6 -3.46 -6.11 -4.18
N CYS C 7 -2.27 -6.69 -4.26
CA CYS C 7 -1.87 -7.45 -5.44
C CYS C 7 -2.13 -8.94 -5.28
N GLY C 8 -2.10 -9.44 -4.05
CA GLY C 8 -2.39 -10.84 -3.81
C GLY C 8 -1.15 -11.72 -3.72
N ASP C 9 0.01 -11.12 -3.51
CA ASP C 9 1.24 -11.88 -3.35
C ASP C 9 1.85 -11.64 -1.98
N LYS C 10 2.82 -12.49 -1.61
CA LYS C 10 3.43 -12.42 -0.28
C LYS C 10 3.93 -11.03 0.07
N VAL C 11 3.55 -10.57 1.25
CA VAL C 11 3.96 -9.27 1.74
C VAL C 11 5.45 -9.26 2.08
N SER C 12 6.06 -8.10 1.99
CA SER C 12 7.46 -7.94 2.35
C SER C 12 7.57 -7.39 3.76
N GLY C 13 6.43 -7.29 4.43
CA GLY C 13 6.40 -6.79 5.78
C GLY C 13 5.50 -5.58 5.93
N TYR C 14 5.53 -4.96 7.08
CA TYR C 14 4.76 -3.75 7.34
C TYR C 14 5.36 -2.58 6.59
N HIS C 15 4.53 -1.87 5.83
CA HIS C 15 5.01 -0.67 5.13
C HIS C 15 3.99 0.46 5.24
N TYR C 16 3.25 0.72 4.18
CA TYR C 16 2.36 1.87 4.15
C TYR C 16 1.02 1.54 4.82
N GLY C 17 1.00 1.62 6.13
CA GLY C 17 -0.24 1.47 6.87
C GLY C 17 -0.59 0.01 7.16
N LEU C 18 0.01 -0.91 6.44
CA LEU C 18 -0.23 -2.33 6.65
C LEU C 18 0.85 -3.17 5.98
N LEU C 19 0.64 -4.47 5.94
CA LEU C 19 1.58 -5.39 5.34
C LEU C 19 1.46 -5.33 3.83
N THR C 20 2.55 -4.97 3.18
CA THR C 20 2.59 -4.84 1.73
C THR C 20 3.96 -5.26 1.20
N CYS C 21 4.02 -5.70 -0.04
CA CYS C 21 5.28 -6.07 -0.64
C CYS C 21 5.94 -4.87 -1.29
N GLU C 22 7.16 -5.06 -1.76
CA GLU C 22 7.91 -3.99 -2.39
C GLU C 22 7.20 -3.49 -3.65
N SER C 23 6.47 -4.38 -4.30
CA SER C 23 5.73 -4.03 -5.51
C SER C 23 4.62 -3.03 -5.20
N CYS C 24 3.96 -3.22 -4.06
CA CYS C 24 2.85 -2.35 -3.66
C CYS C 24 3.33 -0.91 -3.50
N LYS C 25 4.30 -0.69 -2.62
CA LYS C 25 4.80 0.65 -2.37
C LYS C 25 5.61 1.17 -3.55
N GLY C 26 6.11 0.24 -4.37
CA GLY C 26 6.85 0.63 -5.55
C GLY C 26 5.99 1.42 -6.52
N PHE C 27 4.90 0.80 -6.97
CA PHE C 27 4.01 1.44 -7.92
C PHE C 27 3.28 2.61 -7.28
N PHE C 28 2.85 2.42 -6.04
CA PHE C 28 2.10 3.44 -5.32
C PHE C 28 2.86 4.75 -5.25
N LYS C 29 4.11 4.70 -4.80
CA LYS C 29 4.90 5.90 -4.62
C LYS C 29 5.35 6.46 -5.96
N ARG C 30 5.63 5.56 -6.91
CA ARG C 30 5.94 5.97 -8.29
C ARG C 30 4.83 6.89 -8.82
N THR C 31 3.59 6.49 -8.57
CA THR C 31 2.44 7.23 -9.04
C THR C 31 2.32 8.59 -8.35
N VAL C 32 2.31 8.58 -7.03
CA VAL C 32 2.11 9.81 -6.25
C VAL C 32 3.22 10.83 -6.46
N GLN C 33 4.47 10.38 -6.46
CA GLN C 33 5.62 11.27 -6.56
C GLN C 33 5.64 12.00 -7.91
N ASN C 34 5.00 11.42 -8.91
CA ASN C 34 4.96 12.03 -10.23
C ASN C 34 3.59 12.62 -10.51
N ASN C 35 2.73 12.63 -9.47
CA ASN C 35 1.40 13.24 -9.55
C ASN C 35 0.58 12.58 -10.65
N LYS C 36 0.83 11.31 -10.86
CA LYS C 36 0.25 10.59 -11.96
C LYS C 36 -1.17 10.12 -11.65
N HIS C 37 -2.05 10.30 -12.62
CA HIS C 37 -3.41 9.79 -12.51
C HIS C 37 -3.75 8.95 -13.73
N TYR C 38 -4.12 7.71 -13.50
CA TYR C 38 -4.44 6.79 -14.57
C TYR C 38 -5.94 6.74 -14.79
N THR C 39 -6.35 6.31 -15.97
CA THR C 39 -7.76 6.28 -16.30
C THR C 39 -8.16 4.89 -16.79
N CYS C 40 -9.14 4.30 -16.13
CA CYS C 40 -9.70 3.02 -16.55
C CYS C 40 -11.15 3.24 -16.97
N THR C 41 -11.56 4.50 -16.95
CA THR C 41 -12.91 4.93 -17.28
C THR C 41 -13.88 4.55 -16.17
N GLU C 42 -14.35 5.56 -15.44
CA GLU C 42 -15.22 5.38 -14.27
C GLU C 42 -14.46 4.74 -13.11
N SER C 43 -15.19 4.34 -12.08
CA SER C 43 -14.59 3.74 -10.90
C SER C 43 -14.13 2.32 -11.18
N GLN C 44 -14.87 1.64 -12.07
CA GLN C 44 -14.49 0.31 -12.59
C GLN C 44 -14.67 -0.79 -11.57
N SER C 45 -14.08 -0.61 -10.39
CA SER C 45 -14.12 -1.62 -9.32
C SER C 45 -13.44 -2.91 -9.79
N CYS C 46 -12.46 -2.79 -10.68
CA CYS C 46 -11.71 -3.93 -11.20
C CYS C 46 -11.06 -4.70 -10.05
N LYS C 47 -11.09 -6.02 -10.13
CA LYS C 47 -10.52 -6.86 -9.08
C LYS C 47 -9.02 -7.00 -9.25
N ILE C 48 -8.29 -6.34 -8.38
CA ILE C 48 -6.84 -6.39 -8.40
C ILE C 48 -6.37 -7.71 -7.80
N ASP C 49 -5.72 -8.51 -8.63
CA ASP C 49 -5.22 -9.81 -8.21
C ASP C 49 -3.89 -10.06 -8.92
N LYS C 50 -3.42 -11.29 -8.96
CA LYS C 50 -2.16 -11.59 -9.62
C LYS C 50 -2.32 -11.44 -11.14
N THR C 51 -3.55 -11.57 -11.59
CA THR C 51 -3.87 -11.49 -13.00
C THR C 51 -4.00 -10.03 -13.48
N GLN C 52 -4.78 -9.23 -12.78
CA GLN C 52 -5.13 -7.89 -13.25
C GLN C 52 -4.33 -6.80 -12.55
N ARG C 53 -3.33 -7.21 -11.77
CA ARG C 53 -2.50 -6.26 -11.01
C ARG C 53 -1.89 -5.16 -11.89
N LYS C 54 -1.40 -5.55 -13.05
CA LYS C 54 -0.73 -4.61 -13.94
C LYS C 54 -1.68 -4.06 -14.99
N ARG C 55 -2.88 -4.62 -15.07
CA ARG C 55 -3.83 -4.25 -16.11
C ARG C 55 -4.44 -2.89 -15.83
N CYS C 56 -4.82 -2.66 -14.59
CA CYS C 56 -5.45 -1.41 -14.20
C CYS C 56 -4.63 -0.67 -13.16
N PRO C 57 -3.73 0.22 -13.59
CA PRO C 57 -2.92 1.03 -12.69
C PRO C 57 -3.79 1.91 -11.79
N PHE C 58 -4.84 2.49 -12.38
CA PHE C 58 -5.79 3.31 -11.63
C PHE C 58 -6.50 2.49 -10.55
N CYS C 59 -6.97 1.31 -10.94
CA CYS C 59 -7.68 0.44 -10.02
C CYS C 59 -6.74 -0.08 -8.94
N ARG C 60 -5.50 -0.37 -9.32
CA ARG C 60 -4.49 -0.84 -8.38
C ARG C 60 -4.14 0.27 -7.40
N PHE C 61 -4.10 1.50 -7.90
CA PHE C 61 -3.85 2.66 -7.07
C PHE C 61 -4.90 2.77 -5.96
N GLN C 62 -6.16 2.83 -6.37
CA GLN C 62 -7.27 2.91 -5.42
C GLN C 62 -7.26 1.72 -4.48
N LYS C 63 -6.88 0.55 -4.99
CA LYS C 63 -6.76 -0.65 -4.18
C LYS C 63 -5.77 -0.42 -3.03
N CYS C 64 -4.65 0.22 -3.34
CA CYS C 64 -3.64 0.54 -2.33
C CYS C 64 -4.24 1.44 -1.25
N LEU C 65 -4.87 2.53 -1.67
CA LEU C 65 -5.49 3.47 -0.74
C LEU C 65 -6.59 2.81 0.09
N THR C 66 -7.24 1.81 -0.50
CA THR C 66 -8.33 1.10 0.17
C THR C 66 -7.84 0.33 1.39
N VAL C 67 -6.77 -0.44 1.21
CA VAL C 67 -6.33 -1.38 2.24
C VAL C 67 -5.66 -0.65 3.42
N GLY C 68 -5.25 0.59 3.22
CA GLY C 68 -4.65 1.34 4.31
C GLY C 68 -3.48 2.19 3.87
N MET C 69 -3.00 1.96 2.66
CA MET C 69 -1.88 2.73 2.13
C MET C 69 -2.35 4.16 1.86
N ARG C 70 -1.81 5.11 2.61
CA ARG C 70 -2.25 6.49 2.53
C ARG C 70 -1.24 7.38 1.85
N LEU C 71 -1.68 8.56 1.46
CA LEU C 71 -0.81 9.55 0.85
C LEU C 71 0.02 10.20 1.93
N GLU C 72 -0.48 10.12 3.16
CA GLU C 72 0.18 10.71 4.33
C GLU C 72 1.51 9.99 4.62
N ALA C 73 1.65 8.80 4.06
CA ALA C 73 2.86 8.01 4.29
C ALA C 73 3.86 8.22 3.16
N VAL C 74 3.50 9.08 2.22
CA VAL C 74 4.38 9.38 1.09
C VAL C 74 5.10 10.70 1.32
N ARG C 75 6.40 10.62 1.51
CA ARG C 75 7.20 11.82 1.60
C ARG C 75 7.50 12.37 0.22
N ALA C 76 6.62 13.23 -0.27
CA ALA C 76 6.85 13.97 -1.50
C ALA C 76 8.14 14.78 -1.41
N ASP C 77 8.57 15.03 -0.17
CA ASP C 77 9.85 15.66 0.13
C ASP C 77 11.01 14.91 -0.52
N ARG C 78 10.78 13.61 -0.77
CA ARG C 78 11.77 12.72 -1.40
C ARG C 78 12.98 12.54 -0.49
N MET C 79 12.90 11.54 0.36
CA MET C 79 13.99 11.19 1.26
C MET C 79 14.79 10.03 0.68
N ARG C 80 15.76 9.56 1.43
CA ARG C 80 16.51 8.38 1.07
C ARG C 80 16.28 7.27 2.08
N GLY C 81 15.22 7.43 2.87
CA GLY C 81 14.89 6.47 3.89
C GLY C 81 14.29 7.13 5.11
N GLY C 82 14.33 6.44 6.24
CA GLY C 82 13.79 6.99 7.46
C GLY C 82 12.36 6.56 7.69
N ARG C 83 12.06 6.15 8.91
CA ARG C 83 10.73 5.67 9.26
C ARG C 83 9.72 6.80 9.18
N ASN C 84 8.48 6.48 8.87
CA ASN C 84 7.43 7.48 8.69
C ASN C 84 7.13 8.21 10.00
N LYS C 85 6.66 9.46 9.86
CA LYS C 85 6.37 10.32 11.00
C LYS C 85 5.23 9.75 11.84
N PHE C 86 4.42 8.90 11.21
CA PHE C 86 3.26 8.30 11.87
C PHE C 86 3.66 7.12 12.76
N GLY C 87 4.79 7.27 13.45
CA GLY C 87 5.29 6.22 14.33
C GLY C 87 4.24 5.70 15.32
N PRO C 88 3.59 6.58 16.11
CA PRO C 88 2.58 6.18 17.10
C PRO C 88 1.47 5.30 16.50
N MET C 89 0.80 5.78 15.45
CA MET C 89 -0.31 5.04 14.86
C MET C 89 0.20 3.79 14.16
N TYR C 90 1.43 3.85 13.66
CA TYR C 90 2.06 2.73 12.98
C TYR C 90 2.33 1.59 13.96
N LYS C 91 2.84 1.96 15.14
CA LYS C 91 3.08 0.99 16.20
C LYS C 91 1.78 0.38 16.67
N ARG C 92 0.78 1.22 16.88
CA ARG C 92 -0.51 0.77 17.36
C ARG C 92 -1.19 -0.13 16.35
N ASP C 93 -1.20 0.27 15.08
CA ASP C 93 -1.82 -0.53 14.04
C ASP C 93 -1.19 -1.91 13.97
N ARG C 94 0.15 -1.92 14.02
CA ARG C 94 0.91 -3.17 14.00
C ARG C 94 0.58 -4.02 15.23
N ALA C 95 0.39 -3.36 16.36
CA ALA C 95 0.08 -4.04 17.60
C ALA C 95 -1.31 -4.64 17.56
N LEU C 96 -2.24 -3.91 16.95
CA LEU C 96 -3.62 -4.38 16.82
C LEU C 96 -3.69 -5.48 15.77
N LYS C 97 -2.79 -5.43 14.81
CA LYS C 97 -2.67 -6.49 13.81
C LYS C 97 -2.18 -7.77 14.48
N GLN C 98 -1.21 -7.64 15.36
CA GLN C 98 -0.63 -8.78 16.05
C GLN C 98 -1.58 -9.28 17.13
N GLN C 99 -2.35 -8.35 17.70
CA GLN C 99 -3.29 -8.64 18.78
C GLN C 99 -2.54 -9.02 20.06
N LYS C 100 -2.47 -8.07 20.96
CA LYS C 100 -1.83 -8.27 22.25
C LYS C 100 -2.69 -9.17 23.10
N LYS C 101 -4.00 -9.03 22.91
CA LYS C 101 -4.96 -9.83 23.62
C LYS C 101 -5.82 -10.61 22.63
N ALA C 102 -6.24 -11.80 23.02
CA ALA C 102 -7.10 -12.61 22.19
C ALA C 102 -8.22 -13.19 23.02
ZN ZN D . 1.90 -6.69 -2.60
ZN ZN E . -9.58 -1.16 -14.19
N ASP C 1 3.29 -14.81 6.50
CA ASP C 1 2.65 -15.60 5.46
C ASP C 1 1.34 -14.97 5.02
N GLU C 2 1.30 -13.66 5.08
CA GLU C 2 0.12 -12.91 4.69
C GLU C 2 0.25 -12.47 3.24
N LEU C 3 -0.88 -12.11 2.63
CA LEU C 3 -0.88 -11.64 1.26
C LEU C 3 -1.37 -10.21 1.19
N CYS C 4 -0.89 -9.47 0.20
CA CYS C 4 -1.30 -8.09 0.00
C CYS C 4 -2.80 -8.03 -0.24
N PRO C 5 -3.50 -7.17 0.50
CA PRO C 5 -4.96 -7.02 0.42
C PRO C 5 -5.42 -6.33 -0.87
N VAL C 6 -4.52 -6.21 -1.83
CA VAL C 6 -4.86 -5.64 -3.12
C VAL C 6 -4.33 -6.50 -4.27
N CYS C 7 -3.03 -6.52 -4.45
CA CYS C 7 -2.42 -7.23 -5.56
C CYS C 7 -2.37 -8.74 -5.31
N GLY C 8 -2.49 -9.14 -4.04
CA GLY C 8 -2.48 -10.56 -3.71
C GLY C 8 -1.07 -11.13 -3.65
N ASP C 9 -0.07 -10.26 -3.71
CA ASP C 9 1.31 -10.68 -3.62
C ASP C 9 1.71 -10.98 -2.18
N LYS C 10 2.76 -11.77 -2.01
CA LYS C 10 3.28 -12.06 -0.69
C LYS C 10 3.78 -10.79 -0.02
N VAL C 11 3.41 -10.60 1.23
CA VAL C 11 3.78 -9.39 1.96
C VAL C 11 5.28 -9.34 2.22
N SER C 12 5.83 -8.13 2.13
CA SER C 12 7.24 -7.91 2.39
C SER C 12 7.40 -7.24 3.75
N GLY C 13 6.41 -7.48 4.61
CA GLY C 13 6.44 -6.91 5.94
C GLY C 13 5.38 -5.86 6.14
N TYR C 14 5.27 -5.36 7.37
CA TYR C 14 4.30 -4.32 7.70
C TYR C 14 4.85 -2.96 7.26
N HIS C 15 4.16 -2.32 6.34
CA HIS C 15 4.63 -1.04 5.77
C HIS C 15 3.45 -0.11 5.49
N TYR C 16 3.62 1.17 5.87
CA TYR C 16 2.65 2.25 5.52
C TYR C 16 1.39 2.19 6.38
N GLY C 17 0.95 0.99 6.71
CA GLY C 17 -0.27 0.81 7.48
C GLY C 17 -0.75 -0.61 7.46
N LEU C 18 -0.41 -1.33 6.39
CA LEU C 18 -0.75 -2.74 6.27
C LEU C 18 0.51 -3.53 5.95
N LEU C 19 0.36 -4.82 5.71
CA LEU C 19 1.47 -5.62 5.22
C LEU C 19 1.41 -5.67 3.71
N THR C 20 2.45 -5.18 3.07
CA THR C 20 2.47 -5.04 1.62
C THR C 20 3.82 -5.47 1.06
N CYS C 21 3.83 -5.82 -0.23
CA CYS C 21 5.05 -6.28 -0.89
C CYS C 21 5.89 -5.09 -1.37
N GLU C 22 7.04 -5.41 -1.95
CA GLU C 22 7.94 -4.38 -2.47
C GLU C 22 7.29 -3.59 -3.60
N SER C 23 6.53 -4.30 -4.44
CA SER C 23 5.83 -3.67 -5.55
C SER C 23 4.78 -2.68 -5.06
N CYS C 24 4.12 -3.02 -3.95
CA CYS C 24 3.14 -2.11 -3.34
C CYS C 24 3.83 -0.82 -2.90
N LYS C 25 4.89 -0.95 -2.11
CA LYS C 25 5.63 0.22 -1.61
C LYS C 25 6.18 1.04 -2.78
N GLY C 26 6.75 0.34 -3.76
CA GLY C 26 7.33 0.99 -4.91
C GLY C 26 6.31 1.75 -5.72
N PHE C 27 5.27 1.05 -6.16
CA PHE C 27 4.24 1.64 -7.01
C PHE C 27 3.51 2.77 -6.29
N PHE C 28 3.27 2.58 -5.00
CA PHE C 28 2.60 3.59 -4.21
C PHE C 28 3.38 4.91 -4.27
N LYS C 29 4.68 4.84 -3.95
CA LYS C 29 5.51 6.03 -4.01
C LYS C 29 5.64 6.53 -5.43
N ARG C 30 5.81 5.63 -6.39
CA ARG C 30 5.91 5.99 -7.80
C ARG C 30 4.78 6.92 -8.22
N THR C 31 3.56 6.60 -7.80
CA THR C 31 2.40 7.39 -8.13
C THR C 31 2.40 8.73 -7.39
N VAL C 32 2.65 8.69 -6.08
CA VAL C 32 2.59 9.89 -5.26
C VAL C 32 3.75 10.84 -5.57
N GLN C 33 4.95 10.29 -5.75
CA GLN C 33 6.14 11.10 -6.07
C GLN C 33 5.91 11.87 -7.36
N ASN C 34 5.30 11.21 -8.33
CA ASN C 34 5.06 11.80 -9.64
C ASN C 34 3.72 12.51 -9.67
N ASN C 35 3.01 12.46 -8.53
CA ASN C 35 1.69 13.08 -8.37
C ASN C 35 0.80 12.83 -9.58
N LYS C 36 0.83 11.59 -10.05
CA LYS C 36 0.10 11.21 -11.26
C LYS C 36 -1.22 10.53 -10.93
N HIS C 37 -2.10 10.48 -11.93
CA HIS C 37 -3.34 9.73 -11.85
C HIS C 37 -3.44 8.85 -13.10
N TYR C 38 -4.06 7.69 -12.97
CA TYR C 38 -4.08 6.72 -14.06
C TYR C 38 -5.45 6.64 -14.70
N THR C 39 -5.47 6.21 -15.95
CA THR C 39 -6.71 5.99 -16.68
C THR C 39 -7.01 4.50 -16.78
N CYS C 40 -8.22 4.11 -16.40
CA CYS C 40 -8.60 2.71 -16.41
C CYS C 40 -9.37 2.36 -17.68
N THR C 41 -10.42 3.13 -17.96
CA THR C 41 -11.27 2.92 -19.13
C THR C 41 -12.16 1.68 -19.00
N GLU C 42 -11.63 0.62 -18.41
CA GLU C 42 -12.36 -0.63 -18.25
C GLU C 42 -13.59 -0.46 -17.38
N SER C 43 -13.40 0.05 -16.17
CA SER C 43 -14.50 0.17 -15.22
C SER C 43 -14.12 1.04 -14.02
N GLN C 44 -12.81 1.10 -13.70
CA GLN C 44 -12.30 1.80 -12.52
C GLN C 44 -12.56 0.99 -11.25
N SER C 45 -13.75 0.42 -11.16
CA SER C 45 -14.11 -0.44 -10.05
C SER C 45 -13.65 -1.87 -10.30
N CYS C 46 -12.55 -2.01 -11.02
CA CYS C 46 -12.06 -3.31 -11.42
C CYS C 46 -11.56 -4.11 -10.22
N LYS C 47 -11.49 -5.42 -10.39
CA LYS C 47 -11.05 -6.31 -9.34
C LYS C 47 -9.56 -6.54 -9.45
N ILE C 48 -8.81 -5.98 -8.52
CA ILE C 48 -7.37 -6.19 -8.48
C ILE C 48 -7.07 -7.48 -7.74
N ASP C 49 -6.56 -8.46 -8.48
CA ASP C 49 -6.21 -9.74 -7.91
C ASP C 49 -4.77 -10.08 -8.29
N LYS C 50 -4.38 -11.32 -8.05
CA LYS C 50 -3.03 -11.77 -8.33
C LYS C 50 -2.72 -11.70 -9.84
N THR C 51 -3.73 -11.85 -10.67
CA THR C 51 -3.54 -11.79 -12.11
C THR C 51 -3.68 -10.38 -12.67
N GLN C 52 -4.78 -9.71 -12.33
CA GLN C 52 -5.09 -8.39 -12.90
C GLN C 52 -4.36 -7.27 -12.17
N ARG C 53 -3.49 -7.65 -11.24
CA ARG C 53 -2.75 -6.69 -10.43
C ARG C 53 -2.01 -5.66 -11.28
N LYS C 54 -1.48 -6.10 -12.42
CA LYS C 54 -0.68 -5.22 -13.26
C LYS C 54 -1.50 -4.57 -14.37
N ARG C 55 -2.76 -4.98 -14.50
CA ARG C 55 -3.60 -4.51 -15.60
C ARG C 55 -4.19 -3.14 -15.30
N CYS C 56 -4.58 -2.92 -14.05
CA CYS C 56 -5.14 -1.63 -13.66
C CYS C 56 -4.30 -0.97 -12.57
N PRO C 57 -3.38 -0.08 -12.97
CA PRO C 57 -2.57 0.69 -12.02
C PRO C 57 -3.45 1.63 -11.18
N PHE C 58 -4.45 2.20 -11.83
CA PHE C 58 -5.40 3.09 -11.17
C PHE C 58 -6.13 2.36 -10.06
N CYS C 59 -6.74 1.22 -10.39
CA CYS C 59 -7.52 0.45 -9.44
C CYS C 59 -6.64 -0.07 -8.32
N ARG C 60 -5.39 -0.39 -8.64
CA ARG C 60 -4.43 -0.84 -7.65
C ARG C 60 -4.16 0.27 -6.63
N PHE C 61 -3.81 1.45 -7.15
CA PHE C 61 -3.52 2.61 -6.32
C PHE C 61 -4.74 3.01 -5.49
N GLN C 62 -5.90 3.03 -6.12
CA GLN C 62 -7.13 3.37 -5.44
C GLN C 62 -7.41 2.39 -4.31
N LYS C 63 -7.13 1.11 -4.53
CA LYS C 63 -7.32 0.11 -3.51
C LYS C 63 -6.25 0.23 -2.43
N CYS C 64 -5.08 0.73 -2.77
CA CYS C 64 -4.05 0.98 -1.76
C CYS C 64 -4.60 1.98 -0.74
N LEU C 65 -5.19 3.05 -1.23
CA LEU C 65 -5.83 4.04 -0.35
C LEU C 65 -7.09 3.45 0.27
N THR C 66 -7.82 2.70 -0.54
CA THR C 66 -8.98 1.93 -0.09
C THR C 66 -8.64 1.09 1.14
N VAL C 67 -7.56 0.33 1.02
CA VAL C 67 -7.15 -0.57 2.04
C VAL C 67 -6.59 0.18 3.25
N GLY C 68 -6.22 1.44 3.07
CA GLY C 68 -5.80 2.24 4.20
C GLY C 68 -4.31 2.51 4.24
N MET C 69 -3.67 2.47 3.09
CA MET C 69 -2.26 2.82 2.99
C MET C 69 -2.12 4.34 3.07
N ARG C 70 -1.41 4.80 4.09
CA ARG C 70 -1.20 6.23 4.28
C ARG C 70 -0.48 6.85 3.09
N LEU C 71 -1.13 7.80 2.45
CA LEU C 71 -0.56 8.50 1.31
C LEU C 71 0.60 9.37 1.76
N GLU C 72 0.46 9.91 2.96
CA GLU C 72 1.49 10.75 3.58
C GLU C 72 2.76 9.95 3.88
N ALA C 73 2.72 8.64 3.66
CA ALA C 73 3.86 7.79 3.89
C ALA C 73 4.85 7.88 2.74
N VAL C 74 4.55 8.74 1.78
CA VAL C 74 5.44 8.99 0.67
C VAL C 74 6.18 10.30 0.87
N ARG C 75 7.41 10.19 1.35
CA ARG C 75 8.27 11.35 1.52
C ARG C 75 8.88 11.73 0.17
N ALA C 76 8.03 12.26 -0.70
CA ALA C 76 8.40 12.51 -2.09
C ALA C 76 9.39 13.65 -2.24
N ASP C 77 9.71 14.31 -1.13
CA ASP C 77 10.68 15.39 -1.12
C ASP C 77 12.09 14.86 -0.87
N ARG C 78 12.24 13.54 -1.03
CA ARG C 78 13.52 12.87 -0.93
C ARG C 78 14.10 12.94 0.49
N MET C 79 13.48 12.22 1.40
CA MET C 79 13.99 12.09 2.76
C MET C 79 13.63 10.71 3.31
N ARG C 80 14.64 9.96 3.70
CA ARG C 80 14.45 8.58 4.11
C ARG C 80 14.22 8.45 5.60
N GLY C 81 13.15 9.10 6.08
CA GLY C 81 12.79 9.02 7.47
C GLY C 81 11.97 7.77 7.79
N GLY C 82 12.42 7.01 8.78
CA GLY C 82 11.76 5.76 9.13
C GLY C 82 10.36 5.96 9.68
N ARG C 83 10.11 7.11 10.28
CA ARG C 83 8.77 7.40 10.78
C ARG C 83 8.29 8.77 10.32
N ASN C 84 7.20 8.76 9.57
CA ASN C 84 6.54 9.98 9.17
C ASN C 84 5.65 10.50 10.31
N LYS C 85 4.72 11.38 10.01
CA LYS C 85 3.93 12.04 11.06
C LYS C 85 3.02 11.04 11.78
N PHE C 86 2.68 9.96 11.09
CA PHE C 86 1.86 8.91 11.69
C PHE C 86 2.73 7.86 12.39
N GLY C 87 3.99 8.24 12.63
CA GLY C 87 4.95 7.36 13.28
C GLY C 87 4.46 6.76 14.59
N PRO C 88 3.94 7.59 15.54
CA PRO C 88 3.41 7.09 16.81
C PRO C 88 2.36 5.99 16.63
N MET C 89 1.30 6.28 15.88
CA MET C 89 0.22 5.29 15.71
C MET C 89 0.72 4.07 14.96
N TYR C 90 1.67 4.28 14.06
CA TYR C 90 2.24 3.20 13.27
C TYR C 90 2.90 2.17 14.18
N LYS C 91 3.68 2.66 15.13
CA LYS C 91 4.36 1.79 16.08
C LYS C 91 3.35 1.12 17.01
N ARG C 92 2.32 1.85 17.41
CA ARG C 92 1.30 1.31 18.29
C ARG C 92 0.60 0.13 17.65
N ASP C 93 0.12 0.32 16.42
CA ASP C 93 -0.60 -0.73 15.71
C ASP C 93 0.28 -1.94 15.50
N ARG C 94 1.54 -1.70 15.12
CA ARG C 94 2.49 -2.78 14.91
C ARG C 94 2.77 -3.53 16.21
N ALA C 95 2.97 -2.78 17.28
CA ALA C 95 3.27 -3.37 18.58
C ALA C 95 2.09 -4.18 19.10
N LEU C 96 0.90 -3.58 19.10
CA LEU C 96 -0.29 -4.23 19.63
C LEU C 96 -0.73 -5.40 18.74
N LYS C 97 -0.29 -5.36 17.49
CA LYS C 97 -0.57 -6.45 16.56
C LYS C 97 0.15 -7.72 16.98
N GLN C 98 1.37 -7.56 17.47
CA GLN C 98 2.19 -8.69 17.90
C GLN C 98 1.99 -8.95 19.39
N GLN C 99 1.82 -7.87 20.14
CA GLN C 99 1.57 -7.97 21.58
C GLN C 99 0.09 -7.80 21.84
N LYS C 100 -0.62 -8.92 21.91
CA LYS C 100 -2.06 -8.90 22.09
C LYS C 100 -2.42 -9.22 23.53
N LYS C 101 -3.70 -9.03 23.85
CA LYS C 101 -4.19 -9.33 25.18
C LYS C 101 -4.41 -10.84 25.30
N ALA C 102 -3.98 -11.40 26.41
CA ALA C 102 -4.16 -12.82 26.66
C ALA C 102 -5.21 -13.05 27.74
ZN ZN D . 1.43 -6.31 -2.84
ZN ZN E . -9.45 -0.98 -13.68
N ASP C 1 1.27 -16.81 7.00
CA ASP C 1 1.39 -15.64 7.84
C ASP C 1 0.42 -14.55 7.39
N GLU C 2 0.77 -13.86 6.32
CA GLU C 2 -0.04 -12.77 5.80
C GLU C 2 -0.05 -12.77 4.28
N LEU C 3 -1.02 -12.08 3.71
CA LEU C 3 -1.09 -11.85 2.28
C LEU C 3 -1.35 -10.38 2.02
N CYS C 4 -0.85 -9.87 0.91
CA CYS C 4 -1.07 -8.48 0.54
C CYS C 4 -2.54 -8.26 0.19
N PRO C 5 -3.24 -7.43 0.96
CA PRO C 5 -4.68 -7.18 0.77
C PRO C 5 -4.98 -6.45 -0.52
N VAL C 6 -3.94 -5.99 -1.19
CA VAL C 6 -4.10 -5.27 -2.45
C VAL C 6 -4.16 -6.23 -3.63
N CYS C 7 -3.14 -7.07 -3.77
CA CYS C 7 -2.99 -7.89 -4.97
C CYS C 7 -3.14 -9.39 -4.69
N GLY C 8 -3.06 -9.79 -3.43
CA GLY C 8 -3.16 -11.20 -3.09
C GLY C 8 -1.82 -11.92 -3.20
N ASP C 9 -0.74 -11.17 -3.11
CA ASP C 9 0.60 -11.75 -3.13
C ASP C 9 1.18 -11.80 -1.73
N LYS C 10 2.45 -12.16 -1.62
CA LYS C 10 3.12 -12.18 -0.33
C LYS C 10 3.39 -10.76 0.14
N VAL C 11 3.86 -10.62 1.37
CA VAL C 11 4.12 -9.30 1.92
C VAL C 11 5.61 -9.09 2.14
N SER C 12 6.00 -7.83 2.24
CA SER C 12 7.39 -7.47 2.47
C SER C 12 7.55 -6.92 3.89
N GLY C 13 6.51 -7.08 4.69
CA GLY C 13 6.54 -6.58 6.05
C GLY C 13 5.48 -5.52 6.27
N TYR C 14 5.53 -4.88 7.43
CA TYR C 14 4.57 -3.84 7.77
C TYR C 14 4.97 -2.52 7.12
N HIS C 15 4.25 -2.14 6.08
CA HIS C 15 4.57 -0.92 5.34
C HIS C 15 3.30 -0.12 5.07
N TYR C 16 3.36 1.18 5.39
CA TYR C 16 2.29 2.13 5.07
C TYR C 16 1.01 1.82 5.85
N GLY C 17 1.12 1.00 6.89
CA GLY C 17 -0.02 0.71 7.74
C GLY C 17 -0.51 -0.72 7.63
N LEU C 18 -0.01 -1.45 6.64
CA LEU C 18 -0.44 -2.84 6.43
C LEU C 18 0.73 -3.72 6.04
N LEU C 19 0.48 -5.01 5.92
CA LEU C 19 1.46 -5.94 5.39
C LEU C 19 1.43 -5.86 3.86
N THR C 20 2.39 -5.19 3.29
CA THR C 20 2.40 -4.94 1.86
C THR C 20 3.72 -5.40 1.23
N CYS C 21 3.65 -5.75 -0.05
CA CYS C 21 4.82 -6.22 -0.78
C CYS C 21 5.47 -5.09 -1.57
N GLU C 22 6.74 -5.28 -1.92
CA GLU C 22 7.49 -4.25 -2.64
C GLU C 22 7.04 -4.16 -4.10
N SER C 23 6.18 -5.07 -4.51
CA SER C 23 5.57 -4.99 -5.83
C SER C 23 4.51 -3.89 -5.85
N CYS C 24 3.68 -3.88 -4.83
CA CYS C 24 2.66 -2.85 -4.66
C CYS C 24 3.30 -1.57 -4.15
N LYS C 25 4.23 -1.73 -3.21
CA LYS C 25 5.00 -0.60 -2.71
C LYS C 25 5.85 -0.01 -3.85
N GLY C 26 6.29 -0.87 -4.75
CA GLY C 26 7.01 -0.41 -5.93
C GLY C 26 6.14 0.47 -6.80
N PHE C 27 4.97 -0.05 -7.17
CA PHE C 27 4.00 0.71 -7.94
C PHE C 27 3.60 1.98 -7.19
N PHE C 28 3.30 1.83 -5.91
CA PHE C 28 2.86 2.93 -5.06
C PHE C 28 3.85 4.09 -5.11
N LYS C 29 5.12 3.79 -4.86
CA LYS C 29 6.16 4.81 -4.86
C LYS C 29 6.28 5.46 -6.23
N ARG C 30 6.40 4.65 -7.27
CA ARG C 30 6.56 5.17 -8.62
C ARG C 30 5.37 6.05 -9.02
N THR C 31 4.20 5.73 -8.47
CA THR C 31 3.01 6.51 -8.73
C THR C 31 3.10 7.88 -8.07
N VAL C 32 3.33 7.89 -6.76
CA VAL C 32 3.40 9.13 -6.00
C VAL C 32 4.56 10.02 -6.43
N GLN C 33 5.71 9.40 -6.69
CA GLN C 33 6.90 10.14 -7.13
C GLN C 33 6.63 10.99 -8.36
N ASN C 34 5.89 10.44 -9.32
CA ASN C 34 5.64 11.15 -10.56
C ASN C 34 4.28 11.83 -10.54
N ASN C 35 3.57 11.67 -9.42
CA ASN C 35 2.23 12.23 -9.27
C ASN C 35 1.28 11.61 -10.29
N LYS C 36 1.54 10.35 -10.61
CA LYS C 36 0.79 9.64 -11.65
C LYS C 36 -0.66 9.45 -11.22
N HIS C 37 -1.58 9.87 -12.08
CA HIS C 37 -3.00 9.69 -11.83
C HIS C 37 -3.67 9.20 -13.10
N TYR C 38 -4.29 8.03 -13.02
CA TYR C 38 -4.94 7.43 -14.17
C TYR C 38 -6.45 7.35 -13.96
N THR C 39 -7.15 6.86 -14.96
CA THR C 39 -8.58 6.63 -14.87
C THR C 39 -8.94 5.30 -15.52
N CYS C 40 -10.00 4.67 -15.05
CA CYS C 40 -10.40 3.37 -15.58
C CYS C 40 -11.67 3.49 -16.41
N THR C 41 -12.50 4.48 -16.09
CA THR C 41 -13.76 4.73 -16.80
C THR C 41 -14.80 3.64 -16.53
N GLU C 42 -16.07 4.07 -16.50
CA GLU C 42 -17.23 3.17 -16.34
C GLU C 42 -17.39 2.72 -14.90
N SER C 43 -16.79 1.59 -14.55
CA SER C 43 -16.91 1.06 -13.21
C SER C 43 -15.78 1.60 -12.34
N GLN C 44 -14.55 1.38 -12.81
CA GLN C 44 -13.34 1.87 -12.14
C GLN C 44 -13.05 1.14 -10.83
N SER C 45 -14.05 0.46 -10.31
CA SER C 45 -13.88 -0.35 -9.12
C SER C 45 -13.57 -1.78 -9.54
N CYS C 46 -12.38 -1.97 -10.08
CA CYS C 46 -11.94 -3.28 -10.53
C CYS C 46 -11.12 -3.96 -9.44
N LYS C 47 -11.19 -5.27 -9.40
CA LYS C 47 -10.46 -6.05 -8.42
C LYS C 47 -9.01 -6.21 -8.85
N ILE C 48 -8.13 -6.39 -7.88
CA ILE C 48 -6.71 -6.52 -8.17
C ILE C 48 -6.20 -7.91 -7.79
N ASP C 49 -5.86 -8.68 -8.80
CA ASP C 49 -5.32 -10.02 -8.60
C ASP C 49 -4.04 -10.19 -9.41
N LYS C 50 -3.58 -11.42 -9.55
CA LYS C 50 -2.35 -11.73 -10.28
C LYS C 50 -2.38 -11.16 -11.70
N THR C 51 -3.55 -11.23 -12.33
CA THR C 51 -3.70 -10.78 -13.70
C THR C 51 -4.07 -9.30 -13.80
N GLN C 52 -5.08 -8.89 -13.04
CA GLN C 52 -5.63 -7.54 -13.17
C GLN C 52 -4.77 -6.49 -12.47
N ARG C 53 -3.70 -6.91 -11.81
CA ARG C 53 -2.82 -5.95 -11.13
C ARG C 53 -2.08 -5.06 -12.13
N LYS C 54 -1.79 -5.59 -13.30
CA LYS C 54 -1.16 -4.80 -14.35
C LYS C 54 -2.20 -4.23 -15.32
N ARG C 55 -3.44 -4.67 -15.18
CA ARG C 55 -4.50 -4.29 -16.12
C ARG C 55 -5.13 -2.96 -15.73
N CYS C 56 -5.32 -2.73 -14.44
CA CYS C 56 -5.91 -1.49 -13.97
C CYS C 56 -4.99 -0.78 -12.98
N PRO C 57 -4.18 0.17 -13.48
CA PRO C 57 -3.28 0.95 -12.63
C PRO C 57 -4.04 1.83 -11.64
N PHE C 58 -5.07 2.51 -12.12
CA PHE C 58 -5.90 3.36 -11.27
C PHE C 58 -6.55 2.55 -10.16
N CYS C 59 -7.16 1.44 -10.54
CA CYS C 59 -7.84 0.59 -9.58
C CYS C 59 -6.86 0.02 -8.56
N ARG C 60 -5.65 -0.27 -9.01
CA ARG C 60 -4.61 -0.80 -8.12
C ARG C 60 -4.13 0.27 -7.15
N PHE C 61 -3.96 1.49 -7.66
CA PHE C 61 -3.57 2.61 -6.81
C PHE C 61 -4.62 2.86 -5.75
N GLN C 62 -5.88 2.92 -6.17
CA GLN C 62 -6.98 3.09 -5.25
C GLN C 62 -7.10 1.88 -4.34
N LYS C 63 -6.77 0.71 -4.85
CA LYS C 63 -6.78 -0.52 -4.07
C LYS C 63 -5.81 -0.40 -2.90
N CYS C 64 -4.62 0.09 -3.18
CA CYS C 64 -3.60 0.30 -2.15
C CYS C 64 -4.12 1.26 -1.09
N LEU C 65 -4.75 2.34 -1.52
CA LEU C 65 -5.30 3.33 -0.60
C LEU C 65 -6.52 2.79 0.12
N THR C 66 -7.26 1.91 -0.55
CA THR C 66 -8.44 1.28 0.02
C THR C 66 -8.09 0.52 1.29
N VAL C 67 -7.05 -0.31 1.19
CA VAL C 67 -6.63 -1.11 2.33
C VAL C 67 -6.07 -0.21 3.42
N GLY C 68 -5.70 1.02 3.06
CA GLY C 68 -5.26 1.96 4.06
C GLY C 68 -3.78 2.25 3.99
N MET C 69 -3.17 2.00 2.83
CA MET C 69 -1.78 2.37 2.64
C MET C 69 -1.66 3.88 2.66
N ARG C 70 -1.05 4.38 3.72
CA ARG C 70 -0.97 5.81 3.96
C ARG C 70 -0.29 6.54 2.82
N LEU C 71 -1.09 7.31 2.08
CA LEU C 71 -0.62 8.11 0.97
C LEU C 71 0.19 9.27 1.49
N GLU C 72 -0.18 9.75 2.67
CA GLU C 72 0.54 10.83 3.32
C GLU C 72 1.82 10.33 3.99
N ALA C 73 2.06 9.02 3.92
CA ALA C 73 3.27 8.43 4.49
C ALA C 73 4.43 8.52 3.52
N VAL C 74 4.14 8.32 2.24
CA VAL C 74 5.18 8.39 1.22
C VAL C 74 5.49 9.85 0.89
N ARG C 75 6.70 10.25 1.21
CA ARG C 75 7.16 11.59 0.92
C ARG C 75 8.12 11.54 -0.26
N ALA C 76 7.60 11.95 -1.42
CA ALA C 76 8.30 11.78 -2.69
C ALA C 76 9.43 12.79 -2.86
N ASP C 77 9.64 13.62 -1.86
CA ASP C 77 10.73 14.59 -1.87
C ASP C 77 12.07 13.86 -1.89
N ARG C 78 12.53 13.44 -0.71
CA ARG C 78 13.71 12.59 -0.58
C ARG C 78 13.87 12.15 0.88
N MET C 79 12.75 12.00 1.57
CA MET C 79 12.78 11.61 2.97
C MET C 79 12.58 10.12 3.12
N ARG C 80 13.66 9.44 3.42
CA ARG C 80 13.69 7.99 3.51
C ARG C 80 13.16 7.50 4.85
N GLY C 81 11.91 7.85 5.13
CA GLY C 81 11.28 7.45 6.37
C GLY C 81 10.68 8.62 7.11
N GLY C 82 11.03 8.74 8.37
CA GLY C 82 10.45 9.78 9.20
C GLY C 82 9.23 9.27 9.94
N ARG C 83 9.46 8.28 10.79
CA ARG C 83 8.36 7.67 11.54
C ARG C 83 8.03 8.53 12.75
N ASN C 84 7.16 9.52 12.54
CA ASN C 84 6.79 10.43 13.62
C ASN C 84 5.28 10.70 13.60
N LYS C 85 4.78 11.17 12.48
CA LYS C 85 3.35 11.48 12.33
C LYS C 85 2.52 10.22 12.50
N PHE C 86 3.05 9.10 12.06
CA PHE C 86 2.33 7.83 12.12
C PHE C 86 2.81 7.00 13.30
N GLY C 87 3.59 7.63 14.18
CA GLY C 87 4.16 6.92 15.32
C GLY C 87 3.14 6.13 16.12
N PRO C 88 2.17 6.81 16.75
CA PRO C 88 1.16 6.15 17.59
C PRO C 88 0.35 5.09 16.85
N MET C 89 -0.16 5.44 15.66
CA MET C 89 -1.05 4.53 14.93
C MET C 89 -0.30 3.33 14.37
N TYR C 90 0.95 3.53 13.96
CA TYR C 90 1.73 2.46 13.36
C TYR C 90 2.09 1.41 14.41
N LYS C 91 2.57 1.87 15.56
CA LYS C 91 2.95 0.96 16.63
C LYS C 91 1.72 0.30 17.22
N ARG C 92 0.61 1.02 17.26
CA ARG C 92 -0.62 0.50 17.83
C ARG C 92 -1.14 -0.67 17.02
N ASP C 93 -1.37 -0.44 15.72
CA ASP C 93 -1.89 -1.48 14.84
C ASP C 93 -0.95 -2.67 14.81
N ARG C 94 0.35 -2.38 14.75
CA ARG C 94 1.37 -3.42 14.69
C ARG C 94 1.39 -4.24 15.99
N ALA C 95 1.21 -3.57 17.11
CA ALA C 95 1.20 -4.24 18.41
C ALA C 95 -0.10 -5.00 18.63
N LEU C 96 -1.21 -4.42 18.17
CA LEU C 96 -2.52 -5.07 18.29
C LEU C 96 -2.56 -6.36 17.50
N LYS C 97 -1.93 -6.36 16.33
CA LYS C 97 -1.86 -7.56 15.50
C LYS C 97 -1.03 -8.64 16.18
N GLN C 98 -0.07 -8.21 16.99
CA GLN C 98 0.79 -9.14 17.71
C GLN C 98 0.08 -9.67 18.95
N GLN C 99 -0.16 -8.78 19.91
CA GLN C 99 -0.63 -9.16 21.23
C GLN C 99 0.30 -10.18 21.85
N LYS C 100 1.59 -10.04 21.55
CA LYS C 100 2.59 -10.97 22.04
C LYS C 100 3.02 -10.58 23.44
N LYS C 101 2.87 -9.30 23.76
CA LYS C 101 3.13 -8.79 25.10
C LYS C 101 2.10 -9.34 26.07
N ALA C 102 2.49 -10.33 26.85
CA ALA C 102 1.62 -10.90 27.84
C ALA C 102 2.35 -11.03 29.17
ZN ZN D . 0.77 -6.59 -3.05
ZN ZN E . -10.22 -0.96 -13.60
N ASP C 1 3.16 -14.93 6.52
CA ASP C 1 1.98 -15.69 6.12
C ASP C 1 0.87 -14.77 5.62
N GLU C 2 0.90 -13.54 6.07
CA GLU C 2 -0.09 -12.54 5.68
C GLU C 2 0.08 -12.19 4.21
N LEU C 3 -1.02 -11.92 3.55
CA LEU C 3 -0.99 -11.60 2.13
C LEU C 3 -1.37 -10.15 1.89
N CYS C 4 -0.77 -9.56 0.87
CA CYS C 4 -1.01 -8.17 0.52
C CYS C 4 -2.40 -8.01 -0.08
N PRO C 5 -3.30 -7.29 0.60
CA PRO C 5 -4.69 -7.15 0.17
C PRO C 5 -4.85 -6.25 -1.06
N VAL C 6 -3.74 -5.85 -1.64
CA VAL C 6 -3.75 -5.07 -2.86
C VAL C 6 -3.59 -5.98 -4.07
N CYS C 7 -2.45 -6.66 -4.14
CA CYS C 7 -2.11 -7.48 -5.29
C CYS C 7 -2.40 -8.96 -5.05
N GLY C 8 -2.58 -9.33 -3.79
CA GLY C 8 -2.82 -10.72 -3.45
C GLY C 8 -1.55 -11.49 -3.22
N ASP C 9 -0.42 -10.81 -3.37
CA ASP C 9 0.89 -11.42 -3.19
C ASP C 9 1.23 -11.51 -1.70
N LYS C 10 2.40 -11.99 -1.36
CA LYS C 10 2.81 -12.09 0.04
C LYS C 10 3.34 -10.74 0.53
N VAL C 11 3.28 -10.52 1.83
CA VAL C 11 3.80 -9.30 2.42
C VAL C 11 5.23 -9.48 2.87
N SER C 12 5.96 -8.38 3.00
CA SER C 12 7.30 -8.42 3.53
C SER C 12 7.32 -7.83 4.94
N GLY C 13 6.19 -7.27 5.34
CA GLY C 13 6.08 -6.68 6.66
C GLY C 13 5.12 -5.51 6.68
N TYR C 14 5.08 -4.81 7.80
CA TYR C 14 4.19 -3.68 7.95
C TYR C 14 4.79 -2.44 7.30
N HIS C 15 4.16 -1.98 6.22
CA HIS C 15 4.64 -0.81 5.50
C HIS C 15 3.49 0.17 5.28
N TYR C 16 3.79 1.47 5.41
CA TYR C 16 2.79 2.54 5.23
C TYR C 16 1.78 2.53 6.38
N GLY C 17 0.81 1.63 6.30
CA GLY C 17 -0.21 1.56 7.33
C GLY C 17 -0.85 0.19 7.43
N LEU C 18 -0.14 -0.82 6.94
CA LEU C 18 -0.58 -2.21 7.04
C LEU C 18 0.50 -3.12 6.47
N LEU C 19 0.23 -4.41 6.41
CA LEU C 19 1.21 -5.33 5.85
C LEU C 19 1.13 -5.33 4.33
N THR C 20 2.24 -4.96 3.71
CA THR C 20 2.31 -4.82 2.27
C THR C 20 3.62 -5.38 1.73
N CYS C 21 3.88 -5.14 0.46
CA CYS C 21 5.09 -5.63 -0.19
C CYS C 21 5.77 -4.51 -0.96
N GLU C 22 7.07 -4.65 -1.18
CA GLU C 22 7.86 -3.67 -1.94
C GLU C 22 7.30 -3.45 -3.33
N SER C 23 6.57 -4.43 -3.85
CA SER C 23 5.94 -4.31 -5.16
C SER C 23 4.94 -3.15 -5.17
N CYS C 24 3.97 -3.19 -4.26
CA CYS C 24 2.98 -2.13 -4.15
C CYS C 24 3.61 -0.87 -3.58
N LYS C 25 4.48 -1.07 -2.59
CA LYS C 25 5.28 0.01 -2.01
C LYS C 25 5.94 0.87 -3.10
N GLY C 26 6.69 0.22 -3.98
CA GLY C 26 7.39 0.91 -5.03
C GLY C 26 6.44 1.44 -6.09
N PHE C 27 5.46 0.64 -6.48
CA PHE C 27 4.48 1.05 -7.49
C PHE C 27 3.72 2.28 -7.01
N PHE C 28 3.31 2.27 -5.76
CA PHE C 28 2.57 3.37 -5.17
C PHE C 28 3.39 4.65 -5.26
N LYS C 29 4.65 4.59 -4.84
CA LYS C 29 5.52 5.75 -4.94
C LYS C 29 5.75 6.16 -6.40
N ARG C 30 6.00 5.19 -7.27
CA ARG C 30 6.24 5.47 -8.68
C ARG C 30 5.00 6.05 -9.36
N THR C 31 3.85 5.88 -8.75
CA THR C 31 2.62 6.47 -9.27
C THR C 31 2.47 7.91 -8.77
N VAL C 32 2.62 8.11 -7.46
CA VAL C 32 2.46 9.42 -6.86
C VAL C 32 3.59 10.39 -7.25
N GLN C 33 4.81 9.87 -7.29
CA GLN C 33 5.99 10.69 -7.65
C GLN C 33 5.83 11.33 -9.02
N ASN C 34 5.27 10.59 -9.95
CA ASN C 34 5.14 11.08 -11.33
C ASN C 34 3.79 11.76 -11.53
N ASN C 35 3.02 11.88 -10.44
CA ASN C 35 1.71 12.54 -10.47
C ASN C 35 0.79 11.79 -11.42
N LYS C 36 0.96 10.48 -11.47
CA LYS C 36 0.24 9.65 -12.41
C LYS C 36 -1.21 9.49 -12.01
N HIS C 37 -2.11 9.89 -12.89
CA HIS C 37 -3.53 9.71 -12.69
C HIS C 37 -4.10 8.88 -13.83
N TYR C 38 -5.17 8.14 -13.55
CA TYR C 38 -5.74 7.24 -14.53
C TYR C 38 -7.25 7.27 -14.50
N THR C 39 -7.86 6.63 -15.48
CA THR C 39 -9.30 6.53 -15.58
C THR C 39 -9.68 5.17 -16.17
N CYS C 40 -9.97 4.23 -15.28
CA CYS C 40 -10.33 2.87 -15.72
C CYS C 40 -11.74 2.86 -16.30
N THR C 41 -12.49 3.94 -16.05
CA THR C 41 -13.82 4.13 -16.60
C THR C 41 -14.86 3.25 -15.89
N GLU C 42 -16.07 3.78 -15.76
CA GLU C 42 -17.22 3.06 -15.21
C GLU C 42 -17.09 2.84 -13.71
N SER C 43 -16.41 1.78 -13.31
CA SER C 43 -16.27 1.44 -11.91
C SER C 43 -14.98 2.02 -11.33
N GLN C 44 -13.95 2.10 -12.16
CA GLN C 44 -12.65 2.67 -11.78
C GLN C 44 -11.98 1.85 -10.69
N SER C 45 -12.53 0.68 -10.41
CA SER C 45 -11.98 -0.21 -9.40
C SER C 45 -12.31 -1.66 -9.74
N CYS C 46 -11.47 -2.26 -10.56
CA CYS C 46 -11.65 -3.64 -10.98
C CYS C 46 -10.99 -4.60 -9.99
N LYS C 47 -11.16 -5.89 -10.22
CA LYS C 47 -10.60 -6.91 -9.36
C LYS C 47 -9.09 -6.97 -9.49
N ILE C 48 -8.38 -6.40 -8.54
CA ILE C 48 -6.93 -6.45 -8.55
C ILE C 48 -6.47 -7.82 -8.13
N ASP C 49 -6.21 -8.66 -9.12
CA ASP C 49 -5.78 -10.03 -8.88
C ASP C 49 -4.54 -10.32 -9.72
N LYS C 50 -4.13 -11.56 -9.74
CA LYS C 50 -2.92 -11.97 -10.44
C LYS C 50 -2.96 -11.58 -11.92
N THR C 51 -4.14 -11.61 -12.50
CA THR C 51 -4.31 -11.32 -13.93
C THR C 51 -4.53 -9.84 -14.20
N GLN C 52 -5.07 -9.10 -13.23
CA GLN C 52 -5.50 -7.72 -13.49
C GLN C 52 -4.69 -6.69 -12.70
N ARG C 53 -3.73 -7.16 -11.90
CA ARG C 53 -2.93 -6.27 -11.05
C ARG C 53 -2.05 -5.33 -11.88
N LYS C 54 -1.61 -5.79 -13.04
CA LYS C 54 -0.83 -4.94 -13.94
C LYS C 54 -1.72 -4.29 -15.00
N ARG C 55 -2.96 -4.76 -15.10
CA ARG C 55 -3.86 -4.28 -16.15
C ARG C 55 -4.56 -3.00 -15.75
N CYS C 56 -4.92 -2.88 -14.48
CA CYS C 56 -5.60 -1.70 -13.99
C CYS C 56 -4.74 -0.91 -13.01
N PRO C 57 -3.99 0.08 -13.51
CA PRO C 57 -3.13 0.92 -12.67
C PRO C 57 -3.93 1.77 -11.71
N PHE C 58 -5.01 2.38 -12.20
CA PHE C 58 -5.87 3.23 -11.38
C PHE C 58 -6.53 2.42 -10.28
N CYS C 59 -7.09 1.27 -10.67
CA CYS C 59 -7.78 0.41 -9.74
C CYS C 59 -6.82 -0.07 -8.64
N ARG C 60 -5.57 -0.31 -9.01
CA ARG C 60 -4.57 -0.76 -8.05
C ARG C 60 -4.14 0.40 -7.15
N PHE C 61 -4.04 1.58 -7.74
CA PHE C 61 -3.74 2.80 -6.97
C PHE C 61 -4.82 3.00 -5.89
N GLN C 62 -6.06 3.01 -6.33
CA GLN C 62 -7.19 3.14 -5.41
C GLN C 62 -7.18 1.99 -4.41
N LYS C 63 -6.75 0.82 -4.85
CA LYS C 63 -6.64 -0.35 -3.99
C LYS C 63 -5.60 -0.14 -2.90
N CYS C 64 -4.51 0.52 -3.24
CA CYS C 64 -3.48 0.86 -2.27
C CYS C 64 -4.08 1.74 -1.17
N LEU C 65 -4.77 2.79 -1.57
CA LEU C 65 -5.47 3.65 -0.61
C LEU C 65 -6.53 2.87 0.16
N THR C 66 -7.20 1.96 -0.55
CA THR C 66 -8.22 1.10 0.05
C THR C 66 -7.69 0.37 1.28
N VAL C 67 -6.55 -0.29 1.13
CA VAL C 67 -6.05 -1.17 2.17
C VAL C 67 -5.43 -0.39 3.32
N GLY C 68 -4.90 0.79 3.04
CA GLY C 68 -4.32 1.60 4.09
C GLY C 68 -3.00 2.25 3.71
N MET C 69 -2.66 2.18 2.43
CA MET C 69 -1.47 2.86 1.94
C MET C 69 -1.81 4.32 1.70
N ARG C 70 -1.28 5.20 2.55
CA ARG C 70 -1.68 6.59 2.58
C ARG C 70 -0.85 7.43 1.62
N LEU C 71 -1.48 8.45 1.05
CA LEU C 71 -0.78 9.39 0.17
C LEU C 71 0.15 10.28 0.98
N GLU C 72 -0.32 10.64 2.18
CA GLU C 72 0.48 11.47 3.08
C GLU C 72 1.56 10.64 3.77
N ALA C 73 1.65 9.37 3.40
CA ALA C 73 2.70 8.50 3.90
C ALA C 73 3.77 8.34 2.83
N VAL C 74 3.60 9.07 1.74
CA VAL C 74 4.56 9.03 0.65
C VAL C 74 5.63 10.08 0.84
N ARG C 75 6.85 9.61 1.03
CA ARG C 75 8.00 10.48 1.02
C ARG C 75 8.47 10.66 -0.42
N ALA C 76 7.87 11.64 -1.10
CA ALA C 76 8.21 11.91 -2.50
C ALA C 76 9.40 12.86 -2.61
N ASP C 77 9.92 13.31 -1.49
CA ASP C 77 11.04 14.23 -1.49
C ASP C 77 12.33 13.45 -1.68
N ARG C 78 12.70 12.72 -0.65
CA ARG C 78 13.86 11.84 -0.68
C ARG C 78 14.05 11.22 0.69
N MET C 79 14.43 9.95 0.73
CA MET C 79 14.74 9.30 2.00
C MET C 79 16.01 9.91 2.60
N ARG C 80 15.81 10.93 3.43
CA ARG C 80 16.91 11.68 4.01
C ARG C 80 16.58 12.14 5.42
N GLY C 81 15.37 12.68 5.60
CA GLY C 81 14.99 13.25 6.88
C GLY C 81 14.27 12.27 7.80
N GLY C 82 13.89 12.75 8.97
CA GLY C 82 13.26 11.91 9.97
C GLY C 82 11.79 11.64 9.67
N ARG C 83 11.26 10.55 10.21
CA ARG C 83 9.87 10.19 10.01
C ARG C 83 8.99 10.86 11.06
N ASN C 84 8.55 12.07 10.77
CA ASN C 84 7.73 12.82 11.71
C ASN C 84 6.25 12.48 11.54
N LYS C 85 5.78 12.51 10.29
CA LYS C 85 4.37 12.31 9.99
C LYS C 85 3.88 10.97 10.53
N PHE C 86 4.39 9.87 9.98
CA PHE C 86 3.99 8.55 10.43
C PHE C 86 5.01 8.00 11.42
N GLY C 87 5.30 8.80 12.44
CA GLY C 87 6.13 8.35 13.54
C GLY C 87 5.31 7.83 14.71
N PRO C 88 4.66 8.73 15.46
CA PRO C 88 3.86 8.38 16.65
C PRO C 88 2.73 7.39 16.35
N MET C 89 1.85 7.74 15.42
CA MET C 89 0.73 6.88 15.06
C MET C 89 1.23 5.51 14.61
N TYR C 90 2.40 5.49 13.98
CA TYR C 90 2.94 4.27 13.44
C TYR C 90 3.43 3.35 14.55
N LYS C 91 4.26 3.88 15.45
CA LYS C 91 4.82 3.09 16.53
C LYS C 91 3.71 2.50 17.39
N ARG C 92 2.68 3.30 17.66
CA ARG C 92 1.57 2.86 18.49
C ARG C 92 0.80 1.73 17.82
N ASP C 93 0.31 2.00 16.60
CA ASP C 93 -0.52 1.03 15.89
C ASP C 93 0.22 -0.28 15.69
N ARG C 94 1.49 -0.19 15.31
CA ARG C 94 2.30 -1.37 15.08
C ARG C 94 2.48 -2.17 16.39
N ALA C 95 2.66 -1.45 17.49
CA ALA C 95 2.82 -2.09 18.80
C ALA C 95 1.50 -2.71 19.26
N LEU C 96 0.40 -2.01 19.00
CA LEU C 96 -0.92 -2.49 19.38
C LEU C 96 -1.38 -3.63 18.48
N LYS C 97 -0.82 -3.68 17.28
CA LYS C 97 -1.18 -4.70 16.30
C LYS C 97 -0.46 -6.00 16.60
N GLN C 98 0.74 -5.90 17.16
CA GLN C 98 1.50 -7.09 17.54
C GLN C 98 1.13 -7.53 18.95
N GLN C 99 0.32 -6.70 19.61
CA GLN C 99 -0.21 -7.02 20.93
C GLN C 99 -1.25 -8.13 20.82
N LYS C 100 -1.34 -8.98 21.83
CA LYS C 100 -2.31 -10.08 21.84
C LYS C 100 -3.73 -9.56 21.63
N LYS C 101 -4.28 -8.89 22.63
CA LYS C 101 -5.60 -8.29 22.52
C LYS C 101 -5.56 -6.83 22.91
N ALA C 102 -6.43 -6.03 22.30
CA ALA C 102 -6.47 -4.61 22.58
C ALA C 102 -7.85 -4.21 23.11
ZN ZN D . 1.24 -6.01 -2.73
ZN ZN E . -9.87 -1.56 -13.69
N ASP C 1 5.07 -14.72 5.25
CA ASP C 1 4.05 -15.73 5.46
C ASP C 1 2.70 -15.23 4.97
N GLU C 2 2.51 -13.94 5.05
CA GLU C 2 1.25 -13.33 4.64
C GLU C 2 1.42 -12.62 3.30
N LEU C 3 0.35 -12.56 2.54
CA LEU C 3 0.35 -11.89 1.26
C LEU C 3 -0.51 -10.64 1.30
N CYS C 4 -0.27 -9.74 0.36
CA CYS C 4 -0.94 -8.44 0.33
C CYS C 4 -2.44 -8.60 0.14
N PRO C 5 -3.23 -7.89 0.97
CA PRO C 5 -4.68 -7.87 0.86
C PRO C 5 -5.16 -7.10 -0.38
N VAL C 6 -4.22 -6.49 -1.10
CA VAL C 6 -4.54 -5.74 -2.29
C VAL C 6 -4.18 -6.51 -3.56
N CYS C 7 -2.90 -6.59 -3.86
CA CYS C 7 -2.43 -7.23 -5.08
C CYS C 7 -2.40 -8.75 -4.95
N GLY C 8 -1.73 -9.24 -3.91
CA GLY C 8 -1.65 -10.66 -3.69
C GLY C 8 -0.23 -11.16 -3.56
N ASP C 9 0.75 -10.27 -3.67
CA ASP C 9 2.16 -10.66 -3.51
C ASP C 9 2.46 -10.90 -2.04
N LYS C 10 3.48 -11.72 -1.78
CA LYS C 10 3.92 -11.95 -0.40
C LYS C 10 4.45 -10.65 0.19
N VAL C 11 4.08 -10.37 1.43
CA VAL C 11 4.42 -9.09 2.05
C VAL C 11 5.90 -9.00 2.39
N SER C 12 6.44 -7.79 2.32
CA SER C 12 7.84 -7.55 2.64
C SER C 12 7.96 -6.80 3.96
N GLY C 13 6.82 -6.51 4.56
CA GLY C 13 6.81 -5.83 5.84
C GLY C 13 5.80 -4.71 5.90
N TYR C 14 5.92 -3.86 6.90
CA TYR C 14 4.99 -2.75 7.10
C TYR C 14 5.35 -1.60 6.18
N HIS C 15 4.50 -1.32 5.21
CA HIS C 15 4.73 -0.20 4.32
C HIS C 15 3.46 0.62 4.14
N TYR C 16 3.51 1.86 4.59
CA TYR C 16 2.49 2.87 4.32
C TYR C 16 1.18 2.61 5.06
N GLY C 17 1.15 1.55 5.85
CA GLY C 17 -0.06 1.22 6.58
C GLY C 17 0.02 -0.15 7.21
N LEU C 18 0.20 -1.17 6.38
CA LEU C 18 0.30 -2.54 6.87
C LEU C 18 1.24 -3.36 6.01
N LEU C 19 1.17 -4.68 6.18
CA LEU C 19 1.97 -5.62 5.42
C LEU C 19 1.74 -5.48 3.91
N THR C 20 2.75 -5.01 3.21
CA THR C 20 2.68 -4.89 1.77
C THR C 20 3.99 -5.34 1.13
N CYS C 21 3.95 -5.63 -0.17
CA CYS C 21 5.13 -6.07 -0.88
C CYS C 21 5.87 -4.87 -1.47
N GLU C 22 7.06 -5.13 -2.00
CA GLU C 22 7.85 -4.07 -2.63
C GLU C 22 7.22 -3.61 -3.95
N SER C 23 6.35 -4.45 -4.51
CA SER C 23 5.60 -4.06 -5.70
C SER C 23 4.59 -2.97 -5.33
N CYS C 24 3.89 -3.17 -4.21
CA CYS C 24 2.96 -2.16 -3.69
C CYS C 24 3.74 -0.89 -3.35
N LYS C 25 4.80 -1.08 -2.59
CA LYS C 25 5.64 0.02 -2.14
C LYS C 25 6.25 0.79 -3.31
N GLY C 26 6.78 0.06 -4.28
CA GLY C 26 7.37 0.68 -5.45
C GLY C 26 6.35 1.47 -6.25
N PHE C 27 5.21 0.85 -6.53
CA PHE C 27 4.14 1.48 -7.30
C PHE C 27 3.57 2.68 -6.55
N PHE C 28 3.48 2.55 -5.23
CA PHE C 28 2.94 3.61 -4.40
C PHE C 28 3.80 4.86 -4.50
N LYS C 29 5.11 4.69 -4.43
CA LYS C 29 6.03 5.82 -4.60
C LYS C 29 5.88 6.41 -5.98
N ARG C 30 5.83 5.55 -7.00
CA ARG C 30 5.73 5.99 -8.38
C ARG C 30 4.47 6.83 -8.60
N THR C 31 3.40 6.48 -7.88
CA THR C 31 2.16 7.20 -7.98
C THR C 31 2.21 8.51 -7.19
N VAL C 32 2.47 8.42 -5.89
CA VAL C 32 2.42 9.58 -5.00
C VAL C 32 3.52 10.59 -5.31
N GLN C 33 4.75 10.10 -5.48
CA GLN C 33 5.89 10.99 -5.70
C GLN C 33 5.80 11.71 -7.04
N ASN C 34 5.22 11.05 -8.03
CA ASN C 34 5.04 11.68 -9.35
C ASN C 34 3.70 12.38 -9.43
N ASN C 35 2.93 12.32 -8.35
CA ASN C 35 1.60 12.93 -8.26
C ASN C 35 0.72 12.45 -9.41
N LYS C 36 0.76 11.15 -9.65
CA LYS C 36 0.04 10.56 -10.76
C LYS C 36 -1.45 10.42 -10.47
N HIS C 37 -2.23 10.38 -11.54
CA HIS C 37 -3.66 10.19 -11.44
C HIS C 37 -4.11 9.16 -12.46
N TYR C 38 -5.13 8.39 -12.12
CA TYR C 38 -5.58 7.29 -12.96
C TYR C 38 -7.08 7.33 -13.13
N THR C 39 -7.58 6.54 -14.06
CA THR C 39 -9.01 6.47 -14.33
C THR C 39 -9.37 5.12 -14.95
N CYS C 40 -10.27 4.40 -14.30
CA CYS C 40 -10.72 3.11 -14.81
C CYS C 40 -12.04 3.28 -15.55
N THR C 41 -12.17 2.60 -16.67
CA THR C 41 -13.35 2.71 -17.51
C THR C 41 -14.36 1.60 -17.19
N GLU C 42 -13.90 0.58 -16.45
CA GLU C 42 -14.75 -0.55 -16.11
C GLU C 42 -15.68 -0.21 -14.94
N SER C 43 -15.17 -0.30 -13.72
CA SER C 43 -16.00 -0.07 -12.54
C SER C 43 -15.20 0.66 -11.46
N GLN C 44 -14.08 1.25 -11.87
CA GLN C 44 -13.17 1.97 -10.95
C GLN C 44 -12.42 1.01 -10.01
N SER C 45 -13.08 -0.07 -9.62
CA SER C 45 -12.47 -1.09 -8.80
C SER C 45 -12.71 -2.46 -9.43
N CYS C 46 -11.80 -2.85 -10.30
CA CYS C 46 -11.89 -4.14 -10.97
C CYS C 46 -11.18 -5.21 -10.16
N LYS C 47 -11.12 -6.40 -10.73
CA LYS C 47 -10.38 -7.51 -10.13
C LYS C 47 -8.90 -7.17 -10.07
N ILE C 48 -8.25 -7.56 -8.98
CA ILE C 48 -6.83 -7.33 -8.85
C ILE C 48 -6.07 -8.63 -9.03
N ASP C 49 -5.17 -8.63 -10.00
CA ASP C 49 -4.44 -9.82 -10.37
C ASP C 49 -3.07 -9.41 -10.91
N LYS C 50 -2.27 -10.39 -11.30
CA LYS C 50 -0.92 -10.15 -11.78
C LYS C 50 -0.93 -9.22 -13.00
N THR C 51 -1.88 -9.44 -13.89
CA THR C 51 -2.02 -8.60 -15.08
C THR C 51 -2.93 -7.39 -14.80
N GLN C 52 -3.97 -7.61 -13.98
CA GLN C 52 -4.95 -6.57 -13.70
C GLN C 52 -4.33 -5.38 -12.97
N ARG C 53 -3.31 -5.64 -12.16
CA ARG C 53 -2.66 -4.58 -11.38
C ARG C 53 -1.88 -3.63 -12.29
N LYS C 54 -1.66 -4.05 -13.54
CA LYS C 54 -1.04 -3.19 -14.54
C LYS C 54 -2.12 -2.51 -15.38
N ARG C 55 -3.14 -3.29 -15.73
CA ARG C 55 -4.23 -2.80 -16.57
C ARG C 55 -5.03 -1.72 -15.86
N CYS C 56 -5.31 -1.95 -14.58
CA CYS C 56 -6.05 -0.99 -13.78
C CYS C 56 -5.21 -0.53 -12.58
N PRO C 57 -4.30 0.44 -12.81
CA PRO C 57 -3.50 1.01 -11.73
C PRO C 57 -4.36 1.80 -10.76
N PHE C 58 -5.48 2.31 -11.26
CA PHE C 58 -6.44 3.03 -10.43
C PHE C 58 -7.05 2.10 -9.39
N CYS C 59 -7.54 0.95 -9.86
CA CYS C 59 -8.14 -0.04 -8.98
C CYS C 59 -7.11 -0.52 -7.96
N ARG C 60 -5.90 -0.73 -8.43
CA ARG C 60 -4.79 -1.14 -7.58
C ARG C 60 -4.52 -0.10 -6.50
N PHE C 61 -4.35 1.15 -6.93
CA PHE C 61 -4.07 2.25 -6.02
C PHE C 61 -5.21 2.42 -5.01
N GLN C 62 -6.43 2.39 -5.50
CA GLN C 62 -7.60 2.53 -4.65
C GLN C 62 -7.61 1.48 -3.55
N LYS C 63 -7.30 0.24 -3.89
CA LYS C 63 -7.31 -0.82 -2.90
C LYS C 63 -6.13 -0.68 -1.94
N CYS C 64 -5.04 -0.07 -2.40
CA CYS C 64 -3.93 0.24 -1.51
C CYS C 64 -4.42 1.11 -0.36
N LEU C 65 -5.13 2.20 -0.69
CA LEU C 65 -5.75 3.03 0.34
C LEU C 65 -6.86 2.25 1.05
N THR C 66 -7.52 1.36 0.32
CA THR C 66 -8.58 0.52 0.86
C THR C 66 -8.10 -0.33 2.03
N VAL C 67 -6.97 -1.01 1.85
CA VAL C 67 -6.47 -1.91 2.88
C VAL C 67 -5.91 -1.14 4.08
N GLY C 68 -5.51 0.10 3.87
CA GLY C 68 -5.07 0.92 4.99
C GLY C 68 -3.78 1.69 4.70
N MET C 69 -3.32 1.66 3.46
CA MET C 69 -2.12 2.41 3.09
C MET C 69 -2.47 3.90 2.97
N ARG C 70 -1.60 4.74 3.52
CA ARG C 70 -1.84 6.17 3.53
C ARG C 70 -0.75 6.91 2.77
N LEU C 71 -1.15 8.04 2.17
CA LEU C 71 -0.25 8.85 1.37
C LEU C 71 0.71 9.63 2.24
N GLU C 72 0.23 9.97 3.44
CA GLU C 72 1.02 10.70 4.43
C GLU C 72 2.32 9.97 4.78
N ALA C 73 2.33 8.66 4.60
CA ALA C 73 3.51 7.86 4.91
C ALA C 73 4.61 8.10 3.87
N VAL C 74 4.21 8.51 2.68
CA VAL C 74 5.15 8.78 1.61
C VAL C 74 5.78 10.15 1.81
N ARG C 75 7.03 10.17 2.21
CA ARG C 75 7.78 11.41 2.28
C ARG C 75 8.39 11.69 0.91
N ALA C 76 7.58 12.26 0.03
CA ALA C 76 7.93 12.42 -1.38
C ALA C 76 9.09 13.37 -1.61
N ASP C 77 9.59 13.99 -0.57
CA ASP C 77 10.76 14.85 -0.66
C ASP C 77 11.98 14.00 -1.02
N ARG C 78 12.67 13.50 -0.01
CA ARG C 78 13.76 12.56 -0.21
C ARG C 78 14.06 11.86 1.13
N MET C 79 13.04 11.77 1.98
CA MET C 79 13.21 11.19 3.31
C MET C 79 12.95 9.70 3.25
N ARG C 80 13.99 8.94 3.52
CA ARG C 80 13.98 7.49 3.32
C ARG C 80 13.53 6.76 4.59
N GLY C 81 12.58 7.37 5.30
CA GLY C 81 12.07 6.77 6.52
C GLY C 81 10.75 7.39 6.94
N GLY C 82 9.66 6.66 6.73
CA GLY C 82 8.34 7.17 7.08
C GLY C 82 7.85 6.69 8.43
N ARG C 83 8.76 6.62 9.39
CA ARG C 83 8.40 6.13 10.72
C ARG C 83 7.86 7.27 11.58
N ASN C 84 7.47 6.92 12.81
CA ASN C 84 6.94 7.86 13.82
C ASN C 84 5.53 8.35 13.45
N LYS C 85 5.36 8.85 12.23
CA LYS C 85 4.06 9.34 11.77
C LYS C 85 3.00 8.26 11.91
N PHE C 86 3.31 7.06 11.43
CA PHE C 86 2.42 5.91 11.61
C PHE C 86 3.13 4.85 12.43
N GLY C 87 4.24 5.24 13.04
CA GLY C 87 5.04 4.33 13.85
C GLY C 87 4.25 3.58 14.93
N PRO C 88 3.41 4.28 15.72
CA PRO C 88 2.61 3.65 16.78
C PRO C 88 1.80 2.46 16.29
N MET C 89 1.15 2.58 15.14
CA MET C 89 0.30 1.50 14.64
C MET C 89 1.14 0.33 14.13
N TYR C 90 2.34 0.64 13.63
CA TYR C 90 3.24 -0.40 13.13
C TYR C 90 3.73 -1.28 14.28
N LYS C 91 4.18 -0.64 15.36
CA LYS C 91 4.69 -1.36 16.51
C LYS C 91 3.56 -2.06 17.26
N ARG C 92 2.38 -1.46 17.24
CA ARG C 92 1.24 -2.04 17.91
C ARG C 92 0.82 -3.34 17.23
N ASP C 93 0.75 -3.29 15.91
CA ASP C 93 0.38 -4.46 15.12
C ASP C 93 1.43 -5.56 15.28
N ARG C 94 2.69 -5.14 15.32
CA ARG C 94 3.79 -6.05 15.56
C ARG C 94 3.61 -6.76 16.90
N ALA C 95 3.23 -5.98 17.91
CA ALA C 95 3.01 -6.51 19.25
C ALA C 95 1.78 -7.40 19.29
N LEU C 96 0.86 -7.19 18.37
CA LEU C 96 -0.34 -8.03 18.26
C LEU C 96 0.00 -9.36 17.60
N LYS C 97 0.75 -9.30 16.51
CA LYS C 97 1.12 -10.50 15.76
C LYS C 97 2.08 -11.39 16.55
N GLN C 98 3.11 -10.78 17.13
CA GLN C 98 4.07 -11.54 17.92
C GLN C 98 3.47 -11.90 19.29
N GLN C 99 2.89 -10.89 19.94
CA GLN C 99 2.26 -11.06 21.26
C GLN C 99 3.25 -11.51 22.32
N LYS C 100 3.56 -12.80 22.33
CA LYS C 100 4.49 -13.36 23.30
C LYS C 100 5.81 -13.66 22.62
N LYS C 101 6.75 -12.72 22.72
CA LYS C 101 8.03 -12.88 22.04
C LYS C 101 9.03 -13.55 22.96
N ALA C 102 8.69 -13.67 24.23
CA ALA C 102 9.55 -14.30 25.20
C ALA C 102 8.95 -15.65 25.61
ZN ZN D . 1.65 -6.35 -2.62
ZN ZN E . -10.25 -1.21 -13.27
N ASP C 1 3.99 -17.92 0.97
CA ASP C 1 3.61 -17.58 2.34
C ASP C 1 2.31 -16.80 2.42
N GLU C 2 2.40 -15.50 2.16
CA GLU C 2 1.25 -14.62 2.22
C GLU C 2 1.33 -13.58 1.12
N LEU C 3 0.17 -13.15 0.64
CA LEU C 3 0.11 -12.20 -0.46
C LEU C 3 -0.63 -10.94 -0.04
N CYS C 4 -0.35 -9.85 -0.74
CA CYS C 4 -0.97 -8.56 -0.46
C CYS C 4 -2.48 -8.64 -0.63
N PRO C 5 -3.23 -8.00 0.27
CA PRO C 5 -4.69 -7.95 0.18
C PRO C 5 -5.19 -7.03 -0.93
N VAL C 6 -4.26 -6.46 -1.68
CA VAL C 6 -4.60 -5.58 -2.79
C VAL C 6 -4.22 -6.20 -4.13
N CYS C 7 -2.94 -6.17 -4.46
CA CYS C 7 -2.46 -6.65 -5.74
C CYS C 7 -2.38 -8.17 -5.78
N GLY C 8 -2.09 -8.76 -4.64
CA GLY C 8 -1.98 -10.20 -4.55
C GLY C 8 -0.58 -10.71 -4.85
N ASP C 9 0.43 -9.99 -4.37
CA ASP C 9 1.82 -10.43 -4.52
C ASP C 9 2.40 -10.83 -3.18
N LYS C 10 3.44 -11.66 -3.21
CA LYS C 10 4.17 -12.08 -2.01
C LYS C 10 4.59 -10.87 -1.17
N VAL C 11 4.12 -10.84 0.05
CA VAL C 11 4.41 -9.74 0.96
C VAL C 11 5.90 -9.63 1.27
N SER C 12 6.40 -8.41 1.24
CA SER C 12 7.80 -8.13 1.53
C SER C 12 7.93 -7.66 2.97
N GLY C 13 6.93 -6.93 3.45
CA GLY C 13 6.96 -6.41 4.80
C GLY C 13 5.96 -5.30 4.99
N TYR C 14 6.04 -4.63 6.12
CA TYR C 14 5.12 -3.55 6.43
C TYR C 14 5.49 -2.29 5.68
N HIS C 15 4.67 -1.92 4.69
CA HIS C 15 4.92 -0.73 3.91
C HIS C 15 3.65 0.10 3.76
N TYR C 16 3.72 1.35 4.21
CA TYR C 16 2.69 2.36 3.96
C TYR C 16 1.39 2.10 4.71
N GLY C 17 1.27 0.94 5.34
CA GLY C 17 0.07 0.64 6.09
C GLY C 17 0.08 -0.76 6.68
N LEU C 18 0.51 -1.73 5.89
CA LEU C 18 0.48 -3.13 6.33
C LEU C 18 1.44 -3.96 5.50
N LEU C 19 1.32 -5.28 5.64
CA LEU C 19 2.10 -6.22 4.83
C LEU C 19 1.84 -6.02 3.35
N THR C 20 2.84 -5.49 2.66
CA THR C 20 2.78 -5.29 1.23
C THR C 20 4.09 -5.71 0.59
N CYS C 21 4.08 -5.90 -0.71
CA CYS C 21 5.28 -6.26 -1.45
C CYS C 21 5.95 -5.01 -1.98
N GLU C 22 7.11 -5.19 -2.61
CA GLU C 22 7.81 -4.09 -3.23
C GLU C 22 7.07 -3.63 -4.49
N SER C 23 6.23 -4.51 -5.02
CA SER C 23 5.37 -4.18 -6.14
C SER C 23 4.44 -3.02 -5.76
N CYS C 24 3.81 -3.15 -4.60
CA CYS C 24 2.94 -2.10 -4.08
C CYS C 24 3.77 -0.85 -3.78
N LYS C 25 4.81 -1.05 -3.00
CA LYS C 25 5.73 0.02 -2.60
C LYS C 25 6.24 0.83 -3.81
N GLY C 26 6.72 0.12 -4.82
CA GLY C 26 7.25 0.77 -6.01
C GLY C 26 6.19 1.52 -6.80
N PHE C 27 5.07 0.86 -7.06
CA PHE C 27 3.98 1.45 -7.82
C PHE C 27 3.39 2.65 -7.07
N PHE C 28 3.26 2.49 -5.76
CA PHE C 28 2.71 3.53 -4.91
C PHE C 28 3.54 4.80 -5.05
N LYS C 29 4.86 4.67 -4.91
CA LYS C 29 5.76 5.81 -5.04
C LYS C 29 5.67 6.46 -6.41
N ARG C 30 5.65 5.63 -7.46
CA ARG C 30 5.59 6.15 -8.82
C ARG C 30 4.34 6.99 -9.02
N THR C 31 3.27 6.61 -8.33
CA THR C 31 2.03 7.35 -8.40
C THR C 31 2.13 8.67 -7.62
N VAL C 32 2.40 8.56 -6.32
CA VAL C 32 2.40 9.71 -5.41
C VAL C 32 3.48 10.75 -5.75
N GLN C 33 4.71 10.29 -5.94
CA GLN C 33 5.84 11.20 -6.09
C GLN C 33 5.83 11.90 -7.45
N ASN C 34 5.36 11.19 -8.46
CA ASN C 34 5.29 11.75 -9.80
C ASN C 34 4.02 12.58 -9.99
N ASN C 35 3.24 12.70 -8.92
CA ASN C 35 1.97 13.43 -8.95
C ASN C 35 1.04 12.85 -10.00
N LYS C 36 1.00 11.53 -10.05
CA LYS C 36 0.22 10.82 -11.04
C LYS C 36 -1.16 10.46 -10.50
N HIS C 37 -2.14 10.49 -11.37
CA HIS C 37 -3.48 10.06 -11.04
C HIS C 37 -4.03 9.22 -12.18
N TYR C 38 -4.55 8.06 -11.86
CA TYR C 38 -5.01 7.13 -12.87
C TYR C 38 -6.53 7.11 -12.94
N THR C 39 -7.06 6.36 -13.88
CA THR C 39 -8.50 6.24 -14.04
C THR C 39 -8.88 4.77 -14.29
N CYS C 40 -10.15 4.53 -14.50
CA CYS C 40 -10.65 3.19 -14.70
C CYS C 40 -11.39 3.09 -16.03
N THR C 41 -11.48 1.88 -16.57
CA THR C 41 -12.18 1.67 -17.82
C THR C 41 -13.48 0.89 -17.56
N GLU C 42 -13.76 0.64 -16.29
CA GLU C 42 -14.93 -0.12 -15.89
C GLU C 42 -15.72 0.66 -14.83
N SER C 43 -16.32 -0.07 -13.89
CA SER C 43 -17.15 0.54 -12.86
C SER C 43 -16.31 1.03 -11.67
N GLN C 44 -15.01 1.23 -11.91
CA GLN C 44 -14.06 1.73 -10.89
C GLN C 44 -13.73 0.65 -9.85
N SER C 45 -14.74 0.04 -9.26
CA SER C 45 -14.52 -1.02 -8.30
C SER C 45 -14.41 -2.37 -9.02
N CYS C 46 -13.31 -2.53 -9.73
CA CYS C 46 -13.07 -3.73 -10.53
C CYS C 46 -12.47 -4.85 -9.68
N LYS C 47 -12.15 -5.95 -10.35
CA LYS C 47 -11.47 -7.06 -9.72
C LYS C 47 -9.98 -6.91 -9.88
N ILE C 48 -9.28 -6.75 -8.77
CA ILE C 48 -7.83 -6.62 -8.82
C ILE C 48 -7.19 -7.99 -8.90
N ASP C 49 -6.74 -8.31 -10.10
CA ASP C 49 -6.11 -9.59 -10.38
C ASP C 49 -4.71 -9.35 -10.86
N LYS C 50 -3.97 -10.42 -11.09
CA LYS C 50 -2.58 -10.32 -11.50
C LYS C 50 -2.46 -9.62 -12.86
N THR C 51 -3.41 -9.90 -13.75
CA THR C 51 -3.44 -9.26 -15.04
C THR C 51 -4.23 -7.95 -15.00
N GLN C 52 -5.29 -7.92 -14.19
CA GLN C 52 -6.18 -6.77 -14.13
C GLN C 52 -5.51 -5.57 -13.46
N ARG C 53 -4.52 -5.84 -12.63
CA ARG C 53 -3.85 -4.78 -11.87
C ARG C 53 -3.01 -3.88 -12.77
N LYS C 54 -2.72 -4.34 -13.99
CA LYS C 54 -2.03 -3.53 -14.97
C LYS C 54 -3.03 -2.85 -15.91
N ARG C 55 -4.28 -3.28 -15.85
CA ARG C 55 -5.32 -2.75 -16.72
C ARG C 55 -6.01 -1.57 -16.05
N CYS C 56 -6.30 -1.73 -14.77
CA CYS C 56 -6.86 -0.67 -13.97
C CYS C 56 -5.90 -0.25 -12.87
N PRO C 57 -4.93 0.63 -13.19
CA PRO C 57 -3.92 1.07 -12.23
C PRO C 57 -4.54 1.87 -11.09
N PHE C 58 -5.60 2.60 -11.41
CA PHE C 58 -6.30 3.39 -10.41
C PHE C 58 -6.95 2.47 -9.37
N CYS C 59 -7.61 1.43 -9.85
CA CYS C 59 -8.28 0.48 -8.97
C CYS C 59 -7.25 -0.19 -8.06
N ARG C 60 -6.09 -0.49 -8.61
CA ARG C 60 -5.00 -1.06 -7.84
C ARG C 60 -4.56 -0.09 -6.76
N PHE C 61 -4.29 1.15 -7.17
CA PHE C 61 -3.84 2.20 -6.26
C PHE C 61 -4.89 2.46 -5.17
N GLN C 62 -6.13 2.64 -5.58
CA GLN C 62 -7.19 2.98 -4.64
C GLN C 62 -7.40 1.85 -3.64
N LYS C 63 -7.17 0.60 -4.06
CA LYS C 63 -7.28 -0.51 -3.12
C LYS C 63 -6.07 -0.54 -2.18
N CYS C 64 -4.93 -0.02 -2.65
CA CYS C 64 -3.78 0.13 -1.78
C CYS C 64 -4.16 1.01 -0.59
N LEU C 65 -4.88 2.10 -0.86
CA LEU C 65 -5.41 2.94 0.22
C LEU C 65 -6.45 2.17 1.02
N THR C 66 -7.24 1.36 0.32
CA THR C 66 -8.26 0.51 0.93
C THR C 66 -7.65 -0.40 2.00
N VAL C 67 -6.55 -1.07 1.68
CA VAL C 67 -5.96 -2.04 2.58
C VAL C 67 -5.20 -1.37 3.73
N GLY C 68 -4.88 -0.09 3.58
CA GLY C 68 -4.29 0.64 4.69
C GLY C 68 -3.10 1.50 4.30
N MET C 69 -2.72 1.47 3.03
CA MET C 69 -1.58 2.27 2.57
C MET C 69 -1.99 3.74 2.46
N ARG C 70 -1.29 4.60 3.19
CA ARG C 70 -1.64 6.01 3.24
C ARG C 70 -0.62 6.88 2.53
N LEU C 71 -1.05 8.07 2.13
CA LEU C 71 -0.21 8.99 1.37
C LEU C 71 0.81 9.66 2.29
N GLU C 72 0.51 9.67 3.59
CA GLU C 72 1.39 10.28 4.56
C GLU C 72 2.66 9.46 4.75
N ALA C 73 2.59 8.18 4.38
CA ALA C 73 3.70 7.27 4.57
C ALA C 73 4.71 7.39 3.43
N VAL C 74 4.42 8.28 2.49
CA VAL C 74 5.32 8.51 1.36
C VAL C 74 5.60 10.00 1.21
N ARG C 75 6.83 10.34 0.92
CA ARG C 75 7.22 11.72 0.70
C ARG C 75 7.85 11.89 -0.67
N ALA C 76 7.44 12.94 -1.37
CA ALA C 76 7.96 13.24 -2.69
C ALA C 76 9.25 14.03 -2.62
N ASP C 77 9.45 14.72 -1.50
CA ASP C 77 10.66 15.53 -1.32
C ASP C 77 11.88 14.63 -1.25
N ARG C 78 12.20 14.16 -0.05
CA ARG C 78 13.28 13.20 0.16
C ARG C 78 13.47 12.94 1.65
N MET C 79 12.91 11.83 2.13
CA MET C 79 13.06 11.44 3.52
C MET C 79 13.01 9.93 3.62
N ARG C 80 14.15 9.32 3.89
CA ARG C 80 14.27 7.86 3.89
C ARG C 80 14.42 7.31 5.31
N GLY C 81 13.91 8.04 6.29
CA GLY C 81 13.99 7.60 7.67
C GLY C 81 13.04 6.45 7.96
N GLY C 82 11.99 6.33 7.17
CA GLY C 82 11.07 5.21 7.29
C GLY C 82 10.09 5.36 8.44
N ARG C 83 10.59 5.18 9.65
CA ARG C 83 9.74 5.17 10.84
C ARG C 83 9.17 6.56 11.09
N ASN C 84 7.86 6.68 10.85
CA ASN C 84 7.17 7.96 10.99
C ASN C 84 5.83 7.73 11.70
N LYS C 85 4.79 8.45 11.26
CA LYS C 85 3.46 8.42 11.89
C LYS C 85 2.95 6.99 12.13
N PHE C 86 3.11 6.13 11.14
CA PHE C 86 2.54 4.80 11.21
C PHE C 86 3.53 3.79 11.81
N GLY C 87 4.67 4.30 12.26
CA GLY C 87 5.69 3.43 12.87
C GLY C 87 5.14 2.55 13.98
N PRO C 88 4.42 3.13 14.97
CA PRO C 88 3.81 2.36 16.07
C PRO C 88 2.93 1.22 15.59
N MET C 89 2.11 1.45 14.57
CA MET C 89 1.18 0.43 14.11
C MET C 89 1.92 -0.70 13.38
N TYR C 90 3.03 -0.36 12.72
CA TYR C 90 3.83 -1.36 12.03
C TYR C 90 4.42 -2.34 13.03
N LYS C 91 5.10 -1.81 14.03
CA LYS C 91 5.76 -2.64 15.02
C LYS C 91 4.77 -3.41 15.87
N ARG C 92 3.60 -2.81 16.12
CA ARG C 92 2.60 -3.46 16.93
C ARG C 92 2.05 -4.69 16.22
N ASP C 93 1.58 -4.51 14.99
CA ASP C 93 1.01 -5.61 14.22
C ASP C 93 2.06 -6.69 13.99
N ARG C 94 3.30 -6.26 13.81
CA ARG C 94 4.41 -7.18 13.62
C ARG C 94 4.63 -8.02 14.87
N ALA C 95 4.64 -7.38 16.03
CA ALA C 95 4.80 -8.09 17.30
C ALA C 95 3.64 -9.03 17.54
N LEU C 96 2.45 -8.59 17.16
CA LEU C 96 1.24 -9.40 17.30
C LEU C 96 1.30 -10.59 16.34
N LYS C 97 1.79 -10.36 15.14
CA LYS C 97 1.97 -11.41 14.16
C LYS C 97 3.01 -12.43 14.65
N GLN C 98 4.09 -11.92 15.23
CA GLN C 98 5.19 -12.74 15.71
C GLN C 98 4.91 -13.29 17.11
N GLN C 99 3.67 -13.15 17.56
CA GLN C 99 3.27 -13.67 18.87
C GLN C 99 3.39 -15.20 18.87
N LYS C 100 3.16 -15.80 17.72
CA LYS C 100 3.33 -17.23 17.55
C LYS C 100 4.79 -17.55 17.25
N LYS C 101 5.25 -18.70 17.71
CA LYS C 101 6.63 -19.09 17.52
C LYS C 101 6.88 -19.43 16.06
N ALA C 102 7.79 -18.68 15.44
CA ALA C 102 8.14 -18.90 14.05
C ALA C 102 9.55 -18.42 13.80
ZN ZN D . 1.55 -6.19 -3.23
ZN ZN E . -10.94 -0.60 -12.96
N ASP C 1 -0.83 -18.10 5.51
CA ASP C 1 -0.05 -17.33 4.54
C ASP C 1 -0.63 -15.93 4.35
N GLU C 2 -0.07 -14.98 5.06
CA GLU C 2 -0.52 -13.61 4.98
C GLU C 2 -0.19 -13.03 3.61
N LEU C 3 -1.15 -12.37 3.01
CA LEU C 3 -1.00 -11.84 1.67
C LEU C 3 -1.45 -10.39 1.63
N CYS C 4 -0.91 -9.65 0.69
CA CYS C 4 -1.31 -8.28 0.46
C CYS C 4 -2.73 -8.23 -0.08
N PRO C 5 -3.66 -7.65 0.68
CA PRO C 5 -5.08 -7.60 0.30
C PRO C 5 -5.32 -6.72 -0.93
N VAL C 6 -4.29 -6.04 -1.38
CA VAL C 6 -4.38 -5.23 -2.58
C VAL C 6 -4.27 -6.10 -3.83
N CYS C 7 -3.10 -6.69 -4.03
CA CYS C 7 -2.80 -7.40 -5.27
C CYS C 7 -2.72 -8.91 -5.10
N GLY C 8 -2.48 -9.35 -3.87
CA GLY C 8 -2.36 -10.77 -3.62
C GLY C 8 -0.91 -11.23 -3.53
N ASP C 9 0.02 -10.28 -3.44
CA ASP C 9 1.43 -10.61 -3.27
C ASP C 9 1.72 -11.00 -1.82
N LYS C 10 2.89 -11.57 -1.59
CA LYS C 10 3.29 -11.95 -0.25
C LYS C 10 3.59 -10.70 0.58
N VAL C 11 3.20 -10.73 1.85
CA VAL C 11 3.38 -9.58 2.73
C VAL C 11 4.85 -9.34 3.04
N SER C 12 5.19 -8.07 3.20
CA SER C 12 6.53 -7.69 3.59
C SER C 12 6.50 -7.08 4.99
N GLY C 13 5.39 -7.30 5.68
CA GLY C 13 5.22 -6.78 7.02
C GLY C 13 4.27 -5.60 7.07
N TYR C 14 4.13 -5.00 8.25
CA TYR C 14 3.32 -3.80 8.40
C TYR C 14 4.10 -2.59 7.94
N HIS C 15 3.57 -1.87 6.95
CA HIS C 15 4.24 -0.67 6.43
C HIS C 15 3.23 0.41 6.10
N TYR C 16 2.37 0.14 5.12
CA TYR C 16 1.40 1.13 4.72
C TYR C 16 0.04 0.83 5.32
N GLY C 17 -0.06 1.05 6.62
CA GLY C 17 -1.33 0.92 7.31
C GLY C 17 -1.62 -0.50 7.77
N LEU C 18 -1.06 -1.48 7.08
CA LEU C 18 -1.31 -2.88 7.40
C LEU C 18 -0.28 -3.78 6.72
N LEU C 19 -0.60 -5.07 6.63
CA LEU C 19 0.23 -6.03 5.92
C LEU C 19 0.37 -5.61 4.45
N THR C 20 1.54 -5.13 4.10
CA THR C 20 1.77 -4.60 2.77
C THR C 20 3.04 -5.17 2.16
N CYS C 21 3.06 -5.26 0.84
CA CYS C 21 4.19 -5.82 0.12
C CYS C 21 5.01 -4.72 -0.53
N GLU C 22 6.28 -5.00 -0.77
CA GLU C 22 7.20 -4.06 -1.40
C GLU C 22 6.75 -3.74 -2.84
N SER C 23 5.98 -4.63 -3.45
CA SER C 23 5.50 -4.39 -4.81
C SER C 23 4.48 -3.24 -4.83
N CYS C 24 3.55 -3.25 -3.89
CA CYS C 24 2.59 -2.15 -3.76
C CYS C 24 3.28 -0.94 -3.16
N LYS C 25 4.20 -1.19 -2.23
CA LYS C 25 5.01 -0.13 -1.65
C LYS C 25 5.76 0.62 -2.75
N GLY C 26 6.42 -0.12 -3.62
CA GLY C 26 7.12 0.47 -4.75
C GLY C 26 6.18 1.23 -5.66
N PHE C 27 5.08 0.60 -6.03
CA PHE C 27 4.09 1.23 -6.91
C PHE C 27 3.54 2.51 -6.29
N PHE C 28 3.28 2.47 -4.99
CA PHE C 28 2.77 3.63 -4.26
C PHE C 28 3.80 4.75 -4.31
N LYS C 29 5.05 4.40 -4.01
CA LYS C 29 6.17 5.34 -4.12
C LYS C 29 6.22 5.96 -5.52
N ARG C 30 6.16 5.10 -6.53
CA ARG C 30 6.24 5.55 -7.92
C ARG C 30 5.16 6.58 -8.23
N THR C 31 3.94 6.28 -7.83
CA THR C 31 2.80 7.11 -8.16
C THR C 31 2.77 8.41 -7.35
N VAL C 32 2.81 8.29 -6.02
CA VAL C 32 2.63 9.44 -5.15
C VAL C 32 3.79 10.43 -5.25
N GLN C 33 5.01 9.91 -5.29
CA GLN C 33 6.19 10.76 -5.28
C GLN C 33 6.32 11.56 -6.57
N ASN C 34 5.92 10.94 -7.66
CA ASN C 34 5.95 11.63 -8.95
C ASN C 34 4.64 12.36 -9.17
N ASN C 35 3.82 12.45 -8.11
CA ASN C 35 2.53 13.14 -8.11
C ASN C 35 1.74 12.75 -9.35
N LYS C 36 1.79 11.46 -9.64
CA LYS C 36 1.21 10.92 -10.84
C LYS C 36 -0.26 10.55 -10.64
N HIS C 37 -0.97 10.48 -11.76
CA HIS C 37 -2.37 10.13 -11.76
C HIS C 37 -2.69 9.31 -13.01
N TYR C 38 -3.13 8.08 -12.80
CA TYR C 38 -3.37 7.17 -13.91
C TYR C 38 -4.80 7.28 -14.41
N THR C 39 -5.09 6.60 -15.51
CA THR C 39 -6.40 6.64 -16.12
C THR C 39 -6.89 5.24 -16.43
N CYS C 40 -8.03 4.88 -15.88
CA CYS C 40 -8.63 3.59 -16.16
C CYS C 40 -9.69 3.73 -17.25
N THR C 41 -9.43 3.12 -18.39
CA THR C 41 -10.37 3.18 -19.51
C THR C 41 -11.56 2.26 -19.28
N GLU C 42 -11.49 1.44 -18.24
CA GLU C 42 -12.57 0.53 -17.89
C GLU C 42 -13.55 1.23 -16.96
N SER C 43 -14.21 0.46 -16.11
CA SER C 43 -15.22 0.99 -15.20
C SER C 43 -14.60 1.58 -13.93
N GLN C 44 -13.26 1.60 -13.88
CA GLN C 44 -12.50 2.12 -12.74
C GLN C 44 -12.57 1.18 -11.53
N SER C 45 -13.77 0.74 -11.18
CA SER C 45 -13.96 -0.20 -10.09
C SER C 45 -13.69 -1.62 -10.57
N CYS C 46 -12.45 -1.85 -11.00
CA CYS C 46 -12.07 -3.13 -11.57
C CYS C 46 -11.54 -4.07 -10.47
N LYS C 47 -11.40 -5.33 -10.82
CA LYS C 47 -10.90 -6.33 -9.90
C LYS C 47 -9.39 -6.42 -10.00
N ILE C 48 -8.71 -6.31 -8.87
CA ILE C 48 -7.27 -6.40 -8.83
C ILE C 48 -6.86 -7.86 -8.69
N ASP C 49 -6.67 -8.50 -9.83
CA ASP C 49 -6.32 -9.91 -9.90
C ASP C 49 -4.83 -10.04 -10.19
N LYS C 50 -4.33 -11.26 -10.27
CA LYS C 50 -2.93 -11.52 -10.52
C LYS C 50 -2.50 -10.91 -11.86
N THR C 51 -3.37 -11.00 -12.83
CA THR C 51 -3.12 -10.42 -14.15
C THR C 51 -3.63 -8.98 -14.23
N GLN C 52 -4.83 -8.75 -13.71
CA GLN C 52 -5.54 -7.49 -13.89
C GLN C 52 -4.87 -6.33 -13.13
N ARG C 53 -3.99 -6.68 -12.18
CA ARG C 53 -3.30 -5.67 -11.38
C ARG C 53 -2.28 -4.88 -12.20
N LYS C 54 -2.00 -5.33 -13.41
CA LYS C 54 -1.08 -4.61 -14.29
C LYS C 54 -1.82 -3.67 -15.23
N ARG C 55 -2.94 -4.15 -15.76
CA ARG C 55 -3.68 -3.39 -16.77
C ARG C 55 -4.34 -2.16 -16.17
N CYS C 56 -4.73 -2.26 -14.91
CA CYS C 56 -5.37 -1.15 -14.22
C CYS C 56 -4.54 -0.68 -13.02
N PRO C 57 -3.53 0.18 -13.27
CA PRO C 57 -2.70 0.72 -12.19
C PRO C 57 -3.49 1.67 -11.29
N PHE C 58 -4.37 2.45 -11.91
CA PHE C 58 -5.23 3.37 -11.19
C PHE C 58 -6.12 2.61 -10.21
N CYS C 59 -6.61 1.46 -10.65
CA CYS C 59 -7.46 0.63 -9.82
C CYS C 59 -6.67 0.01 -8.69
N ARG C 60 -5.41 -0.35 -8.97
CA ARG C 60 -4.53 -0.88 -7.94
C ARG C 60 -4.26 0.17 -6.89
N PHE C 61 -4.11 1.41 -7.34
CA PHE C 61 -3.95 2.55 -6.45
C PHE C 61 -5.15 2.66 -5.51
N GLN C 62 -6.34 2.61 -6.10
CA GLN C 62 -7.58 2.64 -5.33
C GLN C 62 -7.63 1.48 -4.34
N LYS C 63 -7.22 0.30 -4.82
CA LYS C 63 -7.19 -0.90 -4.01
C LYS C 63 -6.27 -0.71 -2.80
N CYS C 64 -5.16 -0.01 -3.00
CA CYS C 64 -4.23 0.28 -1.91
C CYS C 64 -4.92 1.11 -0.84
N LEU C 65 -5.47 2.25 -1.24
CA LEU C 65 -6.19 3.12 -0.31
C LEU C 65 -7.39 2.42 0.31
N THR C 66 -7.91 1.41 -0.39
CA THR C 66 -9.03 0.64 0.11
C THR C 66 -8.64 -0.17 1.35
N VAL C 67 -7.56 -0.93 1.25
CA VAL C 67 -7.17 -1.86 2.31
C VAL C 67 -6.65 -1.12 3.54
N GLY C 68 -6.17 0.10 3.34
CA GLY C 68 -5.68 0.89 4.47
C GLY C 68 -4.41 1.64 4.16
N MET C 69 -3.91 1.50 2.94
CA MET C 69 -2.71 2.22 2.53
C MET C 69 -3.04 3.69 2.29
N ARG C 70 -2.52 4.55 3.16
CA ARG C 70 -2.81 5.97 3.07
C ARG C 70 -1.71 6.71 2.33
N LEU C 71 -2.03 7.91 1.89
CA LEU C 71 -1.12 8.71 1.07
C LEU C 71 0.00 9.30 1.90
N GLU C 72 -0.34 9.68 3.11
CA GLU C 72 0.62 10.26 4.05
C GLU C 72 1.63 9.21 4.52
N ALA C 73 1.42 7.96 4.15
CA ALA C 73 2.34 6.89 4.50
C ALA C 73 3.63 7.02 3.70
N VAL C 74 3.55 7.76 2.61
CA VAL C 74 4.73 8.04 1.80
C VAL C 74 5.28 9.41 2.20
N ARG C 75 6.59 9.58 2.15
CA ARG C 75 7.20 10.85 2.51
C ARG C 75 7.37 11.73 1.29
N ALA C 76 6.46 12.67 1.11
CA ALA C 76 6.52 13.61 -0.02
C ALA C 76 7.77 14.49 0.08
N ASP C 77 8.41 14.43 1.23
CA ASP C 77 9.67 15.13 1.47
C ASP C 77 10.81 14.48 0.68
N ARG C 78 10.52 13.31 0.09
CA ARG C 78 11.52 12.51 -0.62
C ARG C 78 12.53 11.95 0.40
N MET C 79 12.16 11.98 1.66
CA MET C 79 13.04 11.53 2.73
C MET C 79 12.76 10.06 3.04
N ARG C 80 13.76 9.22 2.85
CA ARG C 80 13.61 7.78 3.06
C ARG C 80 13.42 7.46 4.54
N GLY C 81 13.78 8.40 5.41
CA GLY C 81 13.59 8.22 6.83
C GLY C 81 12.16 8.49 7.26
N GLY C 82 11.23 7.71 6.72
CA GLY C 82 9.83 7.89 7.04
C GLY C 82 9.37 6.98 8.16
N ARG C 83 10.29 6.70 9.08
CA ARG C 83 10.03 5.79 10.18
C ARG C 83 9.62 6.55 11.43
N ASN C 84 8.31 6.63 11.68
CA ASN C 84 7.78 7.23 12.93
C ASN C 84 6.27 7.26 12.93
N LYS C 85 5.69 7.97 11.95
CA LYS C 85 4.26 8.28 11.92
C LYS C 85 3.38 7.05 12.09
N PHE C 86 3.63 6.01 11.32
CA PHE C 86 2.77 4.84 11.31
C PHE C 86 3.27 3.75 12.25
N GLY C 87 4.24 4.09 13.10
CA GLY C 87 4.81 3.11 14.02
C GLY C 87 3.78 2.49 14.96
N PRO C 88 3.18 3.29 15.86
CA PRO C 88 2.18 2.80 16.82
C PRO C 88 0.97 2.15 16.16
N MET C 89 0.51 2.72 15.05
CA MET C 89 -0.69 2.23 14.38
C MET C 89 -0.48 0.82 13.83
N TYR C 90 0.77 0.47 13.51
CA TYR C 90 1.11 -0.89 13.10
C TYR C 90 0.59 -1.90 14.12
N LYS C 91 1.00 -1.68 15.37
CA LYS C 91 0.65 -2.56 16.46
C LYS C 91 -0.84 -2.47 16.76
N ARG C 92 -1.40 -1.28 16.58
CA ARG C 92 -2.82 -1.07 16.76
C ARG C 92 -3.61 -1.90 15.75
N ASP C 93 -3.24 -1.79 14.48
CA ASP C 93 -3.94 -2.49 13.41
C ASP C 93 -3.90 -4.00 13.63
N ARG C 94 -2.73 -4.49 14.03
CA ARG C 94 -2.58 -5.91 14.34
C ARG C 94 -3.55 -6.32 15.44
N ALA C 95 -3.66 -5.49 16.48
CA ALA C 95 -4.56 -5.76 17.59
C ALA C 95 -6.02 -5.64 17.15
N LEU C 96 -6.29 -4.71 16.26
CA LEU C 96 -7.63 -4.49 15.74
C LEU C 96 -8.11 -5.71 14.96
N LYS C 97 -7.24 -6.23 14.11
CA LYS C 97 -7.54 -7.42 13.34
C LYS C 97 -7.69 -8.64 14.23
N GLN C 98 -6.86 -8.72 15.28
CA GLN C 98 -6.98 -9.78 16.27
C GLN C 98 -8.31 -9.68 16.99
N GLN C 99 -8.74 -8.44 17.25
CA GLN C 99 -9.96 -8.17 17.98
C GLN C 99 -11.18 -8.67 17.20
N LYS C 100 -11.05 -8.67 15.88
CA LYS C 100 -12.15 -9.07 15.02
C LYS C 100 -12.03 -10.53 14.61
N LYS C 101 -10.99 -10.85 13.86
CA LYS C 101 -10.84 -12.18 13.30
C LYS C 101 -9.60 -12.88 13.85
N ALA C 102 -9.83 -13.83 14.73
CA ALA C 102 -8.75 -14.62 15.30
C ALA C 102 -9.09 -16.09 15.18
ZN ZN D . 0.45 -5.70 -2.82
ZN ZN E . -9.57 -0.63 -14.13
N ASP C 1 3.75 -14.25 6.16
CA ASP C 1 2.80 -15.34 6.05
C ASP C 1 1.47 -14.84 5.53
N GLU C 2 1.31 -13.52 5.52
CA GLU C 2 0.09 -12.89 5.08
C GLU C 2 0.26 -12.33 3.68
N LEU C 3 -0.82 -12.28 2.94
CA LEU C 3 -0.79 -11.73 1.60
C LEU C 3 -1.33 -10.30 1.59
N CYS C 4 -0.69 -9.47 0.79
CA CYS C 4 -1.08 -8.07 0.63
C CYS C 4 -2.54 -7.97 0.20
N PRO C 5 -3.37 -7.25 0.98
CA PRO C 5 -4.81 -7.12 0.72
C PRO C 5 -5.10 -6.32 -0.55
N VAL C 6 -4.07 -5.69 -1.09
CA VAL C 6 -4.20 -4.94 -2.34
C VAL C 6 -4.16 -5.90 -3.53
N CYS C 7 -3.38 -6.97 -3.40
CA CYS C 7 -3.18 -7.89 -4.50
C CYS C 7 -3.19 -9.35 -4.02
N GLY C 8 -2.05 -9.83 -3.58
CA GLY C 8 -1.96 -11.20 -3.11
C GLY C 8 -0.55 -11.74 -3.10
N ASP C 9 0.38 -10.95 -2.58
CA ASP C 9 1.76 -11.41 -2.41
C ASP C 9 2.08 -11.42 -0.93
N LYS C 10 2.97 -12.30 -0.50
CA LYS C 10 3.38 -12.30 0.90
C LYS C 10 3.91 -10.93 1.29
N VAL C 11 3.36 -10.39 2.36
CA VAL C 11 3.65 -9.04 2.81
C VAL C 11 5.10 -8.86 3.21
N SER C 12 5.61 -7.65 2.99
CA SER C 12 6.99 -7.34 3.31
C SER C 12 7.08 -6.62 4.66
N GLY C 13 6.04 -6.79 5.47
CA GLY C 13 6.02 -6.19 6.79
C GLY C 13 4.87 -5.24 6.99
N TYR C 14 4.77 -4.68 8.19
CA TYR C 14 3.72 -3.72 8.51
C TYR C 14 4.22 -2.31 8.26
N HIS C 15 3.70 -1.69 7.21
CA HIS C 15 4.10 -0.34 6.82
C HIS C 15 2.98 0.35 6.04
N TYR C 16 2.91 1.67 6.16
CA TYR C 16 1.85 2.48 5.56
C TYR C 16 0.52 2.22 6.26
N GLY C 17 0.62 1.61 7.44
CA GLY C 17 -0.57 1.29 8.21
C GLY C 17 -1.20 -0.02 7.79
N LEU C 18 -0.44 -0.85 7.08
CA LEU C 18 -0.95 -2.13 6.60
C LEU C 18 0.17 -3.13 6.37
N LEU C 19 -0.21 -4.39 6.29
CA LEU C 19 0.69 -5.43 5.84
C LEU C 19 0.73 -5.39 4.32
N THR C 20 1.78 -4.82 3.77
CA THR C 20 1.86 -4.58 2.34
C THR C 20 3.16 -5.13 1.77
N CYS C 21 3.12 -5.56 0.53
CA CYS C 21 4.29 -6.10 -0.13
C CYS C 21 5.09 -4.98 -0.80
N GLU C 22 6.36 -5.27 -1.10
CA GLU C 22 7.24 -4.33 -1.75
C GLU C 22 6.68 -3.89 -3.10
N SER C 23 5.96 -4.80 -3.76
CA SER C 23 5.35 -4.52 -5.05
C SER C 23 4.41 -3.31 -4.97
N CYS C 24 3.55 -3.32 -3.97
CA CYS C 24 2.61 -2.22 -3.77
C CYS C 24 3.32 -0.98 -3.28
N LYS C 25 4.30 -1.15 -2.39
CA LYS C 25 5.07 -0.02 -1.89
C LYS C 25 5.77 0.70 -3.04
N GLY C 26 6.35 -0.09 -3.95
CA GLY C 26 7.02 0.48 -5.11
C GLY C 26 6.08 1.28 -5.98
N PHE C 27 4.95 0.67 -6.33
CA PHE C 27 3.95 1.33 -7.18
C PHE C 27 3.35 2.53 -6.47
N PHE C 28 3.08 2.37 -5.18
CA PHE C 28 2.48 3.44 -4.38
C PHE C 28 3.37 4.67 -4.41
N LYS C 29 4.67 4.47 -4.22
CA LYS C 29 5.64 5.54 -4.31
C LYS C 29 5.55 6.23 -5.67
N ARG C 30 5.74 5.45 -6.73
CA ARG C 30 5.77 6.00 -8.09
C ARG C 30 4.49 6.76 -8.43
N THR C 31 3.38 6.36 -7.85
CA THR C 31 2.11 7.00 -8.11
C THR C 31 1.94 8.27 -7.28
N VAL C 32 2.05 8.14 -5.97
CA VAL C 32 1.78 9.25 -5.05
C VAL C 32 2.83 10.36 -5.19
N GLN C 33 4.08 9.96 -5.38
CA GLN C 33 5.18 10.93 -5.49
C GLN C 33 5.01 11.87 -6.67
N ASN C 34 4.21 11.45 -7.66
CA ASN C 34 3.99 12.27 -8.84
C ASN C 34 2.55 12.74 -8.88
N ASN C 35 1.79 12.37 -7.85
CA ASN C 35 0.37 12.75 -7.74
C ASN C 35 -0.40 12.21 -8.92
N LYS C 36 -0.01 11.03 -9.38
CA LYS C 36 -0.56 10.47 -10.60
C LYS C 36 -1.97 9.93 -10.40
N HIS C 37 -2.90 10.48 -11.17
CA HIS C 37 -4.25 9.97 -11.21
C HIS C 37 -4.50 9.28 -12.54
N TYR C 38 -4.38 7.97 -12.54
CA TYR C 38 -4.55 7.19 -13.77
C TYR C 38 -6.02 7.13 -14.15
N THR C 39 -6.29 6.55 -15.31
CA THR C 39 -7.66 6.42 -15.78
C THR C 39 -7.91 5.02 -16.34
N CYS C 40 -8.99 4.39 -15.88
CA CYS C 40 -9.34 3.07 -16.35
C CYS C 40 -10.40 3.15 -17.45
N THR C 41 -10.59 2.06 -18.18
CA THR C 41 -11.47 2.04 -19.34
C THR C 41 -12.94 2.14 -18.94
N GLU C 42 -13.42 1.14 -18.23
CA GLU C 42 -14.84 1.05 -17.87
C GLU C 42 -15.14 1.81 -16.59
N SER C 43 -15.97 1.21 -15.72
CA SER C 43 -16.37 1.83 -14.46
C SER C 43 -15.18 1.97 -13.49
N GLN C 44 -14.01 1.51 -13.95
CA GLN C 44 -12.75 1.68 -13.23
C GLN C 44 -12.71 0.84 -11.95
N SER C 45 -13.69 -0.01 -11.78
CA SER C 45 -13.75 -0.90 -10.64
C SER C 45 -13.45 -2.32 -11.09
N CYS C 46 -12.18 -2.61 -11.29
CA CYS C 46 -11.75 -3.90 -11.78
C CYS C 46 -11.16 -4.74 -10.65
N LYS C 47 -10.85 -6.00 -10.96
CA LYS C 47 -10.24 -6.89 -9.99
C LYS C 47 -8.73 -6.67 -9.97
N ILE C 48 -8.14 -6.74 -8.79
CA ILE C 48 -6.71 -6.49 -8.66
C ILE C 48 -5.96 -7.80 -8.42
N ASP C 49 -5.41 -8.34 -9.48
CA ASP C 49 -4.68 -9.59 -9.39
C ASP C 49 -3.31 -9.42 -10.03
N LYS C 50 -2.51 -10.48 -10.00
CA LYS C 50 -1.13 -10.44 -10.47
C LYS C 50 -1.01 -9.90 -11.90
N THR C 51 -1.98 -10.20 -12.74
CA THR C 51 -1.96 -9.70 -14.11
C THR C 51 -2.63 -8.33 -14.25
N GLN C 52 -3.85 -8.21 -13.72
CA GLN C 52 -4.65 -7.01 -13.95
C GLN C 52 -4.13 -5.79 -13.19
N ARG C 53 -3.28 -6.02 -12.20
CA ARG C 53 -2.71 -4.92 -11.42
C ARG C 53 -1.71 -4.12 -12.24
N LYS C 54 -1.42 -4.61 -13.45
CA LYS C 54 -0.54 -3.92 -14.37
C LYS C 54 -1.34 -3.06 -15.34
N ARG C 55 -2.40 -3.65 -15.89
CA ARG C 55 -3.21 -2.98 -16.90
C ARG C 55 -4.11 -1.93 -16.27
N CYS C 56 -4.46 -2.13 -15.02
CA CYS C 56 -5.25 -1.15 -14.29
C CYS C 56 -4.47 -0.54 -13.13
N PRO C 57 -3.61 0.45 -13.42
CA PRO C 57 -2.84 1.14 -12.39
C PRO C 57 -3.74 2.00 -11.50
N PHE C 58 -4.80 2.54 -12.09
CA PHE C 58 -5.77 3.32 -11.34
C PHE C 58 -6.48 2.46 -10.31
N CYS C 59 -7.00 1.32 -10.77
CA CYS C 59 -7.70 0.39 -9.90
C CYS C 59 -6.76 -0.12 -8.81
N ARG C 60 -5.52 -0.39 -9.20
CA ARG C 60 -4.49 -0.84 -8.27
C ARG C 60 -4.24 0.20 -7.18
N PHE C 61 -4.09 1.45 -7.61
CA PHE C 61 -3.88 2.56 -6.69
C PHE C 61 -5.06 2.71 -5.74
N GLN C 62 -6.25 2.75 -6.30
CA GLN C 62 -7.46 2.89 -5.50
C GLN C 62 -7.59 1.73 -4.51
N LYS C 63 -7.26 0.52 -4.96
CA LYS C 63 -7.23 -0.64 -4.09
C LYS C 63 -6.35 -0.39 -2.87
N CYS C 64 -5.16 0.15 -3.11
CA CYS C 64 -4.23 0.47 -2.03
C CYS C 64 -4.89 1.37 -0.99
N LEU C 65 -5.51 2.45 -1.47
CA LEU C 65 -6.20 3.38 -0.57
C LEU C 65 -7.44 2.75 0.06
N THR C 66 -8.10 1.85 -0.67
CA THR C 66 -9.31 1.21 -0.18
C THR C 66 -9.03 0.36 1.07
N VAL C 67 -7.94 -0.39 1.03
CA VAL C 67 -7.59 -1.25 2.17
C VAL C 67 -7.02 -0.42 3.31
N GLY C 68 -6.50 0.76 3.00
CA GLY C 68 -6.10 1.69 4.04
C GLY C 68 -4.64 2.05 4.03
N MET C 69 -4.03 2.10 2.84
CA MET C 69 -2.65 2.56 2.73
C MET C 69 -2.61 4.08 2.81
N ARG C 70 -1.93 4.58 3.82
CA ARG C 70 -1.90 6.02 4.08
C ARG C 70 -1.04 6.75 3.07
N LEU C 71 -1.66 7.68 2.34
CA LEU C 71 -0.96 8.48 1.34
C LEU C 71 0.17 9.29 1.98
N GLU C 72 -0.10 9.79 3.18
CA GLU C 72 0.84 10.64 3.89
C GLU C 72 1.99 9.84 4.51
N ALA C 73 2.04 8.55 4.20
CA ALA C 73 3.11 7.70 4.69
C ALA C 73 4.19 7.53 3.62
N VAL C 74 4.00 8.19 2.49
CA VAL C 74 4.96 8.14 1.41
C VAL C 74 5.85 9.38 1.44
N ARG C 75 7.10 9.25 1.04
CA ARG C 75 7.98 10.39 0.98
C ARG C 75 8.35 10.69 -0.47
N ALA C 76 7.85 11.79 -1.00
CA ALA C 76 8.12 12.19 -2.37
C ALA C 76 9.43 12.95 -2.49
N ASP C 77 9.90 13.47 -1.37
CA ASP C 77 11.14 14.24 -1.33
C ASP C 77 12.31 13.43 -1.86
N ARG C 78 12.82 12.54 -1.02
CA ARG C 78 13.99 11.73 -1.35
C ARG C 78 14.47 11.00 -0.09
N MET C 79 14.28 11.65 1.06
CA MET C 79 14.63 11.07 2.36
C MET C 79 14.01 9.70 2.54
N ARG C 80 14.86 8.73 2.84
CA ARG C 80 14.41 7.34 2.99
C ARG C 80 14.16 7.01 4.46
N GLY C 81 14.30 8.00 5.32
CA GLY C 81 14.12 7.78 6.74
C GLY C 81 13.14 8.75 7.35
N GLY C 82 12.15 8.22 8.07
CA GLY C 82 11.17 9.05 8.73
C GLY C 82 10.26 8.25 9.64
N ARG C 83 10.86 7.37 10.44
CA ARG C 83 10.08 6.51 11.34
C ARG C 83 9.87 7.21 12.67
N ASN C 84 8.81 8.01 12.76
CA ASN C 84 8.48 8.73 13.99
C ASN C 84 7.00 9.13 14.02
N LYS C 85 6.54 9.79 12.97
CA LYS C 85 5.15 10.26 12.89
C LYS C 85 4.16 9.12 13.07
N PHE C 86 4.40 8.03 12.37
CA PHE C 86 3.51 6.87 12.43
C PHE C 86 3.97 5.90 13.52
N GLY C 87 4.94 6.33 14.30
CA GLY C 87 5.50 5.49 15.36
C GLY C 87 4.44 4.94 16.32
N PRO C 88 3.59 5.80 16.92
CA PRO C 88 2.54 5.37 17.85
C PRO C 88 1.65 4.27 17.28
N MET C 89 1.19 4.45 16.05
CA MET C 89 0.27 3.48 15.44
C MET C 89 1.01 2.19 15.11
N TYR C 90 2.27 2.31 14.71
CA TYR C 90 3.09 1.13 14.42
C TYR C 90 3.29 0.30 15.68
N LYS C 91 3.78 0.94 16.73
CA LYS C 91 4.07 0.26 17.98
C LYS C 91 2.84 -0.42 18.56
N ARG C 92 1.76 0.34 18.70
CA ARG C 92 0.54 -0.19 19.31
C ARG C 92 -0.03 -1.35 18.51
N ASP C 93 -0.21 -1.15 17.20
CA ASP C 93 -0.85 -2.15 16.35
C ASP C 93 -0.07 -3.46 16.38
N ARG C 94 1.25 -3.38 16.24
CA ARG C 94 2.09 -4.57 16.26
C ARG C 94 1.99 -5.27 17.61
N ALA C 95 1.97 -4.50 18.69
CA ALA C 95 1.90 -5.06 20.04
C ALA C 95 0.59 -5.81 20.25
N LEU C 96 -0.47 -5.31 19.64
CA LEU C 96 -1.76 -5.96 19.69
C LEU C 96 -1.77 -7.23 18.85
N LYS C 97 -1.09 -7.16 17.71
CA LYS C 97 -1.03 -8.28 16.79
C LYS C 97 -0.14 -9.40 17.33
N GLN C 98 0.98 -9.03 17.92
CA GLN C 98 1.93 -10.02 18.45
C GLN C 98 1.40 -10.66 19.72
N GLN C 99 0.19 -10.28 20.12
CA GLN C 99 -0.51 -10.94 21.20
C GLN C 99 -0.75 -12.40 20.83
N LYS C 100 -0.96 -12.63 19.54
CA LYS C 100 -1.18 -13.96 19.02
C LYS C 100 -0.19 -14.27 17.90
N LYS C 101 -0.44 -13.72 16.72
CA LYS C 101 0.42 -13.95 15.56
C LYS C 101 -0.01 -13.04 14.42
N ALA C 102 -1.31 -13.06 14.13
CA ALA C 102 -1.88 -12.26 13.06
C ALA C 102 -3.27 -11.78 13.44
ZN ZN D . 0.57 -5.99 -2.60
ZN ZN E . -9.50 -1.19 -14.19
#